data_2VUP
# 
_entry.id   2VUP 
# 
_audit_conform.dict_name       mmcif_pdbx.dic 
_audit_conform.dict_version    5.382 
_audit_conform.dict_location   http://mmcif.pdb.org/dictionaries/ascii/mmcif_pdbx.dic 
# 
loop_
_database_2.database_id 
_database_2.database_code 
_database_2.pdbx_database_accession 
_database_2.pdbx_DOI 
PDB   2VUP         pdb_00002vup 10.2210/pdb2vup/pdb 
PDBE  EBI-35915    ?            ?                   
WWPDB D_1290035915 ?            ?                   
# 
_pdbx_database_status.status_code                     REL 
_pdbx_database_status.entry_id                        2VUP 
_pdbx_database_status.deposit_site                    PDBE 
_pdbx_database_status.process_site                    PDBE 
_pdbx_database_status.SG_entry                        . 
_pdbx_database_status.recvd_initial_deposition_date   2008-05-28 
_pdbx_database_status.pdb_format_compatible           Y 
_pdbx_database_status.status_code_sf                  REL 
_pdbx_database_status.status_code_mr                  ? 
_pdbx_database_status.status_code_cs                  ? 
_pdbx_database_status.methods_development_category    ? 
_pdbx_database_status.status_code_nmr_data            ? 
# 
loop_
_audit_author.name 
_audit_author.pdbx_ordinal 
'Alphey, M.S.'   1 
'Konig, J.'      2 
'Fairlamb, A.H.' 3 
# 
_citation.id                        primary 
_citation.title                     
'Structural and Mechanistic Insights Into Type II Trypanosomatid Tryparedoxin-Dependent Peroxidases.' 
_citation.journal_abbrev            Biochem.J. 
_citation.journal_volume            414 
_citation.page_first                375 
_citation.page_last                 ? 
_citation.year                      2008 
_citation.journal_id_ASTM           BIJOAK 
_citation.country                   UK 
_citation.journal_id_ISSN           0264-6021 
_citation.journal_id_CSD            0043 
_citation.book_publisher            ? 
_citation.pdbx_database_id_PubMed   18522537 
_citation.pdbx_database_id_DOI      10.1042/BJ20080889 
# 
loop_
_citation_author.citation_id 
_citation_author.name 
_citation_author.ordinal 
_citation_author.identifier_ORCID 
primary 'Alphey, M.S.'   1 ? 
primary 'Konig, J.'      2 ? 
primary 'Fairlamb, A.H.' 3 ? 
# 
_cell.entry_id           2VUP 
_cell.length_a           43.260 
_cell.length_b           32.700 
_cell.length_c           58.310 
_cell.angle_alpha        90.00 
_cell.angle_beta         95.92 
_cell.angle_gamma        90.00 
_cell.Z_PDB              2 
_cell.pdbx_unique_axis   ? 
# 
_symmetry.entry_id                         2VUP 
_symmetry.space_group_name_H-M             'P 1 21 1' 
_symmetry.pdbx_full_space_group_name_H-M   ? 
_symmetry.cell_setting                     ? 
_symmetry.Int_Tables_number                4 
# 
loop_
_entity.id 
_entity.type 
_entity.src_method 
_entity.pdbx_description 
_entity.formula_weight 
_entity.pdbx_number_of_molecules 
_entity.pdbx_ec 
_entity.pdbx_mutation 
_entity.pdbx_fragment 
_entity.details 
1 polymer man 'GLUTATHIONE PEROXIDASE-LIKE PROTEIN' 21139.055 1  1.11.1.9 ? ? ? 
2 water   nat water                                 18.015    96 ?        ? ? ? 
# 
_entity_name_com.entity_id   1 
_entity_name_com.name        'TRYPAREDOXIN-DEPENDANT PEROXIDASE, TRYPANOTHIONE/TRYPAREDOXIN DEPENDENT PEROXIDASE 2' 
# 
_entity_poly.entity_id                      1 
_entity_poly.type                           'polypeptide(L)' 
_entity_poly.nstd_linkage                   no 
_entity_poly.nstd_monomer                   no 
_entity_poly.pdbx_seq_one_letter_code       
;MGSSHHHHHHSSGLVPRGGSHMSAASSIFDFEVLDADHKPYNLVQHKGSPLLIYNVASKCGYTKGGYETATTLYNKYKSQ
GFTVLAFPCNQFGGQEPGNEEEIKEFVCTKFKAEFPIMAKINVNGENAHPLYEYMKKTKPGILKTKAIKWNFTSFLIDRD
GVPVERFSPGASVKDIEKKLIPLLESTQSA
;
_entity_poly.pdbx_seq_one_letter_code_can   
;MGSSHHHHHHSSGLVPRGGSHMSAASSIFDFEVLDADHKPYNLVQHKGSPLLIYNVASKCGYTKGGYETATTLYNKYKSQ
GFTVLAFPCNQFGGQEPGNEEEIKEFVCTKFKAEFPIMAKINVNGENAHPLYEYMKKTKPGILKTKAIKWNFTSFLIDRD
GVPVERFSPGASVKDIEKKLIPLLESTQSA
;
_entity_poly.pdbx_strand_id                 A 
_entity_poly.pdbx_target_identifier         ? 
# 
loop_
_entity_poly_seq.entity_id 
_entity_poly_seq.num 
_entity_poly_seq.mon_id 
_entity_poly_seq.hetero 
1 1   MET n 
1 2   GLY n 
1 3   SER n 
1 4   SER n 
1 5   HIS n 
1 6   HIS n 
1 7   HIS n 
1 8   HIS n 
1 9   HIS n 
1 10  HIS n 
1 11  SER n 
1 12  SER n 
1 13  GLY n 
1 14  LEU n 
1 15  VAL n 
1 16  PRO n 
1 17  ARG n 
1 18  GLY n 
1 19  GLY n 
1 20  SER n 
1 21  HIS n 
1 22  MET n 
1 23  SER n 
1 24  ALA n 
1 25  ALA n 
1 26  SER n 
1 27  SER n 
1 28  ILE n 
1 29  PHE n 
1 30  ASP n 
1 31  PHE n 
1 32  GLU n 
1 33  VAL n 
1 34  LEU n 
1 35  ASP n 
1 36  ALA n 
1 37  ASP n 
1 38  HIS n 
1 39  LYS n 
1 40  PRO n 
1 41  TYR n 
1 42  ASN n 
1 43  LEU n 
1 44  VAL n 
1 45  GLN n 
1 46  HIS n 
1 47  LYS n 
1 48  GLY n 
1 49  SER n 
1 50  PRO n 
1 51  LEU n 
1 52  LEU n 
1 53  ILE n 
1 54  TYR n 
1 55  ASN n 
1 56  VAL n 
1 57  ALA n 
1 58  SER n 
1 59  LYS n 
1 60  CYS n 
1 61  GLY n 
1 62  TYR n 
1 63  THR n 
1 64  LYS n 
1 65  GLY n 
1 66  GLY n 
1 67  TYR n 
1 68  GLU n 
1 69  THR n 
1 70  ALA n 
1 71  THR n 
1 72  THR n 
1 73  LEU n 
1 74  TYR n 
1 75  ASN n 
1 76  LYS n 
1 77  TYR n 
1 78  LYS n 
1 79  SER n 
1 80  GLN n 
1 81  GLY n 
1 82  PHE n 
1 83  THR n 
1 84  VAL n 
1 85  LEU n 
1 86  ALA n 
1 87  PHE n 
1 88  PRO n 
1 89  CYS n 
1 90  ASN n 
1 91  GLN n 
1 92  PHE n 
1 93  GLY n 
1 94  GLY n 
1 95  GLN n 
1 96  GLU n 
1 97  PRO n 
1 98  GLY n 
1 99  ASN n 
1 100 GLU n 
1 101 GLU n 
1 102 GLU n 
1 103 ILE n 
1 104 LYS n 
1 105 GLU n 
1 106 PHE n 
1 107 VAL n 
1 108 CYS n 
1 109 THR n 
1 110 LYS n 
1 111 PHE n 
1 112 LYS n 
1 113 ALA n 
1 114 GLU n 
1 115 PHE n 
1 116 PRO n 
1 117 ILE n 
1 118 MET n 
1 119 ALA n 
1 120 LYS n 
1 121 ILE n 
1 122 ASN n 
1 123 VAL n 
1 124 ASN n 
1 125 GLY n 
1 126 GLU n 
1 127 ASN n 
1 128 ALA n 
1 129 HIS n 
1 130 PRO n 
1 131 LEU n 
1 132 TYR n 
1 133 GLU n 
1 134 TYR n 
1 135 MET n 
1 136 LYS n 
1 137 LYS n 
1 138 THR n 
1 139 LYS n 
1 140 PRO n 
1 141 GLY n 
1 142 ILE n 
1 143 LEU n 
1 144 LYS n 
1 145 THR n 
1 146 LYS n 
1 147 ALA n 
1 148 ILE n 
1 149 LYS n 
1 150 TRP n 
1 151 ASN n 
1 152 PHE n 
1 153 THR n 
1 154 SER n 
1 155 PHE n 
1 156 LEU n 
1 157 ILE n 
1 158 ASP n 
1 159 ARG n 
1 160 ASP n 
1 161 GLY n 
1 162 VAL n 
1 163 PRO n 
1 164 VAL n 
1 165 GLU n 
1 166 ARG n 
1 167 PHE n 
1 168 SER n 
1 169 PRO n 
1 170 GLY n 
1 171 ALA n 
1 172 SER n 
1 173 VAL n 
1 174 LYS n 
1 175 ASP n 
1 176 ILE n 
1 177 GLU n 
1 178 LYS n 
1 179 LYS n 
1 180 LEU n 
1 181 ILE n 
1 182 PRO n 
1 183 LEU n 
1 184 LEU n 
1 185 GLU n 
1 186 SER n 
1 187 THR n 
1 188 GLN n 
1 189 SER n 
1 190 ALA n 
# 
_entity_src_gen.entity_id                          1 
_entity_src_gen.pdbx_src_id                        1 
_entity_src_gen.pdbx_alt_source_flag               sample 
_entity_src_gen.pdbx_seq_type                      ? 
_entity_src_gen.pdbx_beg_seq_num                   ? 
_entity_src_gen.pdbx_end_seq_num                   ? 
_entity_src_gen.gene_src_common_name               ? 
_entity_src_gen.gene_src_genus                     ? 
_entity_src_gen.pdbx_gene_src_gene                 ? 
_entity_src_gen.gene_src_species                   ? 
_entity_src_gen.gene_src_strain                    427 
_entity_src_gen.gene_src_tissue                    ? 
_entity_src_gen.gene_src_tissue_fraction           ? 
_entity_src_gen.gene_src_details                   ? 
_entity_src_gen.pdbx_gene_src_fragment             ? 
_entity_src_gen.pdbx_gene_src_scientific_name      'TRYPANOSOMA BRUCEI' 
_entity_src_gen.pdbx_gene_src_ncbi_taxonomy_id     5691 
_entity_src_gen.pdbx_gene_src_variant              ? 
_entity_src_gen.pdbx_gene_src_cell_line            ? 
_entity_src_gen.pdbx_gene_src_atcc                 ? 
_entity_src_gen.pdbx_gene_src_organ                ? 
_entity_src_gen.pdbx_gene_src_organelle            ? 
_entity_src_gen.pdbx_gene_src_cell                 ? 
_entity_src_gen.pdbx_gene_src_cellular_location    ? 
_entity_src_gen.host_org_common_name               ? 
_entity_src_gen.pdbx_host_org_scientific_name      'ESCHERICHIA COLI' 
_entity_src_gen.pdbx_host_org_ncbi_taxonomy_id     469008 
_entity_src_gen.host_org_genus                     ? 
_entity_src_gen.pdbx_host_org_gene                 ? 
_entity_src_gen.pdbx_host_org_organ                ? 
_entity_src_gen.host_org_species                   ? 
_entity_src_gen.pdbx_host_org_tissue               ? 
_entity_src_gen.pdbx_host_org_tissue_fraction      ? 
_entity_src_gen.pdbx_host_org_strain               'BL21(DE3)' 
_entity_src_gen.pdbx_host_org_variant              ? 
_entity_src_gen.pdbx_host_org_cell_line            ? 
_entity_src_gen.pdbx_host_org_atcc                 ? 
_entity_src_gen.pdbx_host_org_culture_collection   ? 
_entity_src_gen.pdbx_host_org_cell                 ? 
_entity_src_gen.pdbx_host_org_organelle            ? 
_entity_src_gen.pdbx_host_org_cellular_location    ? 
_entity_src_gen.pdbx_host_org_vector_type          ? 
_entity_src_gen.pdbx_host_org_vector               ? 
_entity_src_gen.host_org_details                   ? 
_entity_src_gen.expression_system_id               ? 
_entity_src_gen.plasmid_name                       PET15B 
_entity_src_gen.plasmid_details                    ? 
_entity_src_gen.pdbx_description                   ? 
# 
loop_
_struct_ref.id 
_struct_ref.db_name 
_struct_ref.db_code 
_struct_ref.entity_id 
_struct_ref.pdbx_seq_one_letter_code 
_struct_ref.pdbx_align_begin 
_struct_ref.pdbx_db_accession 
_struct_ref.pdbx_db_isoform 
1 PDB 2VUP         1 ? ? 2VUP   ? 
2 UNP Q869A6_9TRYP 1 ? ? Q869A6 ? 
# 
loop_
_struct_ref_seq.align_id 
_struct_ref_seq.ref_id 
_struct_ref_seq.pdbx_PDB_id_code 
_struct_ref_seq.pdbx_strand_id 
_struct_ref_seq.seq_align_beg 
_struct_ref_seq.pdbx_seq_align_beg_ins_code 
_struct_ref_seq.seq_align_end 
_struct_ref_seq.pdbx_seq_align_end_ins_code 
_struct_ref_seq.pdbx_db_accession 
_struct_ref_seq.db_align_beg 
_struct_ref_seq.pdbx_db_align_beg_ins_code 
_struct_ref_seq.db_align_end 
_struct_ref_seq.pdbx_db_align_end_ins_code 
_struct_ref_seq.pdbx_auth_seq_align_beg 
_struct_ref_seq.pdbx_auth_seq_align_end 
1 1 2VUP A 1  ? 21  ? 2VUP   -20 ? 0   ? -20 0   
2 2 2VUP A 22 ? 190 ? Q869A6 1   ? 169 ? 1   169 
# 
_struct_ref_seq_dif.align_id                     1 
_struct_ref_seq_dif.pdbx_pdb_id_code             2VUP 
_struct_ref_seq_dif.mon_id                       ASN 
_struct_ref_seq_dif.pdbx_pdb_strand_id           A 
_struct_ref_seq_dif.seq_num                      99 
_struct_ref_seq_dif.pdbx_pdb_ins_code            ? 
_struct_ref_seq_dif.pdbx_seq_db_name             UNP 
_struct_ref_seq_dif.pdbx_seq_db_accession_code   Q869A6 
_struct_ref_seq_dif.db_mon_id                    THR 
_struct_ref_seq_dif.pdbx_seq_db_seq_num          78 
_struct_ref_seq_dif.details                      variant 
_struct_ref_seq_dif.pdbx_auth_seq_num            78 
_struct_ref_seq_dif.pdbx_ordinal                 1 
# 
loop_
_chem_comp.id 
_chem_comp.type 
_chem_comp.mon_nstd_flag 
_chem_comp.name 
_chem_comp.pdbx_synonyms 
_chem_comp.formula 
_chem_comp.formula_weight 
ALA 'L-peptide linking' y ALANINE         ? 'C3 H7 N O2'     89.093  
ARG 'L-peptide linking' y ARGININE        ? 'C6 H15 N4 O2 1' 175.209 
ASN 'L-peptide linking' y ASPARAGINE      ? 'C4 H8 N2 O3'    132.118 
ASP 'L-peptide linking' y 'ASPARTIC ACID' ? 'C4 H7 N O4'     133.103 
CYS 'L-peptide linking' y CYSTEINE        ? 'C3 H7 N O2 S'   121.158 
GLN 'L-peptide linking' y GLUTAMINE       ? 'C5 H10 N2 O3'   146.144 
GLU 'L-peptide linking' y 'GLUTAMIC ACID' ? 'C5 H9 N O4'     147.129 
GLY 'peptide linking'   y GLYCINE         ? 'C2 H5 N O2'     75.067  
HIS 'L-peptide linking' y HISTIDINE       ? 'C6 H10 N3 O2 1' 156.162 
HOH non-polymer         . WATER           ? 'H2 O'           18.015  
ILE 'L-peptide linking' y ISOLEUCINE      ? 'C6 H13 N O2'    131.173 
LEU 'L-peptide linking' y LEUCINE         ? 'C6 H13 N O2'    131.173 
LYS 'L-peptide linking' y LYSINE          ? 'C6 H15 N2 O2 1' 147.195 
MET 'L-peptide linking' y METHIONINE      ? 'C5 H11 N O2 S'  149.211 
PHE 'L-peptide linking' y PHENYLALANINE   ? 'C9 H11 N O2'    165.189 
PRO 'L-peptide linking' y PROLINE         ? 'C5 H9 N O2'     115.130 
SER 'L-peptide linking' y SERINE          ? 'C3 H7 N O3'     105.093 
THR 'L-peptide linking' y THREONINE       ? 'C4 H9 N O3'     119.119 
TRP 'L-peptide linking' y TRYPTOPHAN      ? 'C11 H12 N2 O2'  204.225 
TYR 'L-peptide linking' y TYROSINE        ? 'C9 H11 N O3'    181.189 
VAL 'L-peptide linking' y VALINE          ? 'C5 H11 N O2'    117.146 
# 
_exptl.entry_id          2VUP 
_exptl.method            'X-RAY DIFFRACTION' 
_exptl.crystals_number   1 
# 
_exptl_crystal.id                    1 
_exptl_crystal.density_meas          ? 
_exptl_crystal.density_Matthews      2.2 
_exptl_crystal.density_percent_sol   36.58 
_exptl_crystal.description           NONE 
# 
_exptl_crystal_grow.crystal_id      1 
_exptl_crystal_grow.method          ? 
_exptl_crystal_grow.temp            ? 
_exptl_crystal_grow.temp_details    ? 
_exptl_crystal_grow.pH              8.0 
_exptl_crystal_grow.pdbx_pH_range   ? 
_exptl_crystal_grow.pdbx_details    'pH 8.0' 
# 
_diffrn.id                     1 
_diffrn.ambient_temp           100 
_diffrn.ambient_temp_details   ? 
_diffrn.crystal_id             1 
# 
_diffrn_detector.diffrn_id              1 
_diffrn_detector.detector               CCD 
_diffrn_detector.type                   'ADSC CCD' 
_diffrn_detector.pdbx_collection_date   2007-12-17 
_diffrn_detector.details                MIRRORS 
# 
_diffrn_radiation.diffrn_id                        1 
_diffrn_radiation.wavelength_id                    1 
_diffrn_radiation.pdbx_monochromatic_or_laue_m_l   M 
_diffrn_radiation.monochromator                    'SI(111)' 
_diffrn_radiation.pdbx_diffrn_protocol             'SINGLE WAVELENGTH' 
_diffrn_radiation.pdbx_scattering_type             x-ray 
# 
_diffrn_radiation_wavelength.id           1 
_diffrn_radiation_wavelength.wavelength   0.979 
_diffrn_radiation_wavelength.wt           1.0 
# 
_diffrn_source.diffrn_id                   1 
_diffrn_source.source                      SYNCHROTRON 
_diffrn_source.type                        'ESRF BEAMLINE ID14-4' 
_diffrn_source.pdbx_synchrotron_site       ESRF 
_diffrn_source.pdbx_synchrotron_beamline   ID14-4 
_diffrn_source.pdbx_wavelength             0.979 
_diffrn_source.pdbx_wavelength_list        ? 
# 
_reflns.pdbx_diffrn_id               1 
_reflns.pdbx_ordinal                 1 
_reflns.entry_id                     2VUP 
_reflns.observed_criterion_sigma_I   2.0 
_reflns.observed_criterion_sigma_F   ? 
_reflns.d_resolution_low             58.00 
_reflns.d_resolution_high            2.10 
_reflns.number_obs                   9469 
_reflns.number_all                   ? 
_reflns.percent_possible_obs         96.2 
_reflns.pdbx_Rmerge_I_obs            0.06 
_reflns.pdbx_Rsym_value              ? 
_reflns.pdbx_netI_over_sigmaI        25.50 
_reflns.B_iso_Wilson_estimate        ? 
_reflns.pdbx_redundancy              3.9 
# 
_reflns_shell.pdbx_diffrn_id         1 
_reflns_shell.pdbx_ordinal           1 
_reflns_shell.d_res_high             2.09 
_reflns_shell.d_res_low              2.15 
_reflns_shell.percent_possible_all   78.5 
_reflns_shell.Rmerge_I_obs           0.26 
_reflns_shell.pdbx_Rsym_value        ? 
_reflns_shell.meanI_over_sigI_obs    12.20 
_reflns_shell.pdbx_redundancy        2.7 
# 
_refine.pdbx_refine_id                           'X-RAY DIFFRACTION' 
_refine.entry_id                                 2VUP 
_refine.pdbx_diffrn_id                           1 
_refine.pdbx_TLS_residual_ADP_flag               ? 
_refine.ls_number_reflns_obs                     9544 
_refine.ls_number_reflns_all                     ? 
_refine.pdbx_ls_sigma_I                          ? 
_refine.pdbx_ls_sigma_F                          ? 
_refine.pdbx_data_cutoff_high_absF               ? 
_refine.pdbx_data_cutoff_low_absF                ? 
_refine.pdbx_data_cutoff_high_rms_absF           ? 
_refine.ls_d_res_low                             58.03 
_refine.ls_d_res_high                            2.10 
_refine.ls_percent_reflns_obs                    98.1 
_refine.ls_R_factor_obs                          0.208 
_refine.ls_R_factor_all                          ? 
_refine.ls_R_factor_R_work                       0.205 
_refine.ls_R_factor_R_free                       0.263 
_refine.ls_R_factor_R_free_error                 ? 
_refine.ls_R_factor_R_free_error_details         ? 
_refine.ls_percent_reflns_R_free                 4.880 
_refine.ls_number_reflns_R_free                  456 
_refine.ls_number_parameters                     ? 
_refine.ls_number_restraints                     ? 
_refine.occupancy_min                            ? 
_refine.occupancy_max                            ? 
_refine.correlation_coeff_Fo_to_Fc               0.937 
_refine.correlation_coeff_Fo_to_Fc_free          0.898 
_refine.B_iso_mean                               27.52 
_refine.aniso_B[1][1]                            1.46100 
_refine.aniso_B[2][2]                            -1.41200 
_refine.aniso_B[3][3]                            -0.38800 
_refine.aniso_B[1][2]                            0.00000 
_refine.aniso_B[1][3]                            -1.64100 
_refine.aniso_B[2][3]                            0.00000 
_refine.solvent_model_details                    'MASK BULK SOLVENT' 
_refine.solvent_model_param_ksol                 ? 
_refine.solvent_model_param_bsol                 ? 
_refine.pdbx_solvent_vdw_probe_radii             1.20 
_refine.pdbx_solvent_ion_probe_radii             0.80 
_refine.pdbx_solvent_shrinkage_radii             ? 
_refine.pdbx_ls_cross_valid_method               THROUGHOUT 
_refine.details                                  
;HYDROGENS HAVE BEEN ADDED IN THE RIDING POSITIONS. THE N-TERMINAL HIS-TAG AND RESIDUES 1,2,167- 169 WERE DISORDERED AND NOT MODELLED.
;
_refine.pdbx_starting_model                      'PDB ENTRY 2P5Q' 
_refine.pdbx_method_to_determine_struct          'MOLECULAR REPLACEMENT' 
_refine.pdbx_isotropic_thermal_model             ? 
_refine.pdbx_stereochemistry_target_values       'MAXIMUM LIKELIHOOD' 
_refine.pdbx_stereochem_target_val_spec_case     ? 
_refine.pdbx_R_Free_selection_details            RANDOM 
_refine.pdbx_overall_ESU_R                       0.281 
_refine.pdbx_overall_ESU_R_Free                  0.223 
_refine.overall_SU_ML                            0.157 
_refine.pdbx_overall_phase_error                 ? 
_refine.overall_SU_B                             5.835 
_refine.overall_SU_R_Cruickshank_DPI             ? 
_refine.pdbx_overall_SU_R_free_Cruickshank_DPI   ? 
_refine.pdbx_overall_SU_R_Blow_DPI               ? 
_refine.pdbx_overall_SU_R_free_Blow_DPI          ? 
# 
_refine_hist.pdbx_refine_id                   'X-RAY DIFFRACTION' 
_refine_hist.cycle_id                         LAST 
_refine_hist.pdbx_number_atoms_protein        1295 
_refine_hist.pdbx_number_atoms_nucleic_acid   0 
_refine_hist.pdbx_number_atoms_ligand         0 
_refine_hist.number_atoms_solvent             96 
_refine_hist.number_atoms_total               1391 
_refine_hist.d_res_high                       2.10 
_refine_hist.d_res_low                        58.03 
# 
loop_
_refine_ls_restr.type 
_refine_ls_restr.dev_ideal 
_refine_ls_restr.dev_ideal_target 
_refine_ls_restr.weight 
_refine_ls_restr.number 
_refine_ls_restr.pdbx_refine_id 
_refine_ls_restr.pdbx_restraint_function 
r_bond_refined_d             0.008  0.022  ? 1349 'X-RAY DIFFRACTION' ? 
r_bond_other_d               ?      ?      ? ?    'X-RAY DIFFRACTION' ? 
r_angle_refined_deg          1.114  1.971  ? 1826 'X-RAY DIFFRACTION' ? 
r_angle_other_deg            ?      ?      ? ?    'X-RAY DIFFRACTION' ? 
r_dihedral_angle_1_deg       5.949  5.000  ? 169  'X-RAY DIFFRACTION' ? 
r_dihedral_angle_2_deg       36.078 25.500 ? 60   'X-RAY DIFFRACTION' ? 
r_dihedral_angle_3_deg       15.871 15.000 ? 240  'X-RAY DIFFRACTION' ? 
r_dihedral_angle_4_deg       23.452 15.000 ? 2    'X-RAY DIFFRACTION' ? 
r_chiral_restr               0.089  0.200  ? 195  'X-RAY DIFFRACTION' ? 
r_gen_planes_refined         0.003  0.020  ? 1023 'X-RAY DIFFRACTION' ? 
r_gen_planes_other           ?      ?      ? ?    'X-RAY DIFFRACTION' ? 
r_nbd_refined                0.192  0.200  ? 629  'X-RAY DIFFRACTION' ? 
r_nbd_other                  ?      ?      ? ?    'X-RAY DIFFRACTION' ? 
r_nbtor_refined              0.302  0.200  ? 927  'X-RAY DIFFRACTION' ? 
r_nbtor_other                ?      ?      ? ?    'X-RAY DIFFRACTION' ? 
r_xyhbond_nbd_refined        0.152  0.200  ? 100  'X-RAY DIFFRACTION' ? 
r_xyhbond_nbd_other          ?      ?      ? ?    'X-RAY DIFFRACTION' ? 
r_metal_ion_refined          ?      ?      ? ?    'X-RAY DIFFRACTION' ? 
r_metal_ion_other            ?      ?      ? ?    'X-RAY DIFFRACTION' ? 
r_symmetry_vdw_refined       0.194  0.200  ? 13   'X-RAY DIFFRACTION' ? 
r_symmetry_vdw_other         ?      ?      ? ?    'X-RAY DIFFRACTION' ? 
r_symmetry_hbond_refined     0.201  0.200  ? 2    'X-RAY DIFFRACTION' ? 
r_symmetry_hbond_other       ?      ?      ? ?    'X-RAY DIFFRACTION' ? 
r_symmetry_metal_ion_refined ?      ?      ? ?    'X-RAY DIFFRACTION' ? 
r_symmetry_metal_ion_other   ?      ?      ? ?    'X-RAY DIFFRACTION' ? 
r_mcbond_it                  0.591  1.500  ? 854  'X-RAY DIFFRACTION' ? 
r_mcbond_other               ?      ?      ? ?    'X-RAY DIFFRACTION' ? 
r_mcangle_it                 1.033  2.000  ? 1337 'X-RAY DIFFRACTION' ? 
r_mcangle_other              ?      ?      ? ?    'X-RAY DIFFRACTION' ? 
r_scbond_it                  1.085  3.000  ? 567  'X-RAY DIFFRACTION' ? 
r_scbond_other               ?      ?      ? ?    'X-RAY DIFFRACTION' ? 
r_scangle_it                 1.711  4.500  ? 486  'X-RAY DIFFRACTION' ? 
r_scangle_other              ?      ?      ? ?    'X-RAY DIFFRACTION' ? 
r_long_range_B_refined       ?      ?      ? ?    'X-RAY DIFFRACTION' ? 
r_long_range_B_other         ?      ?      ? ?    'X-RAY DIFFRACTION' ? 
r_rigid_bond_restr           ?      ?      ? ?    'X-RAY DIFFRACTION' ? 
r_sphericity_free            ?      ?      ? ?    'X-RAY DIFFRACTION' ? 
r_sphericity_bonded          ?      ?      ? ?    'X-RAY DIFFRACTION' ? 
# 
_refine_ls_shell.pdbx_refine_id                   'X-RAY DIFFRACTION' 
_refine_ls_shell.pdbx_total_number_of_bins_used   20 
_refine_ls_shell.d_res_high                       2.10 
_refine_ls_shell.d_res_low                        2.15 
_refine_ls_shell.number_reflns_R_work             607 
_refine_ls_shell.R_factor_R_work                  0.2320 
_refine_ls_shell.percent_reflns_obs               ? 
_refine_ls_shell.R_factor_R_free                  0.2490 
_refine_ls_shell.R_factor_R_free_error            ? 
_refine_ls_shell.percent_reflns_R_free            ? 
_refine_ls_shell.number_reflns_R_free             39 
_refine_ls_shell.number_reflns_all                ? 
_refine_ls_shell.R_factor_all                     ? 
# 
_struct.entry_id                  2VUP 
_struct.title                     'Crystal structure of a type II tryparedoxin-dependant peroxidase from Trypanosoma brucei' 
_struct.pdbx_model_details        ? 
_struct.pdbx_CASP_flag            ? 
_struct.pdbx_model_type_details   ? 
# 
_struct_keywords.entry_id        2VUP 
_struct_keywords.pdbx_keywords   OXIDOREDUCTASE 
_struct_keywords.text            'OXIDOREDUCTASE, PEROXIDASE, TRYPANOSOMA, TRYPANOTHIONE, DITHIOL-DEPENDANT PEROXIDASE' 
# 
loop_
_struct_asym.id 
_struct_asym.pdbx_blank_PDB_chainid_flag 
_struct_asym.pdbx_modified 
_struct_asym.entity_id 
_struct_asym.details 
A N N 1 ? 
B N N 2 ? 
# 
_struct_biol.id   1 
# 
loop_
_struct_conf.conf_type_id 
_struct_conf.id 
_struct_conf.pdbx_PDB_helix_id 
_struct_conf.beg_label_comp_id 
_struct_conf.beg_label_asym_id 
_struct_conf.beg_label_seq_id 
_struct_conf.pdbx_beg_PDB_ins_code 
_struct_conf.end_label_comp_id 
_struct_conf.end_label_asym_id 
_struct_conf.end_label_seq_id 
_struct_conf.pdbx_end_PDB_ins_code 
_struct_conf.beg_auth_comp_id 
_struct_conf.beg_auth_asym_id 
_struct_conf.beg_auth_seq_id 
_struct_conf.end_auth_comp_id 
_struct_conf.end_auth_asym_id 
_struct_conf.end_auth_seq_id 
_struct_conf.pdbx_PDB_helix_class 
_struct_conf.details 
_struct_conf.pdbx_PDB_helix_length 
HELX_P HELX_P1 1 SER A 27  ? PHE A 31  ? SER A 6   PHE A 10  5 ? 5  
HELX_P HELX_P2 2 LEU A 43  ? LYS A 47  ? LEU A 22  LYS A 26  5 ? 5  
HELX_P HELX_P3 3 TYR A 62  ? TYR A 77  ? TYR A 41  TYR A 56  1 ? 16 
HELX_P HELX_P4 5 GLU A 100 ? LYS A 110 ? GLU A 79  LYS A 89  1 ? 11 
HELX_P HELX_P5 6 LEU A 131 ? LYS A 139 ? LEU A 110 LYS A 118 1 ? 9  
HELX_P HELX_P6 8 ASP A 175 ? GLU A 185 ? ASP A 154 GLU A 164 1 ? 11 
# 
_struct_conf_type.id          HELX_P 
_struct_conf_type.criteria    ? 
_struct_conf_type.reference   ? 
# 
_struct_sheet.id               AA 
_struct_sheet.type             ? 
_struct_sheet.number_strands   7 
_struct_sheet.details          ? 
# 
loop_
_struct_sheet_order.sheet_id 
_struct_sheet_order.range_id_1 
_struct_sheet_order.range_id_2 
_struct_sheet_order.offset 
_struct_sheet_order.sense 
AA 1 2 ? anti-parallel 
AA 2 3 ? parallel      
AA 3 4 ? parallel      
AA 4 5 ? parallel      
AA 5 6 ? anti-parallel 
AA 6 7 ? anti-parallel 
# 
loop_
_struct_sheet_range.sheet_id 
_struct_sheet_range.id 
_struct_sheet_range.beg_label_comp_id 
_struct_sheet_range.beg_label_asym_id 
_struct_sheet_range.beg_label_seq_id 
_struct_sheet_range.pdbx_beg_PDB_ins_code 
_struct_sheet_range.end_label_comp_id 
_struct_sheet_range.end_label_asym_id 
_struct_sheet_range.end_label_seq_id 
_struct_sheet_range.pdbx_end_PDB_ins_code 
_struct_sheet_range.beg_auth_comp_id 
_struct_sheet_range.beg_auth_asym_id 
_struct_sheet_range.beg_auth_seq_id 
_struct_sheet_range.end_auth_comp_id 
_struct_sheet_range.end_auth_asym_id 
_struct_sheet_range.end_auth_seq_id 
AA 1 HIS A 38  ? ASN A 42  ? HIS A 17  ASN A 21  
AA 2 GLU A 32  ? ALA A 36  ? GLU A 11  ALA A 15  
AA 3 PHE A 115 ? ALA A 119 ? PHE A 94  ALA A 98  
AA 4 PHE A 82  ? CYS A 89  ? PHE A 61  CYS A 68  
AA 5 PRO A 50  ? ALA A 57  ? PRO A 29  ALA A 36  
AA 6 PHE A 152 ? ILE A 157 ? PHE A 131 ILE A 136 
AA 7 VAL A 164 ? SER A 168 ? VAL A 143 SER A 147 
# 
loop_
_pdbx_struct_sheet_hbond.sheet_id 
_pdbx_struct_sheet_hbond.range_id_1 
_pdbx_struct_sheet_hbond.range_id_2 
_pdbx_struct_sheet_hbond.range_1_label_atom_id 
_pdbx_struct_sheet_hbond.range_1_label_comp_id 
_pdbx_struct_sheet_hbond.range_1_label_asym_id 
_pdbx_struct_sheet_hbond.range_1_label_seq_id 
_pdbx_struct_sheet_hbond.range_1_PDB_ins_code 
_pdbx_struct_sheet_hbond.range_1_auth_atom_id 
_pdbx_struct_sheet_hbond.range_1_auth_comp_id 
_pdbx_struct_sheet_hbond.range_1_auth_asym_id 
_pdbx_struct_sheet_hbond.range_1_auth_seq_id 
_pdbx_struct_sheet_hbond.range_2_label_atom_id 
_pdbx_struct_sheet_hbond.range_2_label_comp_id 
_pdbx_struct_sheet_hbond.range_2_label_asym_id 
_pdbx_struct_sheet_hbond.range_2_label_seq_id 
_pdbx_struct_sheet_hbond.range_2_PDB_ins_code 
_pdbx_struct_sheet_hbond.range_2_auth_atom_id 
_pdbx_struct_sheet_hbond.range_2_auth_comp_id 
_pdbx_struct_sheet_hbond.range_2_auth_asym_id 
_pdbx_struct_sheet_hbond.range_2_auth_seq_id 
AA 1 2 N TYR A 41  ? N TYR A 20  O VAL A 33  ? O VAL A 12  
AA 2 3 O LEU A 34  ? O LEU A 13  N ALA A 119 ? N ALA A 98  
AA 3 4 N MET A 118 ? N MET A 97  O ALA A 86  ? O ALA A 65  
AA 4 5 N PHE A 87  ? N PHE A 66  O TYR A 54  ? O TYR A 33  
AA 5 6 O ILE A 53  ? O ILE A 32  N PHE A 155 ? N PHE A 134 
AA 6 7 O SER A 154 ? O SER A 133 N PHE A 167 ? N PHE A 146 
# 
_atom_sites.entry_id                    2VUP 
_atom_sites.fract_transf_matrix[1][1]   0.01217449 
_atom_sites.fract_transf_matrix[1][2]   -0.00087547 
_atom_sites.fract_transf_matrix[1][3]   0.01977651 
_atom_sites.fract_transf_matrix[2][1]   0.02001971 
_atom_sites.fract_transf_matrix[2][2]   -0.01900214 
_atom_sites.fract_transf_matrix[2][3]   -0.01316539 
_atom_sites.fract_transf_matrix[3][1]   0.01027815 
_atom_sites.fract_transf_matrix[3][2]   0.01335481 
_atom_sites.fract_transf_matrix[3][3]   -0.00364626 
_atom_sites.fract_transf_vector[1]      0.312036 
_atom_sites.fract_transf_vector[2]      -0.013239 
_atom_sites.fract_transf_vector[3]      0.263897 
# 
loop_
_atom_type.symbol 
C 
N 
O 
S 
# 
loop_
_atom_site.group_PDB 
_atom_site.id 
_atom_site.type_symbol 
_atom_site.label_atom_id 
_atom_site.label_alt_id 
_atom_site.label_comp_id 
_atom_site.label_asym_id 
_atom_site.label_entity_id 
_atom_site.label_seq_id 
_atom_site.pdbx_PDB_ins_code 
_atom_site.Cartn_x 
_atom_site.Cartn_y 
_atom_site.Cartn_z 
_atom_site.occupancy 
_atom_site.B_iso_or_equiv 
_atom_site.pdbx_formal_charge 
_atom_site.auth_seq_id 
_atom_site.auth_comp_id 
_atom_site.auth_asym_id 
_atom_site.auth_atom_id 
_atom_site.pdbx_PDB_model_num 
ATOM   1    N N   . ALA A 1 24  ? -2.043  -6.595  20.461  1.00 39.15 ? 3    ALA A N   1 
ATOM   2    C CA  . ALA A 1 24  ? -2.156  -5.212  21.020  1.00 38.87 ? 3    ALA A CA  1 
ATOM   3    C C   . ALA A 1 24  ? -2.986  -4.345  20.082  1.00 38.57 ? 3    ALA A C   1 
ATOM   4    O O   . ALA A 1 24  ? -4.140  -4.032  20.381  1.00 38.50 ? 3    ALA A O   1 
ATOM   5    C CB  . ALA A 1 24  ? -0.773  -4.607  21.251  1.00 39.12 ? 3    ALA A CB  1 
ATOM   6    N N   . ALA A 1 25  ? -2.398  -3.958  18.949  1.00 38.15 ? 4    ALA A N   1 
ATOM   7    C CA  . ALA A 1 25  ? -3.167  -3.371  17.861  1.00 37.37 ? 4    ALA A CA  1 
ATOM   8    C C   . ALA A 1 25  ? -3.886  -4.522  17.171  1.00 36.94 ? 4    ALA A C   1 
ATOM   9    O O   . ALA A 1 25  ? -3.303  -5.590  16.969  1.00 36.95 ? 4    ALA A O   1 
ATOM   10   C CB  . ALA A 1 25  ? -2.259  -2.639  16.890  1.00 37.41 ? 4    ALA A CB  1 
ATOM   11   N N   . SER A 1 26  ? -5.150  -4.319  16.825  1.00 36.32 ? 5    SER A N   1 
ATOM   12   C CA  . SER A 1 26  ? -5.959  -5.413  16.297  1.00 35.62 ? 5    SER A CA  1 
ATOM   13   C C   . SER A 1 26  ? -6.290  -5.254  14.813  1.00 34.82 ? 5    SER A C   1 
ATOM   14   O O   . SER A 1 26  ? -6.756  -6.197  14.174  1.00 35.01 ? 5    SER A O   1 
ATOM   15   C CB  . SER A 1 26  ? -7.236  -5.583  17.129  1.00 35.66 ? 5    SER A CB  1 
ATOM   16   O OG  . SER A 1 26  ? -8.054  -4.426  17.057  1.00 36.28 ? 5    SER A OG  1 
ATOM   17   N N   . SER A 1 27  ? -6.054  -4.058  14.277  1.00 33.88 ? 6    SER A N   1 
ATOM   18   C CA  . SER A 1 27  ? -6.266  -3.779  12.859  1.00 32.65 ? 6    SER A CA  1 
ATOM   19   C C   . SER A 1 27  ? -5.480  -2.552  12.398  1.00 32.12 ? 6    SER A C   1 
ATOM   20   O O   . SER A 1 27  ? -4.819  -1.882  13.199  1.00 31.80 ? 6    SER A O   1 
ATOM   21   C CB  . SER A 1 27  ? -7.757  -3.588  12.549  1.00 32.66 ? 6    SER A CB  1 
ATOM   22   O OG  . SER A 1 27  ? -8.249  -2.374  13.086  1.00 32.17 ? 6    SER A OG  1 
ATOM   23   N N   . ILE A 1 28  ? -5.563  -2.271  11.100  1.00 31.17 ? 7    ILE A N   1 
ATOM   24   C CA  . ILE A 1 28  ? -4.938  -1.083  10.527  1.00 30.67 ? 7    ILE A CA  1 
ATOM   25   C C   . ILE A 1 28  ? -5.674  0.198   10.944  1.00 30.32 ? 7    ILE A C   1 
ATOM   26   O O   . ILE A 1 28  ? -5.111  1.293   10.895  1.00 29.96 ? 7    ILE A O   1 
ATOM   27   C CB  . ILE A 1 28  ? -4.798  -1.180  8.974   1.00 30.61 ? 7    ILE A CB  1 
ATOM   28   C CG1 . ILE A 1 28  ? -6.168  -1.184  8.279   1.00 29.94 ? 7    ILE A CG1 1 
ATOM   29   C CG2 . ILE A 1 28  ? -3.942  -2.411  8.582   1.00 30.27 ? 7    ILE A CG2 1 
ATOM   30   C CD1 . ILE A 1 28  ? -6.133  -0.714  6.838   1.00 28.77 ? 7    ILE A CD1 1 
ATOM   31   N N   . PHE A 1 29  ? -6.921  0.040   11.387  1.00 29.79 ? 8    PHE A N   1 
ATOM   32   C CA  . PHE A 1 29  ? -7.767  1.172   11.764  1.00 29.25 ? 8    PHE A CA  1 
ATOM   33   C C   . PHE A 1 29  ? -7.442  1.754   13.139  1.00 28.68 ? 8    PHE A C   1 
ATOM   34   O O   . PHE A 1 29  ? -8.016  2.760   13.542  1.00 28.56 ? 8    PHE A O   1 
ATOM   35   C CB  . PHE A 1 29  ? -9.246  0.794   11.635  1.00 29.56 ? 8    PHE A CB  1 
ATOM   36   C CG  . PHE A 1 29  ? -9.581  0.169   10.311  1.00 29.62 ? 8    PHE A CG  1 
ATOM   37   C CD1 . PHE A 1 29  ? -9.512  0.922   9.137   1.00 29.80 ? 8    PHE A CD1 1 
ATOM   38   C CD2 . PHE A 1 29  ? -9.916  -1.178  10.227  1.00 29.86 ? 8    PHE A CD2 1 
ATOM   39   C CE1 . PHE A 1 29  ? -9.799  0.346   7.901   1.00 29.41 ? 8    PHE A CE1 1 
ATOM   40   C CE2 . PHE A 1 29  ? -10.210 -1.761  8.999   1.00 28.84 ? 8    PHE A CE2 1 
ATOM   41   C CZ  . PHE A 1 29  ? -10.143 -1.001  7.834   1.00 29.55 ? 8    PHE A CZ  1 
ATOM   42   N N   . ASP A 1 30  ? -6.502  1.130   13.838  1.00 28.14 ? 9    ASP A N   1 
ATOM   43   C CA  . ASP A 1 30  ? -5.971  1.686   15.076  1.00 27.91 ? 9    ASP A CA  1 
ATOM   44   C C   . ASP A 1 30  ? -4.841  2.697   14.814  1.00 27.18 ? 9    ASP A C   1 
ATOM   45   O O   . ASP A 1 30  ? -4.211  3.190   15.747  1.00 27.32 ? 9    ASP A O   1 
ATOM   46   C CB  . ASP A 1 30  ? -5.498  0.558   16.000  1.00 28.34 ? 9    ASP A CB  1 
ATOM   47   C CG  . ASP A 1 30  ? -6.648  -0.326  16.491  1.00 29.33 ? 9    ASP A CG  1 
ATOM   48   O OD1 . ASP A 1 30  ? -7.829  -0.019  16.208  1.00 30.54 ? 9    ASP A OD1 1 
ATOM   49   O OD2 . ASP A 1 30  ? -6.362  -1.339  17.156  1.00 30.06 ? 9    ASP A OD2 1 
ATOM   50   N N   . PHE A 1 31  ? -4.602  3.010   13.543  1.00 26.10 ? 10   PHE A N   1 
ATOM   51   C CA  . PHE A 1 31  ? -3.507  3.905   13.156  1.00 25.11 ? 10   PHE A CA  1 
ATOM   52   C C   . PHE A 1 31  ? -3.975  5.137   12.388  1.00 24.77 ? 10   PHE A C   1 
ATOM   53   O O   . PHE A 1 31  ? -4.989  5.101   11.691  1.00 24.36 ? 10   PHE A O   1 
ATOM   54   C CB  . PHE A 1 31  ? -2.430  3.139   12.376  1.00 24.50 ? 10   PHE A CB  1 
ATOM   55   C CG  . PHE A 1 31  ? -1.836  2.006   13.151  1.00 23.49 ? 10   PHE A CG  1 
ATOM   56   C CD1 . PHE A 1 31  ? -0.816  2.239   14.069  1.00 22.23 ? 10   PHE A CD1 1 
ATOM   57   C CD2 . PHE A 1 31  ? -2.323  0.710   12.999  1.00 22.52 ? 10   PHE A CD2 1 
ATOM   58   C CE1 . PHE A 1 31  ? -0.277  1.198   14.815  1.00 21.45 ? 10   PHE A CE1 1 
ATOM   59   C CE2 . PHE A 1 31  ? -1.787  -0.342  13.738  1.00 22.53 ? 10   PHE A CE2 1 
ATOM   60   C CZ  . PHE A 1 31  ? -0.757  -0.092  14.651  1.00 22.83 ? 10   PHE A CZ  1 
ATOM   61   N N   . GLU A 1 32  ? -3.228  6.229   12.550  1.00 24.60 ? 11   GLU A N   1 
ATOM   62   C CA  . GLU A 1 32  ? -3.542  7.506   11.915  1.00 24.84 ? 11   GLU A CA  1 
ATOM   63   C C   . GLU A 1 32  ? -2.541  7.768   10.806  1.00 23.97 ? 11   GLU A C   1 
ATOM   64   O O   . GLU A 1 32  ? -1.333  7.664   11.020  1.00 24.04 ? 11   GLU A O   1 
ATOM   65   C CB  . GLU A 1 32  ? -3.437  8.653   12.916  1.00 25.36 ? 11   GLU A CB  1 
ATOM   66   C CG  . GLU A 1 32  ? -4.271  8.510   14.176  1.00 27.93 ? 11   GLU A CG  1 
ATOM   67   C CD  . GLU A 1 32  ? -3.801  9.472   15.242  1.00 30.53 ? 11   GLU A CD  1 
ATOM   68   O OE1 . GLU A 1 32  ? -4.289  10.617  15.245  1.00 32.00 ? 11   GLU A OE1 1 
ATOM   69   O OE2 . GLU A 1 32  ? -2.910  9.103   16.042  1.00 32.88 ? 11   GLU A OE2 1 
ATOM   70   N N   . VAL A 1 33  ? -3.042  8.115   9.627   1.00 22.84 ? 12   VAL A N   1 
ATOM   71   C CA  . VAL A 1 33  ? -2.165  8.439   8.506   1.00 22.22 ? 12   VAL A CA  1 
ATOM   72   C C   . VAL A 1 33  ? -2.547  9.762   7.860   1.00 21.52 ? 12   VAL A C   1 
ATOM   73   O O   . VAL A 1 33  ? -3.713  10.158  7.867   1.00 21.40 ? 12   VAL A O   1 
ATOM   74   C CB  . VAL A 1 33  ? -2.115  7.308   7.429   1.00 22.27 ? 12   VAL A CB  1 
ATOM   75   C CG1 . VAL A 1 33  ? -1.469  6.040   8.003   1.00 22.25 ? 12   VAL A CG1 1 
ATOM   76   C CG2 . VAL A 1 33  ? -3.501  7.012   6.878   1.00 22.56 ? 12   VAL A CG2 1 
ATOM   77   N N   . LEU A 1 34  ? -1.545  10.437  7.315   1.00 21.11 ? 13   LEU A N   1 
ATOM   78   C CA  . LEU A 1 34  ? -1.738  11.663  6.564   1.00 20.68 ? 13   LEU A CA  1 
ATOM   79   C C   . LEU A 1 34  ? -1.810  11.355  5.079   1.00 20.34 ? 13   LEU A C   1 
ATOM   80   O O   . LEU A 1 34  ? -1.037  10.543  4.570   1.00 20.04 ? 13   LEU A O   1 
ATOM   81   C CB  . LEU A 1 34  ? -0.573  12.623  6.805   1.00 20.63 ? 13   LEU A CB  1 
ATOM   82   C CG  . LEU A 1 34  ? -0.366  13.272  8.169   1.00 21.46 ? 13   LEU A CG  1 
ATOM   83   C CD1 . LEU A 1 34  ? 0.922   14.101  8.134   1.00 22.43 ? 13   LEU A CD1 1 
ATOM   84   C CD2 . LEU A 1 34  ? -1.563  14.142  8.575   1.00 21.20 ? 13   LEU A CD2 1 
ATOM   85   N N   . ASP A 1 35  ? -2.739  12.011  4.387   1.00 19.72 ? 14   ASP A N   1 
ATOM   86   C CA  . ASP A 1 35  ? -2.792  11.936  2.937   1.00 19.29 ? 14   ASP A CA  1 
ATOM   87   C C   . ASP A 1 35  ? -1.741  12.858  2.323   1.00 19.11 ? 14   ASP A C   1 
ATOM   88   O O   . ASP A 1 35  ? -1.055  13.597  3.040   1.00 17.90 ? 14   ASP A O   1 
ATOM   89   C CB  . ASP A 1 35  ? -4.205  12.226  2.410   1.00 19.51 ? 14   ASP A CB  1 
ATOM   90   C CG  . ASP A 1 35  ? -4.639  13.669  2.609   1.00 19.69 ? 14   ASP A CG  1 
ATOM   91   O OD1 . ASP A 1 35  ? -3.804  14.529  2.970   1.00 18.52 ? 14   ASP A OD1 1 
ATOM   92   O OD2 . ASP A 1 35  ? -5.838  13.947  2.383   1.00 20.42 ? 14   ASP A OD2 1 
ATOM   93   N N   . ALA A 1 36  ? -1.614  12.807  1.000   1.00 19.38 ? 15   ALA A N   1 
ATOM   94   C CA  . ALA A 1 36  ? -0.598  13.580  0.284   1.00 20.19 ? 15   ALA A CA  1 
ATOM   95   C C   . ALA A 1 36  ? -0.763  15.093  0.455   1.00 20.65 ? 15   ALA A C   1 
ATOM   96   O O   . ALA A 1 36  ? 0.168   15.855  0.203   1.00 20.88 ? 15   ALA A O   1 
ATOM   97   C CB  . ALA A 1 36  ? -0.580  13.195  -1.197  1.00 20.28 ? 15   ALA A CB  1 
ATOM   98   N N   . ASP A 1 37  ? -1.946  15.518  0.896   1.00 21.20 ? 16   ASP A N   1 
ATOM   99   C CA  . ASP A 1 37  ? -2.228  16.920  1.208   1.00 21.68 ? 16   ASP A CA  1 
ATOM   100  C C   . ASP A 1 37  ? -1.932  17.289  2.661   1.00 21.43 ? 16   ASP A C   1 
ATOM   101  O O   . ASP A 1 37  ? -2.221  18.409  3.090   1.00 21.64 ? 16   ASP A O   1 
ATOM   102  C CB  . ASP A 1 37  ? -3.690  17.252  0.881   1.00 22.28 ? 16   ASP A CB  1 
ATOM   103  C CG  . ASP A 1 37  ? -3.931  17.408  -0.606  1.00 23.83 ? 16   ASP A CG  1 
ATOM   104  O OD1 . ASP A 1 37  ? -3.088  18.028  -1.290  1.00 27.10 ? 16   ASP A OD1 1 
ATOM   105  O OD2 . ASP A 1 37  ? -4.960  16.906  -1.094  1.00 26.90 ? 16   ASP A OD2 1 
ATOM   106  N N   . HIS A 1 38  ? -1.351  16.348  3.402   1.00 21.09 ? 17   HIS A N   1 
ATOM   107  C CA  . HIS A 1 38  ? -0.952  16.535  4.812   1.00 20.86 ? 17   HIS A CA  1 
ATOM   108  C C   . HIS A 1 38  ? -2.111  16.839  5.774   1.00 21.14 ? 17   HIS A C   1 
ATOM   109  O O   . HIS A 1 38  ? -1.919  17.454  6.819   1.00 21.12 ? 17   HIS A O   1 
ATOM   110  C CB  . HIS A 1 38  ? 0.201   17.548  4.948   1.00 20.68 ? 17   HIS A CB  1 
ATOM   111  C CG  . HIS A 1 38  ? 1.419   17.165  4.169   1.00 19.31 ? 17   HIS A CG  1 
ATOM   112  N ND1 . HIS A 1 38  ? 1.848   17.864  3.062   1.00 18.45 ? 17   HIS A ND1 1 
ATOM   113  C CD2 . HIS A 1 38  ? 2.267   16.119  4.305   1.00 18.76 ? 17   HIS A CD2 1 
ATOM   114  C CE1 . HIS A 1 38  ? 2.920   17.281  2.561   1.00 16.81 ? 17   HIS A CE1 1 
ATOM   115  N NE2 . HIS A 1 38  ? 3.193   16.217  3.294   1.00 18.56 ? 17   HIS A NE2 1 
ATOM   116  N N   . LYS A 1 39  ? -3.312  16.411  5.402   1.00 21.23 ? 18   LYS A N   1 
ATOM   117  C CA  . LYS A 1 39  ? -4.427  16.334  6.347   1.00 21.69 ? 18   LYS A CA  1 
ATOM   118  C C   . LYS A 1 39  ? -4.666  14.872  6.734   1.00 21.80 ? 18   LYS A C   1 
ATOM   119  O O   . LYS A 1 39  ? -4.315  13.965  5.968   1.00 21.51 ? 18   LYS A O   1 
ATOM   120  C CB  . LYS A 1 39  ? -5.704  16.973  5.776   1.00 21.55 ? 18   LYS A CB  1 
ATOM   121  C CG  . LYS A 1 39  ? -6.090  16.511  4.382   1.00 22.40 ? 18   LYS A CG  1 
ATOM   122  C CD  . LYS A 1 39  ? -7.414  17.118  3.925   1.00 21.70 ? 18   LYS A CD  1 
ATOM   123  C CE  . LYS A 1 39  ? -7.539  17.077  2.410   1.00 23.61 ? 18   LYS A CE  1 
ATOM   124  N NZ  . LYS A 1 39  ? -7.680  15.717  1.835   1.00 23.00 ? 18   LYS A NZ  1 
ATOM   125  N N   . PRO A 1 40  ? -5.244  14.637  7.931   1.00 22.23 ? 19   PRO A N   1 
ATOM   126  C CA  . PRO A 1 40  ? -5.591  13.283  8.365   1.00 22.62 ? 19   PRO A CA  1 
ATOM   127  C C   . PRO A 1 40  ? -6.511  12.606  7.360   1.00 23.02 ? 19   PRO A C   1 
ATOM   128  O O   . PRO A 1 40  ? -7.479  13.219  6.890   1.00 23.25 ? 19   PRO A O   1 
ATOM   129  C CB  . PRO A 1 40  ? -6.310  13.518  9.694   1.00 22.68 ? 19   PRO A CB  1 
ATOM   130  C CG  . PRO A 1 40  ? -5.728  14.808  10.202  1.00 22.40 ? 19   PRO A CG  1 
ATOM   131  C CD  . PRO A 1 40  ? -5.576  15.638  8.962   1.00 22.21 ? 19   PRO A CD  1 
ATOM   132  N N   . TYR A 1 41  ? -6.180  11.372  6.998   1.00 23.39 ? 20   TYR A N   1 
ATOM   133  C CA  . TYR A 1 41  ? -6.935  10.644  5.984   1.00 23.70 ? 20   TYR A CA  1 
ATOM   134  C C   . TYR A 1 41  ? -8.022  9.786   6.643   1.00 24.40 ? 20   TYR A C   1 
ATOM   135  O O   . TYR A 1 41  ? -7.779  9.153   7.669   1.00 24.66 ? 20   TYR A O   1 
ATOM   136  C CB  . TYR A 1 41  ? -5.994  9.791   5.116   1.00 23.50 ? 20   TYR A CB  1 
ATOM   137  C CG  . TYR A 1 41  ? -6.730  8.953   4.096   1.00 22.74 ? 20   TYR A CG  1 
ATOM   138  C CD1 . TYR A 1 41  ? -7.196  9.518   2.911   1.00 22.23 ? 20   TYR A CD1 1 
ATOM   139  C CD2 . TYR A 1 41  ? -6.985  7.609   4.330   1.00 22.24 ? 20   TYR A CD2 1 
ATOM   140  C CE1 . TYR A 1 41  ? -7.888  8.763   1.982   1.00 21.95 ? 20   TYR A CE1 1 
ATOM   141  C CE2 . TYR A 1 41  ? -7.677  6.841   3.407   1.00 23.28 ? 20   TYR A CE2 1 
ATOM   142  C CZ  . TYR A 1 41  ? -8.127  7.429   2.238   1.00 22.42 ? 20   TYR A CZ  1 
ATOM   143  O OH  . TYR A 1 41  ? -8.811  6.681   1.325   1.00 23.07 ? 20   TYR A OH  1 
ATOM   144  N N   . ASN A 1 42  ? -9.217  9.779   6.053   1.00 25.49 ? 21   ASN A N   1 
ATOM   145  C CA  . ASN A 1 42  ? -10.338 8.997   6.572   1.00 26.61 ? 21   ASN A CA  1 
ATOM   146  C C   . ASN A 1 42  ? -10.123 7.525   6.238   1.00 27.05 ? 21   ASN A C   1 
ATOM   147  O O   . ASN A 1 42  ? -10.646 7.016   5.247   1.00 27.23 ? 21   ASN A O   1 
ATOM   148  C CB  . ASN A 1 42  ? -11.675 9.528   6.015   1.00 27.05 ? 21   ASN A CB  1 
ATOM   149  C CG  . ASN A 1 42  ? -12.903 8.822   6.609   1.00 27.81 ? 21   ASN A CG  1 
ATOM   150  O OD1 . ASN A 1 42  ? -12.839 8.212   7.677   1.00 29.07 ? 21   ASN A OD1 1 
ATOM   151  N ND2 . ASN A 1 42  ? -14.029 8.908   5.903   1.00 28.83 ? 21   ASN A ND2 1 
ATOM   152  N N   . LEU A 1 43  ? -9.327  6.864   7.073   1.00 27.42 ? 22   LEU A N   1 
ATOM   153  C CA  . LEU A 1 43  ? -8.916  5.480   6.859   1.00 28.06 ? 22   LEU A CA  1 
ATOM   154  C C   . LEU A 1 43  ? -10.022 4.458   7.147   1.00 28.51 ? 22   LEU A C   1 
ATOM   155  O O   . LEU A 1 43  ? -10.085 3.414   6.496   1.00 28.41 ? 22   LEU A O   1 
ATOM   156  C CB  . LEU A 1 43  ? -7.663  5.171   7.697   1.00 27.74 ? 22   LEU A CB  1 
ATOM   157  C CG  . LEU A 1 43  ? -6.919  3.840   7.516   1.00 28.18 ? 22   LEU A CG  1 
ATOM   158  C CD1 . LEU A 1 43  ? -6.349  3.710   6.111   1.00 28.08 ? 22   LEU A CD1 1 
ATOM   159  C CD2 . LEU A 1 43  ? -5.807  3.679   8.554   1.00 28.07 ? 22   LEU A CD2 1 
ATOM   160  N N   . VAL A 1 44  ? -10.885 4.767   8.115   1.00 29.21 ? 23   VAL A N   1 
ATOM   161  C CA  . VAL A 1 44  ? -11.873 3.806   8.625   1.00 29.92 ? 23   VAL A CA  1 
ATOM   162  C C   . VAL A 1 44  ? -13.071 3.641   7.681   1.00 30.09 ? 23   VAL A C   1 
ATOM   163  O O   . VAL A 1 44  ? -13.950 2.812   7.919   1.00 30.33 ? 23   VAL A O   1 
ATOM   164  C CB  . VAL A 1 44  ? -12.331 4.147   10.079  1.00 30.13 ? 23   VAL A CB  1 
ATOM   165  C CG1 . VAL A 1 44  ? -12.905 2.918   10.780  1.00 30.37 ? 23   VAL A CG1 1 
ATOM   166  C CG2 . VAL A 1 44  ? -11.167 4.683   10.889  1.00 30.84 ? 23   VAL A CG2 1 
ATOM   167  N N   . GLN A 1 45  ? -13.088 4.422   6.604   1.00 30.59 ? 24   GLN A N   1 
ATOM   168  C CA  . GLN A 1 45  ? -14.100 4.305   5.562   1.00 30.91 ? 24   GLN A CA  1 
ATOM   169  C C   . GLN A 1 45  ? -13.934 3.019   4.749   1.00 31.27 ? 24   GLN A C   1 
ATOM   170  O O   . GLN A 1 45  ? -14.860 2.588   4.060   1.00 31.19 ? 24   GLN A O   1 
ATOM   171  C CB  . GLN A 1 45  ? -14.024 5.506   4.620   1.00 31.08 ? 24   GLN A CB  1 
ATOM   172  C CG  . GLN A 1 45  ? -12.766 5.542   3.766   1.00 31.44 ? 24   GLN A CG  1 
ATOM   173  C CD  . GLN A 1 45  ? -12.735 6.706   2.808   1.00 32.85 ? 24   GLN A CD  1 
ATOM   174  O OE1 . GLN A 1 45  ? -13.549 6.791   1.884   1.00 34.76 ? 24   GLN A OE1 1 
ATOM   175  N NE2 . GLN A 1 45  ? -11.786 7.607   3.009   1.00 32.43 ? 24   GLN A NE2 1 
ATOM   176  N N   . HIS A 1 46  ? -12.739 2.434   4.816   1.00 31.55 ? 25   HIS A N   1 
ATOM   177  C CA  . HIS A 1 46  ? -12.415 1.218   4.071   1.00 31.92 ? 25   HIS A CA  1 
ATOM   178  C C   . HIS A 1 46  ? -12.643 -0.042  4.914   1.00 32.14 ? 25   HIS A C   1 
ATOM   179  O O   . HIS A 1 46  ? -12.498 -1.160  4.415   1.00 32.22 ? 25   HIS A O   1 
ATOM   180  C CB  . HIS A 1 46  ? -10.970 1.277   3.550   1.00 31.59 ? 25   HIS A CB  1 
ATOM   181  C CG  . HIS A 1 46  ? -10.666 2.502   2.740   1.00 31.00 ? 25   HIS A CG  1 
ATOM   182  N ND1 . HIS A 1 46  ? -11.346 2.821   1.584   1.00 29.75 ? 25   HIS A ND1 1 
ATOM   183  C CD2 . HIS A 1 46  ? -9.752  3.487   2.921   1.00 30.10 ? 25   HIS A CD2 1 
ATOM   184  C CE1 . HIS A 1 46  ? -10.865 3.947   1.088   1.00 30.32 ? 25   HIS A CE1 1 
ATOM   185  N NE2 . HIS A 1 46  ? -9.895  4.370   1.879   1.00 29.90 ? 25   HIS A NE2 1 
ATOM   186  N N   . LYS A 1 47  ? -12.995 0.150   6.186   1.00 32.46 ? 26   LYS A N   1 
ATOM   187  C CA  . LYS A 1 47  ? -13.338 -0.948  7.088   1.00 32.92 ? 26   LYS A CA  1 
ATOM   188  C C   . LYS A 1 47  ? -14.576 -1.693  6.600   1.00 32.90 ? 26   LYS A C   1 
ATOM   189  O O   . LYS A 1 47  ? -15.569 -1.075  6.207   1.00 33.03 ? 26   LYS A O   1 
ATOM   190  C CB  . LYS A 1 47  ? -13.547 -0.434  8.517   1.00 33.17 ? 26   LYS A CB  1 
ATOM   191  C CG  . LYS A 1 47  ? -13.923 -1.510  9.537   1.00 34.91 ? 26   LYS A CG  1 
ATOM   192  C CD  . LYS A 1 47  ? -13.658 -1.029  10.952  1.00 37.96 ? 26   LYS A CD  1 
ATOM   193  C CE  . LYS A 1 47  ? -14.604 -1.685  11.943  1.00 39.75 ? 26   LYS A CE  1 
ATOM   194  N NZ  . LYS A 1 47  ? -14.444 -1.077  13.299  1.00 41.25 ? 26   LYS A NZ  1 
ATOM   195  N N   . GLY A 1 48  ? -14.501 -3.021  6.621   1.00 32.91 ? 27   GLY A N   1 
ATOM   196  C CA  . GLY A 1 48  ? -15.593 -3.866  6.146   1.00 32.59 ? 27   GLY A CA  1 
ATOM   197  C C   . GLY A 1 48  ? -15.295 -4.540  4.823   1.00 32.13 ? 27   GLY A C   1 
ATOM   198  O O   . GLY A 1 48  ? -15.991 -5.480  4.437   1.00 32.65 ? 27   GLY A O   1 
ATOM   199  N N   . SER A 1 49  ? -14.275 -4.050  4.120   1.00 31.15 ? 28   SER A N   1 
ATOM   200  C CA  . SER A 1 49  ? -13.826 -4.656  2.862   1.00 30.38 ? 28   SER A CA  1 
ATOM   201  C C   . SER A 1 49  ? -12.294 -4.670  2.737   1.00 29.56 ? 28   SER A C   1 
ATOM   202  O O   . SER A 1 49  ? -11.615 -3.875  3.399   1.00 29.46 ? 28   SER A O   1 
ATOM   203  C CB  . SER A 1 49  ? -14.482 -3.987  1.644   1.00 30.47 ? 28   SER A CB  1 
ATOM   204  O OG  . SER A 1 49  ? -14.813 -2.640  1.896   1.00 31.42 ? 28   SER A OG  1 
ATOM   205  N N   . PRO A 1 50  ? -11.745 -5.593  1.915   1.00 28.59 ? 29   PRO A N   1 
ATOM   206  C CA  . PRO A 1 50  ? -10.291 -5.712  1.773   1.00 27.79 ? 29   PRO A CA  1 
ATOM   207  C C   . PRO A 1 50  ? -9.606  -4.548  1.053   1.00 26.61 ? 29   PRO A C   1 
ATOM   208  O O   . PRO A 1 50  ? -10.228 -3.864  0.235   1.00 26.70 ? 29   PRO A O   1 
ATOM   209  C CB  . PRO A 1 50  ? -10.119 -7.014  0.978   1.00 27.88 ? 29   PRO A CB  1 
ATOM   210  C CG  . PRO A 1 50  ? -11.376 -7.183  0.239   1.00 28.24 ? 29   PRO A CG  1 
ATOM   211  C CD  . PRO A 1 50  ? -12.453 -6.609  1.112   1.00 28.75 ? 29   PRO A CD  1 
ATOM   212  N N   . LEU A 1 51  ? -8.331  -4.342  1.378   1.00 25.35 ? 30   LEU A N   1 
ATOM   213  C CA  . LEU A 1 51  ? -7.491  -3.308  0.755   1.00 24.25 ? 30   LEU A CA  1 
ATOM   214  C C   . LEU A 1 51  ? -6.127  -3.884  0.380   1.00 22.93 ? 30   LEU A C   1 
ATOM   215  O O   . LEU A 1 51  ? -5.682  -4.882  0.961   1.00 23.04 ? 30   LEU A O   1 
ATOM   216  C CB  . LEU A 1 51  ? -7.219  -2.140  1.721   1.00 24.16 ? 30   LEU A CB  1 
ATOM   217  C CG  . LEU A 1 51  ? -8.204  -1.447  2.656   1.00 24.96 ? 30   LEU A CG  1 
ATOM   218  C CD1 . LEU A 1 51  ? -8.598  -2.327  3.829   1.00 23.89 ? 30   LEU A CD1 1 
ATOM   219  C CD2 . LEU A 1 51  ? -7.548  -0.144  3.165   1.00 24.62 ? 30   LEU A CD2 1 
ATOM   220  N N   . LEU A 1 52  ? -5.458  -3.221  -0.562  1.00 21.11 ? 31   LEU A N   1 
ATOM   221  C CA  . LEU A 1 52  ? -4.056  -3.492  -0.856  1.00 19.71 ? 31   LEU A CA  1 
ATOM   222  C C   . LEU A 1 52  ? -3.215  -2.230  -0.634  1.00 18.70 ? 31   LEU A C   1 
ATOM   223  O O   . LEU A 1 52  ? -3.455  -1.198  -1.253  1.00 18.87 ? 31   LEU A O   1 
ATOM   224  C CB  . LEU A 1 52  ? -3.889  -4.036  -2.281  1.00 19.64 ? 31   LEU A CB  1 
ATOM   225  C CG  . LEU A 1 52  ? -2.522  -4.561  -2.743  1.00 19.20 ? 31   LEU A CG  1 
ATOM   226  C CD1 . LEU A 1 52  ? -2.108  -5.823  -2.002  1.00 17.45 ? 31   LEU A CD1 1 
ATOM   227  C CD2 . LEU A 1 52  ? -2.565  -4.816  -4.242  1.00 19.14 ? 31   LEU A CD2 1 
ATOM   228  N N   . ILE A 1 53  ? -2.242  -2.315  0.267   1.00 17.60 ? 32   ILE A N   1 
ATOM   229  C CA  . ILE A 1 53  ? -1.403  -1.158  0.599   1.00 16.14 ? 32   ILE A CA  1 
ATOM   230  C C   . ILE A 1 53  ? 0.028   -1.307  0.078   1.00 16.01 ? 32   ILE A C   1 
ATOM   231  O O   . ILE A 1 53  ? 0.754   -2.201  0.509   1.00 15.56 ? 32   ILE A O   1 
ATOM   232  C CB  . ILE A 1 53  ? -1.388  -0.877  2.131   1.00 15.93 ? 32   ILE A CB  1 
ATOM   233  C CG1 . ILE A 1 53  ? -2.825  -0.689  2.651   1.00 15.14 ? 32   ILE A CG1 1 
ATOM   234  C CG2 . ILE A 1 53  ? -0.497  0.335   2.431   1.00 13.92 ? 32   ILE A CG2 1 
ATOM   235  C CD1 . ILE A 1 53  ? -2.965  -0.656  4.169   1.00 15.29 ? 32   ILE A CD1 1 
ATOM   236  N N   . TYR A 1 54  ? 0.406   -0.421  -0.844  1.00 15.88 ? 33   TYR A N   1 
ATOM   237  C CA  . TYR A 1 54  ? 1.772   -0.333  -1.389  1.00 15.75 ? 33   TYR A CA  1 
ATOM   238  C C   . TYR A 1 54  ? 2.606   0.757   -0.708  1.00 15.74 ? 33   TYR A C   1 
ATOM   239  O O   . TYR A 1 54  ? 2.087   1.820   -0.326  1.00 15.63 ? 33   TYR A O   1 
ATOM   240  C CB  . TYR A 1 54  ? 1.729   0.008   -2.883  1.00 15.82 ? 33   TYR A CB  1 
ATOM   241  C CG  . TYR A 1 54  ? 1.381   -1.129  -3.828  1.00 16.27 ? 33   TYR A CG  1 
ATOM   242  C CD1 . TYR A 1 54  ? 2.380   -1.820  -4.511  1.00 16.29 ? 33   TYR A CD1 1 
ATOM   243  C CD2 . TYR A 1 54  ? 0.053   -1.495  -4.057  1.00 17.54 ? 33   TYR A CD2 1 
ATOM   244  C CE1 . TYR A 1 54  ? 2.073   -2.868  -5.388  1.00 16.91 ? 33   TYR A CE1 1 
ATOM   245  C CE2 . TYR A 1 54  ? -0.271  -2.533  -4.941  1.00 17.49 ? 33   TYR A CE2 1 
ATOM   246  C CZ  . TYR A 1 54  ? 0.742   -3.214  -5.598  1.00 17.42 ? 33   TYR A CZ  1 
ATOM   247  O OH  . TYR A 1 54  ? 0.423   -4.241  -6.459  1.00 17.28 ? 33   TYR A OH  1 
ATOM   248  N N   . ASN A 1 55  ? 3.903   0.498   -0.569  1.00 15.42 ? 34   ASN A N   1 
ATOM   249  C CA  . ASN A 1 55  ? 4.864   1.589   -0.484  1.00 15.37 ? 34   ASN A CA  1 
ATOM   250  C C   . ASN A 1 55  ? 5.392   1.796   -1.897  1.00 15.17 ? 34   ASN A C   1 
ATOM   251  O O   . ASN A 1 55  ? 5.712   0.824   -2.594  1.00 14.82 ? 34   ASN A O   1 
ATOM   252  C CB  . ASN A 1 55  ? 5.993   1.340   0.539   1.00 15.20 ? 34   ASN A CB  1 
ATOM   253  C CG  . ASN A 1 55  ? 6.809   0.074   0.250   1.00 15.85 ? 34   ASN A CG  1 
ATOM   254  O OD1 . ASN A 1 55  ? 6.326   -1.044  0.421   1.00 15.23 ? 34   ASN A OD1 1 
ATOM   255  N ND2 . ASN A 1 55  ? 8.063   0.258   -0.155  1.00 14.61 ? 34   ASN A ND2 1 
ATOM   256  N N   . VAL A 1 56  ? 5.462   3.058   -2.315  1.00 15.11 ? 35   VAL A N   1 
ATOM   257  C CA  . VAL A 1 56  ? 5.698   3.416   -3.712  1.00 15.08 ? 35   VAL A CA  1 
ATOM   258  C C   . VAL A 1 56  ? 6.910   4.337   -3.912  1.00 15.51 ? 35   VAL A C   1 
ATOM   259  O O   . VAL A 1 56  ? 7.395   4.971   -2.968  1.00 14.90 ? 35   VAL A O   1 
ATOM   260  C CB  . VAL A 1 56  ? 4.439   4.080   -4.363  1.00 15.50 ? 35   VAL A CB  1 
ATOM   261  C CG1 . VAL A 1 56  ? 3.283   3.095   -4.451  1.00 15.22 ? 35   VAL A CG1 1 
ATOM   262  C CG2 . VAL A 1 56  ? 4.016   5.344   -3.609  1.00 14.25 ? 35   VAL A CG2 1 
ATOM   263  N N   . ALA A 1 57  ? 7.383   4.389   -5.156  1.00 15.80 ? 36   ALA A N   1 
ATOM   264  C CA  . ALA A 1 57  ? 8.444   5.296   -5.582  1.00 16.45 ? 36   ALA A CA  1 
ATOM   265  C C   . ALA A 1 57  ? 8.226   5.637   -7.059  1.00 17.31 ? 36   ALA A C   1 
ATOM   266  O O   . ALA A 1 57  ? 7.665   4.833   -7.806  1.00 17.59 ? 36   ALA A O   1 
ATOM   267  C CB  . ALA A 1 57  ? 9.831   4.662   -5.359  1.00 15.92 ? 36   ALA A CB  1 
ATOM   268  N N   . SER A 1 58  ? 8.658   6.826   -7.474  1.00 18.43 ? 37   SER A N   1 
ATOM   269  C CA  . SER A 1 58  ? 8.390   7.319   -8.835  1.00 19.97 ? 37   SER A CA  1 
ATOM   270  C C   . SER A 1 58  ? 9.519   6.998   -9.824  1.00 20.67 ? 37   SER A C   1 
ATOM   271  O O   . SER A 1 58  ? 9.324   7.011   -11.038 1.00 21.18 ? 37   SER A O   1 
ATOM   272  C CB  . SER A 1 58  ? 8.137   8.831   -8.811  1.00 19.61 ? 37   SER A CB  1 
ATOM   273  O OG  . SER A 1 58  ? 7.012   9.140   -8.007  1.00 20.01 ? 37   SER A OG  1 
ATOM   274  N N   . LYS A 1 59  ? 10.696  6.715   -9.284  1.00 21.96 ? 38   LYS A N   1 
ATOM   275  C CA  . LYS A 1 59  ? 11.901  6.529   -10.073 1.00 22.79 ? 38   LYS A CA  1 
ATOM   276  C C   . LYS A 1 59  ? 12.480  5.134   -9.863  1.00 22.87 ? 38   LYS A C   1 
ATOM   277  O O   . LYS A 1 59  ? 13.697  4.968   -9.825  1.00 23.54 ? 38   LYS A O   1 
ATOM   278  C CB  . LYS A 1 59  ? 12.941  7.573   -9.668  1.00 23.00 ? 38   LYS A CB  1 
ATOM   279  C CG  . LYS A 1 59  ? 12.662  8.991   -10.135 1.00 24.17 ? 38   LYS A CG  1 
ATOM   280  C CD  . LYS A 1 59  ? 13.520  9.933   -9.309  1.00 27.66 ? 38   LYS A CD  1 
ATOM   281  C CE  . LYS A 1 59  ? 14.317  10.919  -10.158 1.00 29.17 ? 38   LYS A CE  1 
ATOM   282  N NZ  . LYS A 1 59  ? 15.399  11.545  -9.328  1.00 30.46 ? 38   LYS A NZ  1 
ATOM   283  N N   . CYS A 1 60  ? 11.605  4.146   -9.707  1.00 22.83 ? 39   CYS A N   1 
ATOM   284  C CA  . CYS A 1 60  ? 12.016  2.768   -9.442  1.00 23.05 ? 39   CYS A CA  1 
ATOM   285  C C   . CYS A 1 60  ? 11.870  1.935   -10.714 1.00 23.14 ? 39   CYS A C   1 
ATOM   286  O O   . CYS A 1 60  ? 11.120  2.302   -11.622 1.00 23.06 ? 39   CYS A O   1 
ATOM   287  C CB  . CYS A 1 60  ? 11.164  2.175   -8.308  1.00 22.74 ? 39   CYS A CB  1 
ATOM   288  S SG  . CYS A 1 60  ? 11.512  0.448   -7.864  1.00 22.08 ? 39   CYS A SG  1 
ATOM   289  N N   . GLY A 1 61  ? 12.593  0.819   -10.777 1.00 23.12 ? 40   GLY A N   1 
ATOM   290  C CA  . GLY A 1 61  ? 12.424  -0.141  -11.874 1.00 23.34 ? 40   GLY A CA  1 
ATOM   291  C C   . GLY A 1 61  ? 11.090  -0.872  -11.788 1.00 23.49 ? 40   GLY A C   1 
ATOM   292  O O   . GLY A 1 61  ? 10.617  -1.455  -12.772 1.00 23.39 ? 40   GLY A O   1 
ATOM   293  N N   . TYR A 1 62  ? 10.479  -0.836  -10.604 1.00 23.09 ? 41   TYR A N   1 
ATOM   294  C CA  . TYR A 1 62  ? 9.140   -1.387  -10.413 1.00 22.89 ? 41   TYR A CA  1 
ATOM   295  C C   . TYR A 1 62  ? 8.005   -0.364  -10.567 1.00 22.66 ? 41   TYR A C   1 
ATOM   296  O O   . TYR A 1 62  ? 6.841   -0.737  -10.503 1.00 22.62 ? 41   TYR A O   1 
ATOM   297  C CB  . TYR A 1 62  ? 9.036   -2.081  -9.058  1.00 22.85 ? 41   TYR A CB  1 
ATOM   298  C CG  . TYR A 1 62  ? 9.790   -3.391  -8.955  1.00 22.70 ? 41   TYR A CG  1 
ATOM   299  C CD1 . TYR A 1 62  ? 9.382   -4.510  -9.683  1.00 22.15 ? 41   TYR A CD1 1 
ATOM   300  C CD2 . TYR A 1 62  ? 10.897  -3.517  -8.107  1.00 21.70 ? 41   TYR A CD2 1 
ATOM   301  C CE1 . TYR A 1 62  ? 10.065  -5.718  -9.583  1.00 23.53 ? 41   TYR A CE1 1 
ATOM   302  C CE2 . TYR A 1 62  ? 11.588  -4.725  -7.995  1.00 21.39 ? 41   TYR A CE2 1 
ATOM   303  C CZ  . TYR A 1 62  ? 11.162  -5.820  -8.737  1.00 22.61 ? 41   TYR A CZ  1 
ATOM   304  O OH  . TYR A 1 62  ? 11.818  -7.022  -8.637  1.00 23.72 ? 41   TYR A OH  1 
ATOM   305  N N   . THR A 1 63  ? 8.336   0.910   -10.769 1.00 22.87 ? 42   THR A N   1 
ATOM   306  C CA  . THR A 1 63  ? 7.313   1.969   -10.876 1.00 23.11 ? 42   THR A CA  1 
ATOM   307  C C   . THR A 1 63  ? 6.217   1.663   -11.917 1.00 23.72 ? 42   THR A C   1 
ATOM   308  O O   . THR A 1 63  ? 5.029   1.659   -11.579 1.00 23.26 ? 42   THR A O   1 
ATOM   309  C CB  . THR A 1 63  ? 7.932   3.366   -11.136 1.00 23.10 ? 42   THR A CB  1 
ATOM   310  O OG1 . THR A 1 63  ? 8.840   3.697   -10.081 1.00 22.40 ? 42   THR A OG1 1 
ATOM   311  C CG2 . THR A 1 63  ? 6.844   4.446   -11.201 1.00 23.20 ? 42   THR A CG2 1 
ATOM   312  N N   . LYS A 1 64  ? 6.623   1.402   -13.164 1.00 24.19 ? 43   LYS A N   1 
ATOM   313  C CA  . LYS A 1 64  ? 5.685   1.097   -14.252 1.00 24.92 ? 43   LYS A CA  1 
ATOM   314  C C   . LYS A 1 64  ? 4.804   -0.091  -13.931 1.00 24.84 ? 43   LYS A C   1 
ATOM   315  O O   . LYS A 1 64  ? 3.582   0.034   -13.882 1.00 25.10 ? 43   LYS A O   1 
ATOM   316  C CB  . LYS A 1 64  ? 6.432   0.808   -15.555 1.00 25.41 ? 43   LYS A CB  1 
ATOM   317  C CG  . LYS A 1 64  ? 6.593   2.003   -16.484 1.00 27.38 ? 43   LYS A CG  1 
ATOM   318  C CD  . LYS A 1 64  ? 6.692   1.540   -17.951 1.00 29.45 ? 43   LYS A CD  1 
ATOM   319  C CE  . LYS A 1 64  ? 5.369   0.936   -18.428 1.00 31.74 ? 43   LYS A CE  1 
ATOM   320  N NZ  . LYS A 1 64  ? 5.340   0.617   -19.895 1.00 33.91 ? 43   LYS A NZ  1 
ATOM   321  N N   . GLY A 1 65  ? 5.434   -1.244  -13.718 1.00 24.80 ? 44   GLY A N   1 
ATOM   322  C CA  . GLY A 1 65  ? 4.710   -2.472  -13.408 1.00 24.96 ? 44   GLY A CA  1 
ATOM   323  C C   . GLY A 1 65  ? 3.926   -2.349  -12.115 1.00 24.75 ? 44   GLY A C   1 
ATOM   324  O O   . GLY A 1 65  ? 2.836   -2.909  -11.985 1.00 24.85 ? 44   GLY A O   1 
ATOM   325  N N   . GLY A 1 66  ? 4.493   -1.620  -11.156 1.00 24.58 ? 45   GLY A N   1 
ATOM   326  C CA  . GLY A 1 66  ? 3.862   -1.417  -9.851  1.00 24.57 ? 45   GLY A CA  1 
ATOM   327  C C   . GLY A 1 66  ? 2.557   -0.653  -9.958  1.00 24.28 ? 45   GLY A C   1 
ATOM   328  O O   . GLY A 1 66  ? 1.518   -1.127  -9.511  1.00 23.55 ? 45   GLY A O   1 
ATOM   329  N N   . TYR A 1 67  ? 2.611   0.520   -10.579 1.00 24.77 ? 46   TYR A N   1 
ATOM   330  C CA  . TYR A 1 67  ? 1.407   1.344   -10.733 1.00 25.75 ? 46   TYR A CA  1 
ATOM   331  C C   . TYR A 1 67  ? 0.357   0.743   -11.667 1.00 26.58 ? 46   TYR A C   1 
ATOM   332  O O   . TYR A 1 67  ? -0.835  0.995   -11.494 1.00 26.68 ? 46   TYR A O   1 
ATOM   333  C CB  . TYR A 1 67  ? 1.764   2.778   -11.134 1.00 25.34 ? 46   TYR A CB  1 
ATOM   334  C CG  . TYR A 1 67  ? 2.076   3.678   -9.950  1.00 24.88 ? 46   TYR A CG  1 
ATOM   335  C CD1 . TYR A 1 67  ? 1.066   4.111   -9.093  1.00 24.92 ? 46   TYR A CD1 1 
ATOM   336  C CD2 . TYR A 1 67  ? 3.382   4.087   -9.682  1.00 24.41 ? 46   TYR A CD2 1 
ATOM   337  C CE1 . TYR A 1 67  ? 1.351   4.931   -8.000  1.00 24.74 ? 46   TYR A CE1 1 
ATOM   338  C CE2 . TYR A 1 67  ? 3.677   4.906   -8.591  1.00 23.64 ? 46   TYR A CE2 1 
ATOM   339  C CZ  . TYR A 1 67  ? 2.661   5.324   -7.763  1.00 23.94 ? 46   TYR A CZ  1 
ATOM   340  O OH  . TYR A 1 67  ? 2.944   6.142   -6.698  1.00 23.98 ? 46   TYR A OH  1 
ATOM   341  N N   . GLU A 1 68  ? 0.798   -0.060  -12.639 1.00 27.81 ? 47   GLU A N   1 
ATOM   342  C CA  . GLU A 1 68  ? -0.115  -0.728  -13.571 1.00 28.96 ? 47   GLU A CA  1 
ATOM   343  C C   . GLU A 1 68  ? -0.899  -1.833  -12.878 1.00 29.04 ? 47   GLU A C   1 
ATOM   344  O O   . GLU A 1 68  ? -2.103  -1.962  -13.079 1.00 29.15 ? 47   GLU A O   1 
ATOM   345  C CB  . GLU A 1 68  ? 0.636   -1.283  -14.793 1.00 28.79 ? 47   GLU A CB  1 
ATOM   346  C CG  . GLU A 1 68  ? 1.012   -0.218  -15.819 1.00 30.04 ? 47   GLU A CG  1 
ATOM   347  C CD  . GLU A 1 68  ? 1.928   -0.727  -16.929 1.00 30.49 ? 47   GLU A CD  1 
ATOM   348  O OE1 . GLU A 1 68  ? 2.237   0.073   -17.839 1.00 32.59 ? 47   GLU A OE1 1 
ATOM   349  O OE2 . GLU A 1 68  ? 2.344   -1.909  -16.894 1.00 32.14 ? 47   GLU A OE2 1 
ATOM   350  N N   . THR A 1 69  ? -0.209  -2.626  -12.061 1.00 29.66 ? 48   THR A N   1 
ATOM   351  C CA  . THR A 1 69  ? -0.863  -3.663  -11.268 1.00 30.12 ? 48   THR A CA  1 
ATOM   352  C C   . THR A 1 69  ? -1.838  -3.048  -10.258 1.00 30.53 ? 48   THR A C   1 
ATOM   353  O O   . THR A 1 69  ? -2.987  -3.503  -10.144 1.00 30.98 ? 48   THR A O   1 
ATOM   354  C CB  . THR A 1 69  ? 0.168   -4.571  -10.573 1.00 30.17 ? 48   THR A CB  1 
ATOM   355  O OG1 . THR A 1 69  ? 0.795   -5.409  -11.555 1.00 31.78 ? 48   THR A OG1 1 
ATOM   356  C CG2 . THR A 1 69  ? -0.487  -5.450  -9.519  1.00 29.41 ? 48   THR A CG2 1 
ATOM   357  N N   . ALA A 1 70  ? -1.385  -2.016  -9.545  1.00 30.71 ? 49   ALA A N   1 
ATOM   358  C CA  . ALA A 1 70  ? -2.206  -1.333  -8.537  1.00 30.82 ? 49   ALA A CA  1 
ATOM   359  C C   . ALA A 1 70  ? -3.493  -0.762  -9.135  1.00 30.92 ? 49   ALA A C   1 
ATOM   360  O O   . ALA A 1 70  ? -4.578  -0.966  -8.591  1.00 31.32 ? 49   ALA A O   1 
ATOM   361  C CB  . ALA A 1 70  ? -1.404  -0.245  -7.845  1.00 30.77 ? 49   ALA A CB  1 
ATOM   362  N N   . THR A 1 71  ? -3.355  -0.060  -10.257 1.00 31.09 ? 50   THR A N   1 
ATOM   363  C CA  . THR A 1 71  ? -4.476  0.511   -11.017 1.00 31.38 ? 50   THR A CA  1 
ATOM   364  C C   . THR A 1 71  ? -5.449  -0.561  -11.525 1.00 31.43 ? 50   THR A C   1 
ATOM   365  O O   . THR A 1 71  ? -6.662  -0.450  -11.332 1.00 31.51 ? 50   THR A O   1 
ATOM   366  C CB  . THR A 1 71  ? -3.947  1.316   -12.227 1.00 31.16 ? 50   THR A CB  1 
ATOM   367  O OG1 . THR A 1 71  ? -3.075  2.353   -11.766 1.00 32.12 ? 50   THR A OG1 1 
ATOM   368  C CG2 . THR A 1 71  ? -5.080  1.936   -13.033 1.00 31.55 ? 50   THR A CG2 1 
ATOM   369  N N   . THR A 1 72  ? -4.903  -1.587  -12.179 1.00 31.63 ? 51   THR A N   1 
ATOM   370  C CA  . THR A 1 72  ? -5.691  -2.692  -12.727 1.00 31.86 ? 51   THR A CA  1 
ATOM   371  C C   . THR A 1 72  ? -6.547  -3.355  -11.646 1.00 31.89 ? 51   THR A C   1 
ATOM   372  O O   . THR A 1 72  ? -7.739  -3.601  -11.859 1.00 31.97 ? 51   THR A O   1 
ATOM   373  C CB  . THR A 1 72  ? -4.780  -3.731  -13.434 1.00 31.84 ? 51   THR A CB  1 
ATOM   374  O OG1 . THR A 1 72  ? -4.252  -3.157  -14.638 1.00 32.40 ? 51   THR A OG1 1 
ATOM   375  C CG2 . THR A 1 72  ? -5.540  -5.003  -13.779 1.00 32.15 ? 51   THR A CG2 1 
ATOM   376  N N   . LEU A 1 73  ? -5.944  -3.622  -10.486 1.00 31.85 ? 52   LEU A N   1 
ATOM   377  C CA  . LEU A 1 73  ? -6.670  -4.206  -9.360  1.00 32.01 ? 52   LEU A CA  1 
ATOM   378  C C   . LEU A 1 73  ? -7.710  -3.257  -8.765  1.00 32.11 ? 52   LEU A C   1 
ATOM   379  O O   . LEU A 1 73  ? -8.784  -3.695  -8.337  1.00 32.10 ? 52   LEU A O   1 
ATOM   380  C CB  . LEU A 1 73  ? -5.702  -4.671  -8.273  1.00 32.17 ? 52   LEU A CB  1 
ATOM   381  C CG  . LEU A 1 73  ? -4.866  -5.914  -8.588  1.00 31.96 ? 52   LEU A CG  1 
ATOM   382  C CD1 . LEU A 1 73  ? -3.711  -6.007  -7.614  1.00 32.31 ? 52   LEU A CD1 1 
ATOM   383  C CD2 . LEU A 1 73  ? -5.716  -7.182  -8.543  1.00 32.07 ? 52   LEU A CD2 1 
ATOM   384  N N   . TYR A 1 74  ? -7.382  -1.966  -8.737  1.00 32.11 ? 53   TYR A N   1 
ATOM   385  C CA  . TYR A 1 74  ? -8.267  -0.945  -8.184  1.00 32.42 ? 53   TYR A CA  1 
ATOM   386  C C   . TYR A 1 74  ? -9.515  -0.784  -9.045  1.00 32.78 ? 53   TYR A C   1 
ATOM   387  O O   . TYR A 1 74  ? -10.631 -0.836  -8.529  1.00 32.86 ? 53   TYR A O   1 
ATOM   388  C CB  . TYR A 1 74  ? -7.536  0.393   -8.016  1.00 31.91 ? 53   TYR A CB  1 
ATOM   389  C CG  . TYR A 1 74  ? -8.388  1.510   -7.441  1.00 31.78 ? 53   TYR A CG  1 
ATOM   390  C CD1 . TYR A 1 74  ? -9.013  1.377   -6.195  1.00 30.79 ? 53   TYR A CD1 1 
ATOM   391  C CD2 . TYR A 1 74  ? -8.557  2.708   -8.138  1.00 30.87 ? 53   TYR A CD2 1 
ATOM   392  C CE1 . TYR A 1 74  ? -9.794  2.404   -5.671  1.00 30.73 ? 53   TYR A CE1 1 
ATOM   393  C CE2 . TYR A 1 74  ? -9.327  3.740   -7.620  1.00 30.19 ? 53   TYR A CE2 1 
ATOM   394  C CZ  . TYR A 1 74  ? -9.945  3.584   -6.392  1.00 31.14 ? 53   TYR A CZ  1 
ATOM   395  O OH  . TYR A 1 74  ? -10.711 4.614   -5.883  1.00 31.71 ? 53   TYR A OH  1 
ATOM   396  N N   . ASN A 1 75  ? -9.312  -0.604  -10.348 1.00 33.34 ? 54   ASN A N   1 
ATOM   397  C CA  . ASN A 1 75  ? -10.399 -0.534  -11.326 1.00 34.07 ? 54   ASN A CA  1 
ATOM   398  C C   . ASN A 1 75  ? -11.282 -1.783  -11.364 1.00 34.60 ? 54   ASN A C   1 
ATOM   399  O O   . ASN A 1 75  ? -12.504 -1.684  -11.487 1.00 34.79 ? 54   ASN A O   1 
ATOM   400  C CB  . ASN A 1 75  ? -9.834  -0.272  -12.727 1.00 33.99 ? 54   ASN A CB  1 
ATOM   401  C CG  . ASN A 1 75  ? -9.234  1.116   -12.872 1.00 34.03 ? 54   ASN A CG  1 
ATOM   402  O OD1 . ASN A 1 75  ? -9.576  2.040   -12.131 1.00 34.21 ? 54   ASN A OD1 1 
ATOM   403  N ND2 . ASN A 1 75  ? -8.343  1.273   -13.848 1.00 34.26 ? 54   ASN A ND2 1 
ATOM   404  N N   . LYS A 1 76  ? -10.654 -2.952  -11.253 1.00 35.15 ? 55   LYS A N   1 
ATOM   405  C CA  . LYS A 1 76  ? -11.354 -4.226  -11.370 1.00 35.77 ? 55   LYS A CA  1 
ATOM   406  C C   . LYS A 1 76  ? -12.193 -4.556  -10.129 1.00 35.97 ? 55   LYS A C   1 
ATOM   407  O O   . LYS A 1 76  ? -13.181 -5.295  -10.226 1.00 36.10 ? 55   LYS A O   1 
ATOM   408  C CB  . LYS A 1 76  ? -10.353 -5.345  -11.662 1.00 36.05 ? 55   LYS A CB  1 
ATOM   409  C CG  . LYS A 1 76  ? -10.956 -6.663  -12.132 1.00 37.15 ? 55   LYS A CG  1 
ATOM   410  C CD  . LYS A 1 76  ? -9.850  -7.679  -12.377 1.00 39.00 ? 55   LYS A CD  1 
ATOM   411  C CE  . LYS A 1 76  ? -10.376 -8.937  -13.046 1.00 40.13 ? 55   LYS A CE  1 
ATOM   412  N NZ  . LYS A 1 76  ? -9.251  -9.702  -13.655 1.00 40.73 ? 55   LYS A NZ  1 
ATOM   413  N N   . TYR A 1 77  ? -11.818 -4.009  -8.976  1.00 35.83 ? 56   TYR A N   1 
ATOM   414  C CA  . TYR A 1 77  ? -12.516 -4.344  -7.733  1.00 35.83 ? 56   TYR A CA  1 
ATOM   415  C C   . TYR A 1 77  ? -13.058 -3.144  -6.936  1.00 36.00 ? 56   TYR A C   1 
ATOM   416  O O   . TYR A 1 77  ? -13.610 -3.320  -5.850  1.00 35.93 ? 56   TYR A O   1 
ATOM   417  C CB  . TYR A 1 77  ? -11.666 -5.295  -6.873  1.00 35.51 ? 56   TYR A CB  1 
ATOM   418  C CG  . TYR A 1 77  ? -11.304 -6.587  -7.594  1.00 35.52 ? 56   TYR A CG  1 
ATOM   419  C CD1 . TYR A 1 77  ? -12.274 -7.561  -7.852  1.00 35.31 ? 56   TYR A CD1 1 
ATOM   420  C CD2 . TYR A 1 77  ? -9.999  -6.825  -8.035  1.00 35.11 ? 56   TYR A CD2 1 
ATOM   421  C CE1 . TYR A 1 77  ? -11.955 -8.745  -8.518  1.00 35.02 ? 56   TYR A CE1 1 
ATOM   422  C CE2 . TYR A 1 77  ? -9.664  -8.006  -8.701  1.00 35.39 ? 56   TYR A CE2 1 
ATOM   423  C CZ  . TYR A 1 77  ? -10.651 -8.963  -8.941  1.00 35.75 ? 56   TYR A CZ  1 
ATOM   424  O OH  . TYR A 1 77  ? -10.336 -10.135 -9.599  1.00 35.17 ? 56   TYR A OH  1 
ATOM   425  N N   . LYS A 1 78  ? -12.913 -1.942  -7.501  1.00 36.31 ? 57   LYS A N   1 
ATOM   426  C CA  . LYS A 1 78  ? -13.538 -0.701  -6.997  1.00 36.65 ? 57   LYS A CA  1 
ATOM   427  C C   . LYS A 1 78  ? -14.942 -0.903  -6.427  1.00 36.61 ? 57   LYS A C   1 
ATOM   428  O O   . LYS A 1 78  ? -15.231 -0.540  -5.281  1.00 36.79 ? 57   LYS A O   1 
ATOM   429  C CB  . LYS A 1 78  ? -13.667 0.306   -8.146  1.00 36.80 ? 57   LYS A CB  1 
ATOM   430  C CG  . LYS A 1 78  ? -12.642 1.413   -8.206  1.00 37.58 ? 57   LYS A CG  1 
ATOM   431  C CD  . LYS A 1 78  ? -12.780 2.138   -9.540  1.00 39.45 ? 57   LYS A CD  1 
ATOM   432  C CE  . LYS A 1 78  ? -12.324 3.583   -9.456  1.00 40.24 ? 57   LYS A CE  1 
ATOM   433  N NZ  . LYS A 1 78  ? -13.193 4.400   -8.547  1.00 41.69 ? 57   LYS A NZ  1 
ATOM   434  N N   . SER A 1 79  ? -15.810 -1.482  -7.253  1.00 36.29 ? 58   SER A N   1 
ATOM   435  C CA  . SER A 1 79  ? -17.240 -1.582  -6.971  1.00 35.99 ? 58   SER A CA  1 
ATOM   436  C C   . SER A 1 79  ? -17.605 -2.547  -5.839  1.00 35.49 ? 58   SER A C   1 
ATOM   437  O O   . SER A 1 79  ? -18.744 -2.544  -5.369  1.00 35.73 ? 58   SER A O   1 
ATOM   438  C CB  . SER A 1 79  ? -17.983 -1.955  -8.248  1.00 36.14 ? 58   SER A CB  1 
ATOM   439  O OG  . SER A 1 79  ? -17.410 -3.112  -8.833  1.00 37.16 ? 58   SER A OG  1 
ATOM   440  N N   . GLN A 1 80  ? -16.648 -3.363  -5.404  1.00 34.72 ? 59   GLN A N   1 
ATOM   441  C CA  . GLN A 1 80  ? -16.878 -4.288  -4.293  1.00 33.73 ? 59   GLN A CA  1 
ATOM   442  C C   . GLN A 1 80  ? -16.359 -3.737  -2.958  1.00 33.11 ? 59   GLN A C   1 
ATOM   443  O O   . GLN A 1 80  ? -16.343 -4.446  -1.945  1.00 33.15 ? 59   GLN A O   1 
ATOM   444  C CB  . GLN A 1 80  ? -16.267 -5.665  -4.590  1.00 33.96 ? 59   GLN A CB  1 
ATOM   445  C CG  . GLN A 1 80  ? -16.847 -6.362  -5.829  1.00 33.89 ? 59   GLN A CG  1 
ATOM   446  C CD  . GLN A 1 80  ? -16.379 -7.803  -5.968  1.00 33.43 ? 59   GLN A CD  1 
ATOM   447  O OE1 . GLN A 1 80  ? -16.488 -8.598  -5.035  1.00 33.18 ? 59   GLN A OE1 1 
ATOM   448  N NE2 . GLN A 1 80  ? -15.868 -8.145  -7.144  1.00 32.57 ? 59   GLN A NE2 1 
ATOM   449  N N   . GLY A 1 81  ? -15.941 -2.472  -2.963  1.00 32.23 ? 60   GLY A N   1 
ATOM   450  C CA  . GLY A 1 81  ? -15.449 -1.803  -1.755  1.00 30.83 ? 60   GLY A CA  1 
ATOM   451  C C   . GLY A 1 81  ? -13.946 -1.929  -1.547  1.00 29.77 ? 60   GLY A C   1 
ATOM   452  O O   . GLY A 1 81  ? -13.427 -1.563  -0.486  1.00 30.14 ? 60   GLY A O   1 
ATOM   453  N N   . PHE A 1 82  ? -13.259 -2.457  -2.560  1.00 28.31 ? 61   PHE A N   1 
ATOM   454  C CA  . PHE A 1 82  ? -11.800 -2.597  -2.563  1.00 26.65 ? 61   PHE A CA  1 
ATOM   455  C C   . PHE A 1 82  ? -11.106 -1.278  -2.911  1.00 25.85 ? 61   PHE A C   1 
ATOM   456  O O   . PHE A 1 82  ? -11.538 -0.551  -3.814  1.00 25.43 ? 61   PHE A O   1 
ATOM   457  C CB  . PHE A 1 82  ? -11.389 -3.703  -3.553  1.00 26.15 ? 61   PHE A CB  1 
ATOM   458  C CG  . PHE A 1 82  ? -9.898  -3.843  -3.757  1.00 25.22 ? 61   PHE A CG  1 
ATOM   459  C CD1 . PHE A 1 82  ? -9.116  -4.547  -2.845  1.00 24.11 ? 61   PHE A CD1 1 
ATOM   460  C CD2 . PHE A 1 82  ? -9.283  -3.296  -4.880  1.00 23.55 ? 61   PHE A CD2 1 
ATOM   461  C CE1 . PHE A 1 82  ? -7.740  -4.682  -3.042  1.00 23.86 ? 61   PHE A CE1 1 
ATOM   462  C CE2 . PHE A 1 82  ? -7.913  -3.421  -5.079  1.00 22.25 ? 61   PHE A CE2 1 
ATOM   463  C CZ  . PHE A 1 82  ? -7.142  -4.116  -4.164  1.00 23.56 ? 61   PHE A CZ  1 
ATOM   464  N N   . THR A 1 83  ? -10.025 -0.981  -2.192  1.00 24.74 ? 62   THR A N   1 
ATOM   465  C CA  . THR A 1 83  ? -9.161  0.143   -2.545  1.00 23.73 ? 62   THR A CA  1 
ATOM   466  C C   . THR A 1 83  ? -7.675  -0.210  -2.467  1.00 22.74 ? 62   THR A C   1 
ATOM   467  O O   . THR A 1 83  ? -7.293  -1.237  -1.891  1.00 22.41 ? 62   THR A O   1 
ATOM   468  C CB  . THR A 1 83  ? -9.447  1.414   -1.689  1.00 23.78 ? 62   THR A CB  1 
ATOM   469  O OG1 . THR A 1 83  ? -8.918  2.568   -2.359  1.00 24.94 ? 62   THR A OG1 1 
ATOM   470  C CG2 . THR A 1 83  ? -8.825  1.308   -0.311  1.00 22.58 ? 62   THR A CG2 1 
ATOM   471  N N   . VAL A 1 84  ? -6.862  0.656   -3.067  1.00 21.41 ? 63   VAL A N   1 
ATOM   472  C CA  . VAL A 1 84  ? -5.408  0.609   -2.968  1.00 20.31 ? 63   VAL A CA  1 
ATOM   473  C C   . VAL A 1 84  ? -4.929  1.912   -2.320  1.00 19.22 ? 63   VAL A C   1 
ATOM   474  O O   . VAL A 1 84  ? -5.312  2.997   -2.741  1.00 19.30 ? 63   VAL A O   1 
ATOM   475  C CB  . VAL A 1 84  ? -4.744  0.461   -4.374  1.00 20.29 ? 63   VAL A CB  1 
ATOM   476  C CG1 . VAL A 1 84  ? -3.220  0.463   -4.270  1.00 20.36 ? 63   VAL A CG1 1 
ATOM   477  C CG2 . VAL A 1 84  ? -5.237  -0.805  -5.087  1.00 20.69 ? 63   VAL A CG2 1 
ATOM   478  N N   . LEU A 1 85  ? -4.089  1.801   -1.297  1.00 18.16 ? 64   LEU A N   1 
ATOM   479  C CA  . LEU A 1 85  ? -3.452  2.979   -0.709  1.00 17.06 ? 64   LEU A CA  1 
ATOM   480  C C   . LEU A 1 85  ? -1.977  2.954   -1.054  1.00 16.41 ? 64   LEU A C   1 
ATOM   481  O O   . LEU A 1 85  ? -1.338  1.910   -0.923  1.00 16.53 ? 64   LEU A O   1 
ATOM   482  C CB  . LEU A 1 85  ? -3.632  3.004   0.808   1.00 16.79 ? 64   LEU A CB  1 
ATOM   483  C CG  . LEU A 1 85  ? -5.054  2.808   1.340   1.00 15.79 ? 64   LEU A CG  1 
ATOM   484  C CD1 . LEU A 1 85  ? -5.029  2.767   2.845   1.00 12.69 ? 64   LEU A CD1 1 
ATOM   485  C CD2 . LEU A 1 85  ? -5.996  3.900   0.827   1.00 16.30 ? 64   LEU A CD2 1 
ATOM   486  N N   . ALA A 1 86  ? -1.447  4.095   -1.488  1.00 15.35 ? 65   ALA A N   1 
ATOM   487  C CA  . ALA A 1 86  ? -0.034  4.218   -1.844  1.00 14.93 ? 65   ALA A CA  1 
ATOM   488  C C   . ALA A 1 86  ? 0.714   5.160   -0.910  1.00 14.39 ? 65   ALA A C   1 
ATOM   489  O O   . ALA A 1 86  ? 0.415   6.346   -0.845  1.00 14.60 ? 65   ALA A O   1 
ATOM   490  C CB  . ALA A 1 86  ? 0.123   4.678   -3.288  1.00 14.88 ? 65   ALA A CB  1 
ATOM   491  N N   . PHE A 1 87  ? 1.690   4.607   -0.201  1.00 13.90 ? 66   PHE A N   1 
ATOM   492  C CA  . PHE A 1 87  ? 2.550   5.359   0.692   1.00 13.42 ? 66   PHE A CA  1 
ATOM   493  C C   . PHE A 1 87  ? 3.897   5.571   -0.001  1.00 13.05 ? 66   PHE A C   1 
ATOM   494  O O   . PHE A 1 87  ? 4.672   4.610   -0.179  1.00 12.21 ? 66   PHE A O   1 
ATOM   495  C CB  . PHE A 1 87  ? 2.744   4.604   2.011   1.00 13.30 ? 66   PHE A CB  1 
ATOM   496  C CG  . PHE A 1 87  ? 1.528   4.581   2.894   1.00 13.95 ? 66   PHE A CG  1 
ATOM   497  C CD1 . PHE A 1 87  ? 1.364   5.533   3.896   1.00 13.73 ? 66   PHE A CD1 1 
ATOM   498  C CD2 . PHE A 1 87  ? 0.548   3.599   2.736   1.00 15.10 ? 66   PHE A CD2 1 
ATOM   499  C CE1 . PHE A 1 87  ? 0.241   5.513   4.742   1.00 14.66 ? 66   PHE A CE1 1 
ATOM   500  C CE2 . PHE A 1 87  ? -0.592  3.575   3.567   1.00 15.65 ? 66   PHE A CE2 1 
ATOM   501  C CZ  . PHE A 1 87  ? -0.745  4.536   4.567   1.00 15.28 ? 66   PHE A CZ  1 
ATOM   502  N N   . PRO A 1 88  ? 4.177   6.822   -0.414  1.00 12.61 ? 67   PRO A N   1 
ATOM   503  C CA  . PRO A 1 88  ? 5.484   7.153   -1.002  1.00 12.25 ? 67   PRO A CA  1 
ATOM   504  C C   . PRO A 1 88  ? 6.596   7.011   0.034   1.00 12.33 ? 67   PRO A C   1 
ATOM   505  O O   . PRO A 1 88  ? 6.404   7.371   1.199   1.00 12.28 ? 67   PRO A O   1 
ATOM   506  C CB  . PRO A 1 88  ? 5.328   8.620   -1.431  1.00 12.28 ? 67   PRO A CB  1 
ATOM   507  C CG  . PRO A 1 88  ? 3.817   8.877   -1.456  1.00 12.18 ? 67   PRO A CG  1 
ATOM   508  C CD  . PRO A 1 88  ? 3.298   8.001   -0.340  1.00 12.73 ? 67   PRO A CD  1 
ATOM   509  N N   . CYS A 1 89  ? 7.735   6.460   -0.383  1.00 12.15 ? 68   CYS A N   1 
ATOM   510  C CA  . CYS A 1 89  ? 8.859   6.224   0.527   1.00 12.23 ? 68   CYS A CA  1 
ATOM   511  C C   . CYS A 1 89  ? 10.185  6.366   -0.215  1.00 12.05 ? 68   CYS A C   1 
ATOM   512  O O   . CYS A 1 89  ? 10.347  5.819   -1.311  1.00 11.59 ? 68   CYS A O   1 
ATOM   513  C CB  . CYS A 1 89  ? 8.748   4.838   1.176   1.00 12.18 ? 68   CYS A CB  1 
ATOM   514  S SG  . CYS A 1 89  ? 10.061  4.434   2.338   1.00 12.87 ? 68   CYS A SG  1 
ATOM   515  N N   . ASN A 1 90  ? 11.117  7.102   0.392   1.00 12.31 ? 69   ASN A N   1 
ATOM   516  C CA  . ASN A 1 90  ? 12.392  7.448   -0.235  1.00 12.60 ? 69   ASN A CA  1 
ATOM   517  C C   . ASN A 1 90  ? 13.588  6.680   0.367   1.00 12.64 ? 69   ASN A C   1 
ATOM   518  O O   . ASN A 1 90  ? 14.734  7.116   0.242   1.00 12.72 ? 69   ASN A O   1 
ATOM   519  C CB  . ASN A 1 90  ? 12.623  8.970   -0.148  1.00 12.78 ? 69   ASN A CB  1 
ATOM   520  C CG  . ASN A 1 90  ? 13.649  9.480   -1.165  1.00 14.46 ? 69   ASN A CG  1 
ATOM   521  O OD1 . ASN A 1 90  ? 13.789  8.927   -2.260  1.00 15.27 ? 69   ASN A OD1 1 
ATOM   522  N ND2 . ASN A 1 90  ? 14.358  10.550  -0.808  1.00 13.53 ? 69   ASN A ND2 1 
ATOM   523  N N   . GLN A 1 91  ? 13.323  5.537   1.003   1.00 12.06 ? 70   GLN A N   1 
ATOM   524  C CA  . GLN A 1 91  ? 14.385  4.779   1.674   1.00 12.44 ? 70   GLN A CA  1 
ATOM   525  C C   . GLN A 1 91  ? 15.091  3.733   0.804   1.00 12.43 ? 70   GLN A C   1 
ATOM   526  O O   . GLN A 1 91  ? 16.011  3.064   1.270   1.00 12.69 ? 70   GLN A O   1 
ATOM   527  C CB  . GLN A 1 91  ? 13.859  4.081   2.942   1.00 12.08 ? 70   GLN A CB  1 
ATOM   528  C CG  . GLN A 1 91  ? 13.373  4.978   4.047   1.00 11.16 ? 70   GLN A CG  1 
ATOM   529  C CD  . GLN A 1 91  ? 12.951  4.176   5.265   1.00 12.60 ? 70   GLN A CD  1 
ATOM   530  O OE1 . GLN A 1 91  ? 11.879  3.542   5.280   1.00 11.78 ? 70   GLN A OE1 1 
ATOM   531  N NE2 . GLN A 1 91  ? 13.794  4.181   6.292   1.00 11.17 ? 70   GLN A NE2 1 
ATOM   532  N N   . PHE A 1 92  ? 14.663  3.570   -0.439  1.00 13.04 ? 71   PHE A N   1 
ATOM   533  C CA  . PHE A 1 92  ? 15.226  2.515   -1.280  1.00 13.71 ? 71   PHE A CA  1 
ATOM   534  C C   . PHE A 1 92  ? 15.867  3.095   -2.532  1.00 14.39 ? 71   PHE A C   1 
ATOM   535  O O   . PHE A 1 92  ? 15.215  3.256   -3.559  1.00 14.59 ? 71   PHE A O   1 
ATOM   536  C CB  . PHE A 1 92  ? 14.165  1.462   -1.610  1.00 13.06 ? 71   PHE A CB  1 
ATOM   537  C CG  . PHE A 1 92  ? 13.475  0.913   -0.400  1.00 13.13 ? 71   PHE A CG  1 
ATOM   538  C CD1 . PHE A 1 92  ? 14.115  -0.023  0.415   1.00 12.95 ? 71   PHE A CD1 1 
ATOM   539  C CD2 . PHE A 1 92  ? 12.204  1.352   -0.051  1.00 12.36 ? 71   PHE A CD2 1 
ATOM   540  C CE1 . PHE A 1 92  ? 13.486  -0.521  1.545   1.00 14.89 ? 71   PHE A CE1 1 
ATOM   541  C CE2 . PHE A 1 92  ? 11.561  0.857   1.084   1.00 12.07 ? 71   PHE A CE2 1 
ATOM   542  C CZ  . PHE A 1 92  ? 12.197  -0.069  1.883   1.00 12.74 ? 71   PHE A CZ  1 
ATOM   543  N N   . GLY A 1 93  ? 17.153  3.426   -2.420  1.00 15.60 ? 72   GLY A N   1 
ATOM   544  C CA  . GLY A 1 93  ? 17.900  4.038   -3.514  1.00 17.14 ? 72   GLY A CA  1 
ATOM   545  C C   . GLY A 1 93  ? 17.530  5.495   -3.736  1.00 17.95 ? 72   GLY A C   1 
ATOM   546  O O   . GLY A 1 93  ? 17.890  6.089   -4.760  1.00 18.44 ? 72   GLY A O   1 
ATOM   547  N N   . GLY A 1 94  ? 16.814  6.072   -2.774  1.00 18.63 ? 73   GLY A N   1 
ATOM   548  C CA  . GLY A 1 94  ? 16.365  7.462   -2.857  1.00 19.17 ? 73   GLY A CA  1 
ATOM   549  C C   . GLY A 1 94  ? 15.505  7.706   -4.085  1.00 19.65 ? 73   GLY A C   1 
ATOM   550  O O   . GLY A 1 94  ? 15.631  8.733   -4.751  1.00 19.84 ? 73   GLY A O   1 
ATOM   551  N N   . GLN A 1 95  ? 14.610  6.765   -4.365  1.00 19.61 ? 74   GLN A N   1 
ATOM   552  C CA  . GLN A 1 95  ? 13.855  6.771   -5.609  1.00 19.93 ? 74   GLN A CA  1 
ATOM   553  C C   . GLN A 1 95  ? 12.480  7.463   -5.521  1.00 20.16 ? 74   GLN A C   1 
ATOM   554  O O   . GLN A 1 95  ? 11.684  7.401   -6.456  1.00 20.68 ? 74   GLN A O   1 
ATOM   555  C CB  . GLN A 1 95  ? 13.798  5.346   -6.185  1.00 19.71 ? 74   GLN A CB  1 
ATOM   556  C CG  . GLN A 1 95  ? 15.184  4.923   -6.733  1.00 19.95 ? 74   GLN A CG  1 
ATOM   557  C CD  . GLN A 1 95  ? 15.367  3.431   -6.964  1.00 20.31 ? 74   GLN A CD  1 
ATOM   558  O OE1 . GLN A 1 95  ? 14.457  2.625   -6.743  1.00 22.01 ? 74   GLN A OE1 1 
ATOM   559  N NE2 . GLN A 1 95  ? 16.567  3.053   -7.409  1.00 20.24 ? 74   GLN A NE2 1 
ATOM   560  N N   . GLU A 1 96  ? 12.231  8.146   -4.405  1.00 20.32 ? 75   GLU A N   1 
ATOM   561  C CA  . GLU A 1 96  ? 11.062  9.033   -4.264  1.00 21.21 ? 75   GLU A CA  1 
ATOM   562  C C   . GLU A 1 96  ? 11.511  10.416  -3.745  1.00 21.58 ? 75   GLU A C   1 
ATOM   563  O O   . GLU A 1 96  ? 11.172  10.806  -2.619  1.00 21.63 ? 75   GLU A O   1 
ATOM   564  C CB  . GLU A 1 96  ? 9.999   8.392   -3.349  1.00 20.73 ? 75   GLU A CB  1 
ATOM   565  C CG  . GLU A 1 96  ? 8.608   9.060   -3.355  1.00 21.63 ? 75   GLU A CG  1 
ATOM   566  C CD  . GLU A 1 96  ? 7.824   8.836   -4.637  1.00 23.05 ? 75   GLU A CD  1 
ATOM   567  O OE1 . GLU A 1 96  ? 8.228   9.380   -5.689  1.00 22.32 ? 75   GLU A OE1 1 
ATOM   568  O OE2 . GLU A 1 96  ? 6.786   8.132   -4.593  1.00 23.96 ? 75   GLU A OE2 1 
ATOM   569  N N   . PRO A 1 97  ? 12.295  11.157  -4.559  1.00 22.09 ? 76   PRO A N   1 
ATOM   570  C CA  . PRO A 1 97  ? 12.849  12.438  -4.090  1.00 22.72 ? 76   PRO A CA  1 
ATOM   571  C C   . PRO A 1 97  ? 11.857  13.609  -4.088  1.00 23.20 ? 76   PRO A C   1 
ATOM   572  O O   . PRO A 1 97  ? 12.013  14.543  -3.289  1.00 23.43 ? 76   PRO A O   1 
ATOM   573  C CB  . PRO A 1 97  ? 13.981  12.714  -5.087  1.00 22.72 ? 76   PRO A CB  1 
ATOM   574  C CG  . PRO A 1 97  ? 13.512  12.091  -6.344  1.00 22.33 ? 76   PRO A CG  1 
ATOM   575  C CD  . PRO A 1 97  ? 12.727  10.853  -5.937  1.00 21.87 ? 76   PRO A CD  1 
ATOM   576  N N   . GLY A 1 98  ? 10.851  13.557  -4.957  1.00 23.61 ? 77   GLY A N   1 
ATOM   577  C CA  . GLY A 1 98  ? 9.901   14.659  -5.101  1.00 24.58 ? 77   GLY A CA  1 
ATOM   578  C C   . GLY A 1 98  ? 8.956   14.815  -3.924  1.00 25.72 ? 77   GLY A C   1 
ATOM   579  O O   . GLY A 1 98  ? 8.810   13.892  -3.101  1.00 25.74 ? 77   GLY A O   1 
ATOM   580  N N   . ASN A 1 99  ? 8.323   15.985  -3.834  1.00 26.50 ? 78   ASN A N   1 
ATOM   581  C CA  . ASN A 1 99  ? 7.311   16.243  -2.811  1.00 27.63 ? 78   ASN A CA  1 
ATOM   582  C C   . ASN A 1 99  ? 5.979   15.609  -3.198  1.00 28.08 ? 78   ASN A C   1 
ATOM   583  O O   . ASN A 1 99  ? 5.817   15.133  -4.328  1.00 28.32 ? 78   ASN A O   1 
ATOM   584  C CB  . ASN A 1 99  ? 7.163   17.755  -2.521  1.00 27.90 ? 78   ASN A CB  1 
ATOM   585  C CG  . ASN A 1 99  ? 6.640   18.558  -3.724  1.00 28.76 ? 78   ASN A CG  1 
ATOM   586  O OD1 . ASN A 1 99  ? 5.997   18.019  -4.629  1.00 30.94 ? 78   ASN A OD1 1 
ATOM   587  N ND2 . ASN A 1 99  ? 6.915   19.858  -3.728  1.00 29.68 ? 78   ASN A ND2 1 
ATOM   588  N N   . GLU A 1 100 ? 5.028   15.610  -2.269  1.00 29.08 ? 79   GLU A N   1 
ATOM   589  C CA  . GLU A 1 100 ? 3.739   14.951  -2.486  1.00 30.00 ? 79   GLU A CA  1 
ATOM   590  C C   . GLU A 1 100 ? 2.961   15.473  -3.686  1.00 30.90 ? 79   GLU A C   1 
ATOM   591  O O   . GLU A 1 100 ? 2.344   14.679  -4.398  1.00 31.23 ? 79   GLU A O   1 
ATOM   592  C CB  . GLU A 1 100 ? 2.875   14.987  -1.221  1.00 30.00 ? 79   GLU A CB  1 
ATOM   593  C CG  . GLU A 1 100 ? 3.346   14.029  -0.123  1.00 28.72 ? 79   GLU A CG  1 
ATOM   594  C CD  . GLU A 1 100 ? 4.398   14.628  0.789   1.00 26.62 ? 79   GLU A CD  1 
ATOM   595  O OE1 . GLU A 1 100 ? 4.878   15.748  0.514   1.00 25.81 ? 79   GLU A OE1 1 
ATOM   596  O OE2 . GLU A 1 100 ? 4.743   13.979  1.798   1.00 25.54 ? 79   GLU A OE2 1 
ATOM   597  N N   . GLU A 1 101 ? 2.989   16.789  -3.913  1.00 31.92 ? 80   GLU A N   1 
ATOM   598  C CA  A GLU A 1 101 ? 2.309   17.413  -5.064  0.50 32.61 ? 80   GLU A CA  1 
ATOM   599  C CA  B GLU A 1 101 ? 2.277   17.364  -5.058  0.50 32.49 ? 80   GLU A CA  1 
ATOM   600  C C   . GLU A 1 101 ? 2.899   16.936  -6.395  1.00 32.90 ? 80   GLU A C   1 
ATOM   601  O O   . GLU A 1 101 ? 2.174   16.701  -7.368  1.00 33.14 ? 80   GLU A O   1 
ATOM   602  C CB  A GLU A 1 101 ? 2.383   18.944  -4.976  0.50 32.67 ? 80   GLU A CB  1 
ATOM   603  C CB  B GLU A 1 101 ? 2.105   18.892  -4.944  0.50 32.51 ? 80   GLU A CB  1 
ATOM   604  C CG  A GLU A 1 101 ? 1.664   19.677  -6.114  0.50 33.26 ? 80   GLU A CG  1 
ATOM   605  C CG  B GLU A 1 101 ? 3.340   19.694  -4.532  0.50 32.51 ? 80   GLU A CG  1 
ATOM   606  C CD  A GLU A 1 101 ? 2.274   21.034  -6.430  0.50 33.85 ? 80   GLU A CD  1 
ATOM   607  C CD  B GLU A 1 101 ? 3.462   19.890  -3.024  0.50 33.05 ? 80   GLU A CD  1 
ATOM   608  O OE1 A GLU A 1 101 ? 2.459   21.847  -5.495  0.50 33.65 ? 80   GLU A OE1 1 
ATOM   609  O OE1 B GLU A 1 101 ? 3.574   18.883  -2.285  0.50 32.90 ? 80   GLU A OE1 1 
ATOM   610  O OE2 A GLU A 1 101 ? 2.561   21.290  -7.621  0.50 34.46 ? 80   GLU A OE2 1 
ATOM   611  O OE2 B GLU A 1 101 ? 3.468   21.060  -2.578  0.50 32.48 ? 80   GLU A OE2 1 
ATOM   612  N N   . GLU A 1 102 ? 4.224   16.804  -6.435  1.00 33.61 ? 81   GLU A N   1 
ATOM   613  C CA  . GLU A 1 102 ? 4.918   16.291  -7.621  1.00 34.48 ? 81   GLU A CA  1 
ATOM   614  C C   . GLU A 1 102 ? 4.572   14.823  -7.857  1.00 34.91 ? 81   GLU A C   1 
ATOM   615  O O   . GLU A 1 102 ? 4.333   14.405  -9.000  1.00 34.63 ? 81   GLU A O   1 
ATOM   616  C CB  . GLU A 1 102 ? 6.429   16.469  -7.486  1.00 34.71 ? 81   GLU A CB  1 
ATOM   617  C CG  . GLU A 1 102 ? 6.899   17.884  -7.764  1.00 35.98 ? 81   GLU A CG  1 
ATOM   618  C CD  . GLU A 1 102 ? 8.236   18.225  -7.123  1.00 37.39 ? 81   GLU A CD  1 
ATOM   619  O OE1 . GLU A 1 102 ? 8.716   17.466  -6.250  1.00 37.93 ? 81   GLU A OE1 1 
ATOM   620  O OE2 . GLU A 1 102 ? 8.802   19.278  -7.489  1.00 38.19 ? 81   GLU A OE2 1 
ATOM   621  N N   . ILE A 1 103 ? 4.527   14.052  -6.766  1.00 35.21 ? 82   ILE A N   1 
ATOM   622  C CA  . ILE A 1 103 ? 4.142   12.643  -6.821  1.00 35.51 ? 82   ILE A CA  1 
ATOM   623  C C   . ILE A 1 103 ? 2.689   12.504  -7.300  1.00 36.17 ? 82   ILE A C   1 
ATOM   624  O O   . ILE A 1 103 ? 2.405   11.725  -8.212  1.00 36.01 ? 82   ILE A O   1 
ATOM   625  C CB  . ILE A 1 103 ? 4.355   11.930  -5.452  1.00 35.26 ? 82   ILE A CB  1 
ATOM   626  C CG1 . ILE A 1 103 ? 5.844   11.870  -5.096  1.00 34.67 ? 82   ILE A CG1 1 
ATOM   627  C CG2 . ILE A 1 103 ? 3.769   10.521  -5.475  1.00 35.08 ? 82   ILE A CG2 1 
ATOM   628  C CD1 . ILE A 1 103 ? 6.123   11.832  -3.599  1.00 34.07 ? 82   ILE A CD1 1 
ATOM   629  N N   . LYS A 1 104 ? 1.783   13.269  -6.692  1.00 37.15 ? 83   LYS A N   1 
ATOM   630  C CA  . LYS A 1 104 ? 0.374   13.295  -7.101  1.00 38.32 ? 83   LYS A CA  1 
ATOM   631  C C   . LYS A 1 104 ? 0.213   13.521  -8.604  1.00 38.88 ? 83   LYS A C   1 
ATOM   632  O O   . LYS A 1 104 ? -0.560  12.825  -9.260  1.00 38.91 ? 83   LYS A O   1 
ATOM   633  C CB  . LYS A 1 104 ? -0.402  14.366  -6.325  1.00 38.45 ? 83   LYS A CB  1 
ATOM   634  C CG  . LYS A 1 104 ? -0.959  13.891  -4.992  1.00 39.06 ? 83   LYS A CG  1 
ATOM   635  C CD  . LYS A 1 104 ? -1.143  15.037  -3.995  1.00 40.34 ? 83   LYS A CD  1 
ATOM   636  C CE  . LYS A 1 104 ? -2.374  15.898  -4.265  1.00 41.65 ? 83   LYS A CE  1 
ATOM   637  N NZ  . LYS A 1 104 ? -2.016  17.212  -4.888  1.00 42.41 ? 83   LYS A NZ  1 
ATOM   638  N N   . GLU A 1 105 ? 0.958   14.483  -9.143  1.00 39.74 ? 84   GLU A N   1 
ATOM   639  C CA  . GLU A 1 105 ? 0.858   14.827  -10.559 1.00 40.84 ? 84   GLU A CA  1 
ATOM   640  C C   . GLU A 1 105 ? 1.405   13.723  -11.467 1.00 41.02 ? 84   GLU A C   1 
ATOM   641  O O   . GLU A 1 105 ? 0.718   13.280  -12.389 1.00 41.21 ? 84   GLU A O   1 
ATOM   642  C CB  . GLU A 1 105 ? 1.536   16.172  -10.850 1.00 41.03 ? 84   GLU A CB  1 
ATOM   643  C CG  . GLU A 1 105 ? 1.044   16.847  -12.135 1.00 42.78 ? 84   GLU A CG  1 
ATOM   644  C CD  . GLU A 1 105 ? -0.465  17.092  -12.136 1.00 44.71 ? 84   GLU A CD  1 
ATOM   645  O OE1 . GLU A 1 105 ? -0.939  17.972  -11.379 1.00 45.58 ? 84   GLU A OE1 1 
ATOM   646  O OE2 . GLU A 1 105 ? -1.177  16.400  -12.896 1.00 45.34 ? 84   GLU A OE2 1 
ATOM   647  N N   . PHE A 1 106 ? 2.630   13.279  -11.192 1.00 41.40 ? 85   PHE A N   1 
ATOM   648  C CA  . PHE A 1 106 ? 3.275   12.193  -11.940 1.00 41.76 ? 85   PHE A CA  1 
ATOM   649  C C   . PHE A 1 106 ? 2.373   10.958  -12.045 1.00 42.14 ? 85   PHE A C   1 
ATOM   650  O O   . PHE A 1 106 ? 2.163   10.410  -13.131 1.00 42.02 ? 85   PHE A O   1 
ATOM   651  C CB  . PHE A 1 106 ? 4.615   11.843  -11.276 1.00 41.64 ? 85   PHE A CB  1 
ATOM   652  C CG  . PHE A 1 106 ? 5.242   10.567  -11.775 1.00 41.59 ? 85   PHE A CG  1 
ATOM   653  C CD1 . PHE A 1 106 ? 6.041   10.567  -12.916 1.00 42.03 ? 85   PHE A CD1 1 
ATOM   654  C CD2 . PHE A 1 106 ? 5.055   9.367   -11.088 1.00 41.73 ? 85   PHE A CD2 1 
ATOM   655  C CE1 . PHE A 1 106 ? 6.633   9.386   -13.377 1.00 41.99 ? 85   PHE A CE1 1 
ATOM   656  C CE2 . PHE A 1 106 ? 5.638   8.180   -11.540 1.00 41.20 ? 85   PHE A CE2 1 
ATOM   657  C CZ  . PHE A 1 106 ? 6.427   8.190   -12.687 1.00 41.60 ? 85   PHE A CZ  1 
ATOM   658  N N   . VAL A 1 107 ? 1.838   10.550  -10.899 1.00 42.63 ? 86   VAL A N   1 
ATOM   659  C CA  . VAL A 1 107 ? 1.037   9.337   -10.760 1.00 43.13 ? 86   VAL A CA  1 
ATOM   660  C C   . VAL A 1 107 ? -0.262  9.381   -11.578 1.00 43.64 ? 86   VAL A C   1 
ATOM   661  O O   . VAL A 1 107 ? -0.664  8.381   -12.184 1.00 43.46 ? 86   VAL A O   1 
ATOM   662  C CB  . VAL A 1 107 ? 0.773   9.060   -9.253  1.00 43.13 ? 86   VAL A CB  1 
ATOM   663  C CG1 . VAL A 1 107 ? -0.363  8.076   -9.035  1.00 42.82 ? 86   VAL A CG1 1 
ATOM   664  C CG2 . VAL A 1 107 ? 2.054   8.566   -8.588  1.00 43.19 ? 86   VAL A CG2 1 
ATOM   665  N N   . CYS A 1 108 ? -0.899  10.547  -11.601 1.00 44.32 ? 87   CYS A N   1 
ATOM   666  C CA  . CYS A 1 108 ? -2.162  10.723  -12.316 1.00 45.05 ? 87   CYS A CA  1 
ATOM   667  C C   . CYS A 1 108 ? -1.982  10.896  -13.826 1.00 45.09 ? 87   CYS A C   1 
ATOM   668  O O   . CYS A 1 108 ? -2.775  10.367  -14.604 1.00 45.25 ? 87   CYS A O   1 
ATOM   669  C CB  . CYS A 1 108 ? -2.948  11.887  -11.719 1.00 45.25 ? 87   CYS A CB  1 
ATOM   670  S SG  . CYS A 1 108 ? -3.508  11.555  -10.033 1.00 46.85 ? 87   CYS A SG  1 
ATOM   671  N N   . THR A 1 109 ? -0.941  11.623  -14.230 1.00 45.16 ? 88   THR A N   1 
ATOM   672  C CA  . THR A 1 109 ? -0.656  11.849  -15.654 1.00 45.33 ? 88   THR A CA  1 
ATOM   673  C C   . THR A 1 109 ? -0.192  10.579  -16.374 1.00 45.15 ? 88   THR A C   1 
ATOM   674  O O   . THR A 1 109 ? -0.631  10.300  -17.495 1.00 45.28 ? 88   THR A O   1 
ATOM   675  C CB  . THR A 1 109 ? 0.392   12.977  -15.882 1.00 45.38 ? 88   THR A CB  1 
ATOM   676  O OG1 . THR A 1 109 ? 1.604   12.668  -15.183 1.00 46.01 ? 88   THR A OG1 1 
ATOM   677  C CG2 . THR A 1 109 ? -0.137  14.329  -15.410 1.00 45.53 ? 88   THR A CG2 1 
ATOM   678  N N   . LYS A 1 110 ? 0.683   9.811   -15.728 1.00 44.79 ? 89   LYS A N   1 
ATOM   679  C CA  . LYS A 1 110 ? 1.292   8.646   -16.366 1.00 44.43 ? 89   LYS A CA  1 
ATOM   680  C C   . LYS A 1 110 ? 0.428   7.388   -16.312 1.00 44.03 ? 89   LYS A C   1 
ATOM   681  O O   . LYS A 1 110 ? 0.316   6.663   -17.306 1.00 43.95 ? 89   LYS A O   1 
ATOM   682  C CB  . LYS A 1 110 ? 2.679   8.364   -15.785 1.00 44.53 ? 89   LYS A CB  1 
ATOM   683  C CG  . LYS A 1 110 ? 3.781   9.221   -16.373 1.00 45.34 ? 89   LYS A CG  1 
ATOM   684  C CD  . LYS A 1 110 ? 5.056   8.415   -16.568 1.00 46.45 ? 89   LYS A CD  1 
ATOM   685  C CE  . LYS A 1 110 ? 5.978   9.085   -17.581 1.00 47.64 ? 89   LYS A CE  1 
ATOM   686  N NZ  . LYS A 1 110 ? 6.886   8.105   -18.257 1.00 47.73 ? 89   LYS A NZ  1 
ATOM   687  N N   . PHE A 1 111 ? -0.200  7.145   -15.165 1.00 43.41 ? 90   PHE A N   1 
ATOM   688  C CA  . PHE A 1 111 ? -0.838  5.857   -14.914 1.00 42.75 ? 90   PHE A CA  1 
ATOM   689  C C   . PHE A 1 111 ? -2.349  5.908   -14.776 1.00 42.37 ? 90   PHE A C   1 
ATOM   690  O O   . PHE A 1 111 ? -3.011  4.866   -14.826 1.00 42.44 ? 90   PHE A O   1 
ATOM   691  C CB  . PHE A 1 111 ? -0.191  5.177   -13.702 1.00 42.75 ? 90   PHE A CB  1 
ATOM   692  C CG  . PHE A 1 111 ? 1.301   5.037   -13.823 1.00 42.34 ? 90   PHE A CG  1 
ATOM   693  C CD1 . PHE A 1 111 ? 1.856   4.030   -14.610 1.00 42.07 ? 90   PHE A CD1 1 
ATOM   694  C CD2 . PHE A 1 111 ? 2.151   5.925   -13.170 1.00 42.10 ? 90   PHE A CD2 1 
ATOM   695  C CE1 . PHE A 1 111 ? 3.233   3.903   -14.737 1.00 42.08 ? 90   PHE A CE1 1 
ATOM   696  C CE2 . PHE A 1 111 ? 3.532   5.808   -13.291 1.00 42.22 ? 90   PHE A CE2 1 
ATOM   697  C CZ  . PHE A 1 111 ? 4.074   4.793   -14.078 1.00 42.44 ? 90   PHE A CZ  1 
ATOM   698  N N   . LYS A 1 112 ? -2.890  7.118   -14.625 1.00 41.76 ? 91   LYS A N   1 
ATOM   699  C CA  . LYS A 1 112 ? -4.326  7.325   -14.406 1.00 41.25 ? 91   LYS A CA  1 
ATOM   700  C C   . LYS A 1 112 ? -4.794  6.644   -13.121 1.00 40.43 ? 91   LYS A C   1 
ATOM   701  O O   . LYS A 1 112 ? -5.914  6.124   -13.042 1.00 40.48 ? 91   LYS A O   1 
ATOM   702  C CB  . LYS A 1 112 ? -5.155  6.864   -15.624 1.00 41.52 ? 91   LYS A CB  1 
ATOM   703  C CG  . LYS A 1 112 ? -5.568  7.979   -16.589 1.00 42.41 ? 91   LYS A CG  1 
ATOM   704  C CD  . LYS A 1 112 ? -4.376  8.732   -17.168 1.00 43.83 ? 91   LYS A CD  1 
ATOM   705  C CE  . LYS A 1 112 ? -4.821  9.999   -17.888 1.00 44.57 ? 91   LYS A CE  1 
ATOM   706  N NZ  . LYS A 1 112 ? -3.755  11.041  -17.846 1.00 45.00 ? 91   LYS A NZ  1 
ATOM   707  N N   . ALA A 1 113 ? -3.915  6.650   -12.121 1.00 39.15 ? 92   ALA A N   1 
ATOM   708  C CA  . ALA A 1 113 ? -4.219  6.083   -10.815 1.00 37.90 ? 92   ALA A CA  1 
ATOM   709  C C   . ALA A 1 113 ? -5.129  7.032   -10.040 1.00 36.83 ? 92   ALA A C   1 
ATOM   710  O O   . ALA A 1 113 ? -4.787  8.197   -9.805  1.00 37.02 ? 92   ALA A O   1 
ATOM   711  C CB  . ALA A 1 113 ? -2.935  5.798   -10.045 1.00 37.91 ? 92   ALA A CB  1 
ATOM   712  N N   . GLU A 1 114 ? -6.296  6.523   -9.667  1.00 35.22 ? 93   GLU A N   1 
ATOM   713  C CA  . GLU A 1 114 ? -7.337  7.324   -9.040  1.00 33.85 ? 93   GLU A CA  1 
ATOM   714  C C   . GLU A 1 114 ? -7.467  6.988   -7.552  1.00 32.11 ? 93   GLU A C   1 
ATOM   715  O O   . GLU A 1 114 ? -8.245  7.621   -6.830  1.00 32.00 ? 93   GLU A O   1 
ATOM   716  C CB  . GLU A 1 114 ? -8.672  7.102   -9.762  1.00 33.93 ? 93   GLU A CB  1 
ATOM   717  C CG  . GLU A 1 114 ? -8.591  7.270   -11.286 1.00 34.94 ? 93   GLU A CG  1 
ATOM   718  C CD  . GLU A 1 114 ? -9.830  6.762   -12.018 1.00 34.89 ? 93   GLU A CD  1 
ATOM   719  O OE1 . GLU A 1 114 ? -9.694  6.311   -13.175 1.00 37.19 ? 93   GLU A OE1 1 
ATOM   720  O OE2 . GLU A 1 114 ? -10.937 6.809   -11.445 1.00 36.86 ? 93   GLU A OE2 1 
ATOM   721  N N   . PHE A 1 115 ? -6.698  5.992   -7.106  1.00 29.73 ? 94   PHE A N   1 
ATOM   722  C CA  . PHE A 1 115 ? -6.686  5.588   -5.705  1.00 27.37 ? 94   PHE A CA  1 
ATOM   723  C C   . PHE A 1 115 ? -5.937  6.607   -4.822  1.00 25.86 ? 94   PHE A C   1 
ATOM   724  O O   . PHE A 1 115 ? -5.147  7.404   -5.328  1.00 25.41 ? 94   PHE A O   1 
ATOM   725  C CB  . PHE A 1 115 ? -6.141  4.158   -5.545  1.00 27.13 ? 94   PHE A CB  1 
ATOM   726  C CG  . PHE A 1 115 ? -4.812  3.917   -6.218  1.00 27.28 ? 94   PHE A CG  1 
ATOM   727  C CD1 . PHE A 1 115 ? -4.748  3.215   -7.419  1.00 26.63 ? 94   PHE A CD1 1 
ATOM   728  C CD2 . PHE A 1 115 ? -3.622  4.367   -5.639  1.00 26.58 ? 94   PHE A CD2 1 
ATOM   729  C CE1 . PHE A 1 115 ? -3.526  2.978   -8.043  1.00 26.86 ? 94   PHE A CE1 1 
ATOM   730  C CE2 . PHE A 1 115 ? -2.394  4.135   -6.252  1.00 26.61 ? 94   PHE A CE2 1 
ATOM   731  C CZ  . PHE A 1 115 ? -2.345  3.443   -7.461  1.00 26.77 ? 94   PHE A CZ  1 
ATOM   732  N N   . PRO A 1 116 ? -6.211  6.602   -3.503  1.00 24.41 ? 95   PRO A N   1 
ATOM   733  C CA  . PRO A 1 116 ? -5.579  7.542   -2.573  1.00 23.31 ? 95   PRO A CA  1 
ATOM   734  C C   . PRO A 1 116 ? -4.058  7.421   -2.478  1.00 22.40 ? 95   PRO A C   1 
ATOM   735  O O   . PRO A 1 116 ? -3.533  6.326   -2.238  1.00 21.63 ? 95   PRO A O   1 
ATOM   736  C CB  . PRO A 1 116 ? -6.204  7.164   -1.229  1.00 23.28 ? 95   PRO A CB  1 
ATOM   737  C CG  . PRO A 1 116 ? -7.491  6.515   -1.582  1.00 24.05 ? 95   PRO A CG  1 
ATOM   738  C CD  . PRO A 1 116 ? -7.171  5.730   -2.805  1.00 24.26 ? 95   PRO A CD  1 
ATOM   739  N N   . ILE A 1 117 ? -3.375  8.551   -2.675  1.00 21.18 ? 96   ILE A N   1 
ATOM   740  C CA  . ILE A 1 117 ? -1.932  8.671   -2.461  1.00 20.34 ? 96   ILE A CA  1 
ATOM   741  C C   . ILE A 1 117 ? -1.697  9.379   -1.121  1.00 19.41 ? 96   ILE A C   1 
ATOM   742  O O   . ILE A 1 117 ? -2.253  10.453  -0.867  1.00 19.10 ? 96   ILE A O   1 
ATOM   743  C CB  . ILE A 1 117 ? -1.229  9.481   -3.586  1.00 20.36 ? 96   ILE A CB  1 
ATOM   744  C CG1 . ILE A 1 117 ? -1.601  8.963   -4.987  1.00 21.23 ? 96   ILE A CG1 1 
ATOM   745  C CG2 . ILE A 1 117 ? 0.288   9.480   -3.394  1.00 20.24 ? 96   ILE A CG2 1 
ATOM   746  C CD1 . ILE A 1 117 ? -1.251  7.506   -5.247  1.00 22.04 ? 96   ILE A CD1 1 
ATOM   747  N N   . MET A 1 118 ? -0.863  8.775   -0.281  1.00 17.96 ? 97   MET A N   1 
ATOM   748  C CA  . MET A 1 118 ? -0.611  9.280   1.065   1.00 16.67 ? 97   MET A CA  1 
ATOM   749  C C   . MET A 1 118 ? 0.626   10.189  1.138   1.00 15.77 ? 97   MET A C   1 
ATOM   750  O O   . MET A 1 118 ? 1.361   10.344  0.162   1.00 14.96 ? 97   MET A O   1 
ATOM   751  C CB  . MET A 1 118 ? -0.485  8.107   2.050   1.00 16.91 ? 97   MET A CB  1 
ATOM   752  C CG  . MET A 1 118 ? -1.645  7.108   2.006   1.00 17.80 ? 97   MET A CG  1 
ATOM   753  S SD  . MET A 1 118 ? -3.238  7.843   2.450   1.00 19.88 ? 97   MET A SD  1 
ATOM   754  C CE  . MET A 1 118 ? -4.383  6.775   1.610   1.00 20.66 ? 97   MET A CE  1 
ATOM   755  N N   . ALA A 1 119 ? 0.840   10.796  2.305   1.00 14.62 ? 98   ALA A N   1 
ATOM   756  C CA  . ALA A 1 119 ? 2.044   11.568  2.568   1.00 14.13 ? 98   ALA A CA  1 
ATOM   757  C C   . ALA A 1 119 ? 3.252   10.629  2.639   1.00 13.89 ? 98   ALA A C   1 
ATOM   758  O O   . ALA A 1 119 ? 3.122   9.476   3.080   1.00 13.17 ? 98   ALA A O   1 
ATOM   759  C CB  . ALA A 1 119 ? 1.906   12.321  3.873   1.00 13.82 ? 98   ALA A CB  1 
ATOM   760  N N   . LYS A 1 120 ? 4.415   11.137  2.225   1.00 13.55 ? 99   LYS A N   1 
ATOM   761  C CA  . LYS A 1 120 ? 5.675   10.391  2.282   1.00 14.25 ? 99   LYS A CA  1 
ATOM   762  C C   . LYS A 1 120 ? 5.993   9.969   3.718   1.00 13.51 ? 99   LYS A C   1 
ATOM   763  O O   . LYS A 1 120 ? 5.787   10.727  4.661   1.00 13.24 ? 99   LYS A O   1 
ATOM   764  C CB  . LYS A 1 120 ? 6.846   11.207  1.719   1.00 14.01 ? 99   LYS A CB  1 
ATOM   765  C CG  . LYS A 1 120 ? 6.669   11.712  0.272   1.00 16.55 ? 99   LYS A CG  1 
ATOM   766  C CD  . LYS A 1 120 ? 7.859   12.583  -0.197  1.00 16.61 ? 99   LYS A CD  1 
ATOM   767  C CE  . LYS A 1 120 ? 9.179   11.814  -0.208  1.00 18.69 ? 99   LYS A CE  1 
ATOM   768  N NZ  . LYS A 1 120 ? 10.304  12.591  -0.812  1.00 19.67 ? 99   LYS A NZ  1 
ATOM   769  N N   . ILE A 1 121 ? 6.502   8.754   3.864   1.00 13.28 ? 100  ILE A N   1 
ATOM   770  C CA  . ILE A 1 121 ? 6.793   8.181   5.170   1.00 13.30 ? 100  ILE A CA  1 
ATOM   771  C C   . ILE A 1 121 ? 8.054   7.335   5.101   1.00 13.23 ? 100  ILE A C   1 
ATOM   772  O O   . ILE A 1 121 ? 8.558   7.041   4.014   1.00 12.68 ? 100  ILE A O   1 
ATOM   773  C CB  . ILE A 1 121 ? 5.625   7.269   5.677   1.00 13.30 ? 100  ILE A CB  1 
ATOM   774  C CG1 . ILE A 1 121 ? 5.327   6.149   4.668   1.00 13.49 ? 100  ILE A CG1 1 
ATOM   775  C CG2 . ILE A 1 121 ? 4.362   8.092   6.002   1.00 12.71 ? 100  ILE A CG2 1 
ATOM   776  C CD1 . ILE A 1 121 ? 4.643   4.929   5.298   1.00 12.97 ? 100  ILE A CD1 1 
ATOM   777  N N   . ASN A 1 122 ? 8.550   6.946   6.272   1.00 13.20 ? 101  ASN A N   1 
ATOM   778  C CA  . ASN A 1 122 ? 9.516   5.874   6.394   1.00 13.48 ? 101  ASN A CA  1 
ATOM   779  C C   . ASN A 1 122 ? 8.788   4.557   6.704   1.00 13.94 ? 101  ASN A C   1 
ATOM   780  O O   . ASN A 1 122 ? 7.847   4.533   7.505   1.00 14.05 ? 101  ASN A O   1 
ATOM   781  C CB  . ASN A 1 122 ? 10.532  6.194   7.502   1.00 13.74 ? 101  ASN A CB  1 
ATOM   782  C CG  . ASN A 1 122 ? 11.634  7.138   7.047   1.00 13.82 ? 101  ASN A CG  1 
ATOM   783  O OD1 . ASN A 1 122 ? 11.640  7.629   5.917   1.00 14.59 ? 101  ASN A OD1 1 
ATOM   784  N ND2 . ASN A 1 122 ? 12.592  7.373   7.925   1.00 16.76 ? 101  ASN A ND2 1 
ATOM   785  N N   . VAL A 1 123 ? 9.214   3.476   6.056   1.00 14.44 ? 102  VAL A N   1 
ATOM   786  C CA  . VAL A 1 123 ? 8.663   2.136   6.300   1.00 15.38 ? 102  VAL A CA  1 
ATOM   787  C C   . VAL A 1 123 ? 9.569   1.275   7.189   1.00 16.04 ? 102  VAL A C   1 
ATOM   788  O O   . VAL A 1 123 ? 9.099   0.309   7.793   1.00 16.29 ? 102  VAL A O   1 
ATOM   789  C CB  . VAL A 1 123 ? 8.302   1.370   4.969   1.00 15.06 ? 102  VAL A CB  1 
ATOM   790  C CG1 . VAL A 1 123 ? 7.243   2.137   4.159   1.00 14.59 ? 102  VAL A CG1 1 
ATOM   791  C CG2 . VAL A 1 123 ? 9.548   1.087   4.124   1.00 14.90 ? 102  VAL A CG2 1 
ATOM   792  N N   . ASN A 1 124 ? 10.856  1.632   7.254   1.00 17.09 ? 103  ASN A N   1 
ATOM   793  C CA  . ASN A 1 124 ? 11.846  0.961   8.104   1.00 18.04 ? 103  ASN A CA  1 
ATOM   794  C C   . ASN A 1 124 ? 12.546  1.925   9.063   1.00 19.01 ? 103  ASN A C   1 
ATOM   795  O O   . ASN A 1 124 ? 12.679  3.117   8.775   1.00 18.86 ? 103  ASN A O   1 
ATOM   796  C CB  . ASN A 1 124 ? 12.941  0.308   7.257   1.00 17.89 ? 103  ASN A CB  1 
ATOM   797  C CG  . ASN A 1 124 ? 12.429  -0.796  6.355   1.00 17.67 ? 103  ASN A CG  1 
ATOM   798  O OD1 . ASN A 1 124 ? 11.519  -1.546  6.712   1.00 18.08 ? 103  ASN A OD1 1 
ATOM   799  N ND2 . ASN A 1 124 ? 13.048  -0.923  5.182   1.00 17.07 ? 103  ASN A ND2 1 
ATOM   800  N N   . GLY A 1 125 ? 13.020  1.389   10.187  1.00 20.08 ? 104  GLY A N   1 
ATOM   801  C CA  . GLY A 1 125 ? 13.892  2.124   11.104  1.00 21.18 ? 104  GLY A CA  1 
ATOM   802  C C   . GLY A 1 125 ? 13.175  2.827   12.240  1.00 21.86 ? 104  GLY A C   1 
ATOM   803  O O   . GLY A 1 125 ? 11.983  2.624   12.443  1.00 21.85 ? 104  GLY A O   1 
ATOM   804  N N   . GLU A 1 126 ? 13.909  3.690   12.944  1.00 22.64 ? 105  GLU A N   1 
ATOM   805  C CA  A GLU A 1 126 ? 13.409  4.385   14.134  0.50 23.19 ? 105  GLU A CA  1 
ATOM   806  C CA  B GLU A 1 126 ? 13.388  4.360   14.137  0.50 23.20 ? 105  GLU A CA  1 
ATOM   807  C C   . GLU A 1 126 ? 12.239  5.336   13.851  1.00 23.25 ? 105  GLU A C   1 
ATOM   808  O O   . GLU A 1 126 ? 11.468  5.665   14.753  1.00 23.04 ? 105  GLU A O   1 
ATOM   809  C CB  A GLU A 1 126 ? 14.548  5.144   14.834  0.50 23.30 ? 105  GLU A CB  1 
ATOM   810  C CB  B GLU A 1 126 ? 14.516  5.067   14.893  0.50 23.34 ? 105  GLU A CB  1 
ATOM   811  C CG  A GLU A 1 126 ? 15.258  6.186   13.967  0.50 23.65 ? 105  GLU A CG  1 
ATOM   812  C CG  B GLU A 1 126 ? 15.350  4.132   15.765  0.50 23.92 ? 105  GLU A CG  1 
ATOM   813  C CD  A GLU A 1 126 ? 16.220  7.060   14.757  0.50 24.06 ? 105  GLU A CD  1 
ATOM   814  C CD  B GLU A 1 126 ? 16.646  4.760   16.248  0.50 23.90 ? 105  GLU A CD  1 
ATOM   815  O OE1 A GLU A 1 126 ? 15.809  7.603   15.807  0.50 25.11 ? 105  GLU A OE1 1 
ATOM   816  O OE1 B GLU A 1 126 ? 16.781  6.004   16.191  0.50 24.93 ? 105  GLU A OE1 1 
ATOM   817  O OE2 A GLU A 1 126 ? 17.385  7.209   14.322  0.50 24.37 ? 105  GLU A OE2 1 
ATOM   818  O OE2 B GLU A 1 126 ? 17.537  4.001   16.685  0.50 24.54 ? 105  GLU A OE2 1 
ATOM   819  N N   . ASN A 1 127 ? 12.125  5.789   12.603  1.00 23.17 ? 106  ASN A N   1 
ATOM   820  C CA  . ASN A 1 127 ? 11.031  6.674   12.212  1.00 23.52 ? 106  ASN A CA  1 
ATOM   821  C C   . ASN A 1 127 ? 9.992   5.999   11.299  1.00 23.03 ? 106  ASN A C   1 
ATOM   822  O O   . ASN A 1 127 ? 9.173   6.673   10.674  1.00 23.00 ? 106  ASN A O   1 
ATOM   823  C CB  . ASN A 1 127 ? 11.577  7.964   11.585  1.00 24.12 ? 106  ASN A CB  1 
ATOM   824  C CG  . ASN A 1 127 ? 12.120  8.942   12.624  1.00 26.21 ? 106  ASN A CG  1 
ATOM   825  O OD1 . ASN A 1 127 ? 11.583  9.067   13.733  1.00 28.48 ? 106  ASN A OD1 1 
ATOM   826  N ND2 . ASN A 1 127 ? 13.192  9.642   12.268  1.00 27.56 ? 106  ASN A ND2 1 
ATOM   827  N N   . ALA A 1 128 ? 10.035  4.669   11.234  1.00 22.68 ? 107  ALA A N   1 
ATOM   828  C CA  . ALA A 1 128 ? 9.027   3.882   10.518  1.00 22.35 ? 107  ALA A CA  1 
ATOM   829  C C   . ALA A 1 128 ? 7.637   4.157   11.073  1.00 22.37 ? 107  ALA A C   1 
ATOM   830  O O   . ALA A 1 128 ? 7.433   4.146   12.290  1.00 22.55 ? 107  ALA A O   1 
ATOM   831  C CB  . ALA A 1 128 ? 9.333   2.403   10.615  1.00 22.14 ? 107  ALA A CB  1 
ATOM   832  N N   . HIS A 1 129 ? 6.685   4.398   10.176  1.00 22.20 ? 108  HIS A N   1 
ATOM   833  C CA  . HIS A 1 129 ? 5.304   4.642   10.567  1.00 22.03 ? 108  HIS A CA  1 
ATOM   834  C C   . HIS A 1 129 ? 4.802   3.468   11.418  1.00 21.97 ? 108  HIS A C   1 
ATOM   835  O O   . HIS A 1 129 ? 5.095   2.311   11.106  1.00 21.61 ? 108  HIS A O   1 
ATOM   836  C CB  . HIS A 1 129 ? 4.431   4.839   9.325   1.00 21.84 ? 108  HIS A CB  1 
ATOM   837  C CG  . HIS A 1 129 ? 3.127   5.516   9.599   1.00 22.17 ? 108  HIS A CG  1 
ATOM   838  N ND1 . HIS A 1 129 ? 2.106   4.910   10.297  1.00 22.51 ? 108  HIS A ND1 1 
ATOM   839  C CD2 . HIS A 1 129 ? 2.673   6.747   9.261   1.00 23.20 ? 108  HIS A CD2 1 
ATOM   840  C CE1 . HIS A 1 129 ? 1.083   5.741   10.388  1.00 22.87 ? 108  HIS A CE1 1 
ATOM   841  N NE2 . HIS A 1 129 ? 1.398   6.860   9.760   1.00 23.12 ? 108  HIS A NE2 1 
ATOM   842  N N   . PRO A 1 130 ? 4.089   3.768   12.527  1.00 22.05 ? 109  PRO A N   1 
ATOM   843  C CA  . PRO A 1 130 ? 3.502   2.723   13.377  1.00 21.65 ? 109  PRO A CA  1 
ATOM   844  C C   . PRO A 1 130 ? 2.666   1.696   12.599  1.00 21.24 ? 109  PRO A C   1 
ATOM   845  O O   . PRO A 1 130 ? 2.745   0.502   12.888  1.00 21.23 ? 109  PRO A O   1 
ATOM   846  C CB  . PRO A 1 130 ? 2.619   3.515   14.340  1.00 21.89 ? 109  PRO A CB  1 
ATOM   847  C CG  . PRO A 1 130 ? 3.285   4.835   14.446  1.00 22.62 ? 109  PRO A CG  1 
ATOM   848  C CD  . PRO A 1 130 ? 3.837   5.118   13.072  1.00 21.99 ? 109  PRO A CD  1 
ATOM   849  N N   . LEU A 1 131 ? 1.884   2.159   11.623  1.00 20.70 ? 110  LEU A N   1 
ATOM   850  C CA  . LEU A 1 131 ? 1.096   1.263   10.772  1.00 20.12 ? 110  LEU A CA  1 
ATOM   851  C C   . LEU A 1 131 ? 1.967   0.241   10.024  1.00 19.78 ? 110  LEU A C   1 
ATOM   852  O O   . LEU A 1 131 ? 1.600   -0.932  9.908   1.00 19.42 ? 110  LEU A O   1 
ATOM   853  C CB  . LEU A 1 131 ? 0.240   2.055   9.780   1.00 20.12 ? 110  LEU A CB  1 
ATOM   854  C CG  . LEU A 1 131 ? -0.451  1.233   8.682   1.00 20.13 ? 110  LEU A CG  1 
ATOM   855  C CD1 . LEU A 1 131 ? -1.627  0.405   9.239   1.00 19.26 ? 110  LEU A CD1 1 
ATOM   856  C CD2 . LEU A 1 131 ? -0.895  2.107   7.547   1.00 18.24 ? 110  LEU A CD2 1 
ATOM   857  N N   . TYR A 1 132 ? 3.116   0.683   9.516   1.00 19.27 ? 111  TYR A N   1 
ATOM   858  C CA  . TYR A 1 132 ? 4.030   -0.248  8.858   1.00 18.53 ? 111  TYR A CA  1 
ATOM   859  C C   . TYR A 1 132 ? 4.665   -1.247  9.819   1.00 19.30 ? 111  TYR A C   1 
ATOM   860  O O   . TYR A 1 132 ? 4.788   -2.425  9.495   1.00 18.84 ? 111  TYR A O   1 
ATOM   861  C CB  . TYR A 1 132 ? 5.069   0.475   7.984   1.00 17.61 ? 111  TYR A CB  1 
ATOM   862  C CG  . TYR A 1 132 ? 4.610   0.522   6.543   1.00 15.45 ? 111  TYR A CG  1 
ATOM   863  C CD1 . TYR A 1 132 ? 4.985   -0.474  5.641   1.00 13.75 ? 111  TYR A CD1 1 
ATOM   864  C CD2 . TYR A 1 132 ? 3.762   1.529   6.095   1.00 14.49 ? 111  TYR A CD2 1 
ATOM   865  C CE1 . TYR A 1 132 ? 4.542   -0.457  4.326   1.00 13.35 ? 111  TYR A CE1 1 
ATOM   866  C CE2 . TYR A 1 132 ? 3.303   1.553   4.774   1.00 14.63 ? 111  TYR A CE2 1 
ATOM   867  C CZ  . TYR A 1 132 ? 3.700   0.558   3.897   1.00 14.59 ? 111  TYR A CZ  1 
ATOM   868  O OH  . TYR A 1 132 ? 3.252   0.584   2.594   1.00 14.62 ? 111  TYR A OH  1 
ATOM   869  N N   . GLU A 1 133 ? 5.037   -0.792  11.012  1.00 20.15 ? 112  GLU A N   1 
ATOM   870  C CA  . GLU A 1 133 ? 5.577   -1.710  12.006  1.00 21.48 ? 112  GLU A CA  1 
ATOM   871  C C   . GLU A 1 133 ? 4.582   -2.826  12.347  1.00 21.77 ? 112  GLU A C   1 
ATOM   872  O O   . GLU A 1 133 ? 4.972   -3.985  12.509  1.00 22.07 ? 112  GLU A O   1 
ATOM   873  C CB  . GLU A 1 133 ? 6.056   -0.966  13.252  1.00 21.59 ? 112  GLU A CB  1 
ATOM   874  C CG  . GLU A 1 133 ? 7.262   -0.054  13.000  1.00 23.71 ? 112  GLU A CG  1 
ATOM   875  C CD  . GLU A 1 133 ? 8.451   -0.780  12.372  1.00 26.55 ? 112  GLU A CD  1 
ATOM   876  O OE1 . GLU A 1 133 ? 9.413   -1.082  13.098  1.00 28.47 ? 112  GLU A OE1 1 
ATOM   877  O OE2 . GLU A 1 133 ? 8.431   -1.050  11.152  1.00 29.39 ? 112  GLU A OE2 1 
ATOM   878  N N   . TYR A 1 134 ? 3.302   -2.474  12.413  1.00 22.04 ? 113  TYR A N   1 
ATOM   879  C CA  . TYR A 1 134 ? 2.228   -3.444  12.637  1.00 22.57 ? 113  TYR A CA  1 
ATOM   880  C C   . TYR A 1 134 ? 2.045   -4.436  11.466  1.00 22.67 ? 113  TYR A C   1 
ATOM   881  O O   . TYR A 1 134 ? 1.952   -5.645  11.683  1.00 22.64 ? 113  TYR A O   1 
ATOM   882  C CB  . TYR A 1 134 ? 0.913   -2.719  12.966  1.00 22.60 ? 113  TYR A CB  1 
ATOM   883  C CG  . TYR A 1 134 ? -0.304  -3.607  12.868  1.00 24.18 ? 113  TYR A CG  1 
ATOM   884  C CD1 . TYR A 1 134 ? -0.618  -4.530  13.878  1.00 24.68 ? 113  TYR A CD1 1 
ATOM   885  C CD2 . TYR A 1 134 ? -1.135  -3.544  11.757  1.00 23.72 ? 113  TYR A CD2 1 
ATOM   886  C CE1 . TYR A 1 134 ? -1.734  -5.363  13.761  1.00 25.50 ? 113  TYR A CE1 1 
ATOM   887  C CE2 . TYR A 1 134 ? -2.238  -4.360  11.641  1.00 23.97 ? 113  TYR A CE2 1 
ATOM   888  C CZ  . TYR A 1 134 ? -2.533  -5.266  12.636  1.00 23.84 ? 113  TYR A CZ  1 
ATOM   889  O OH  . TYR A 1 134 ? -3.644  -6.060  12.483  1.00 24.03 ? 113  TYR A OH  1 
ATOM   890  N N   . MET A 1 135 ? 1.992   -3.924  10.238  1.00 22.57 ? 114  MET A N   1 
ATOM   891  C CA  . MET A 1 135 ? 1.807   -4.770  9.055   1.00 22.60 ? 114  MET A CA  1 
ATOM   892  C C   . MET A 1 135 ? 2.974   -5.733  8.849   1.00 23.13 ? 114  MET A C   1 
ATOM   893  O O   . MET A 1 135 ? 2.764   -6.914  8.539   1.00 23.12 ? 114  MET A O   1 
ATOM   894  C CB  . MET A 1 135 ? 1.607   -3.926  7.791   1.00 22.43 ? 114  MET A CB  1 
ATOM   895  C CG  . MET A 1 135 ? 0.312   -3.132  7.757   1.00 22.11 ? 114  MET A CG  1 
ATOM   896  S SD  . MET A 1 135 ? -0.052  -2.416  6.147   1.00 21.30 ? 114  MET A SD  1 
ATOM   897  C CE  . MET A 1 135 ? 1.437   -1.447  5.851   1.00 20.82 ? 114  MET A CE  1 
ATOM   898  N N   . LYS A 1 136 ? 4.189   -5.212  9.024   1.00 23.63 ? 115  LYS A N   1 
ATOM   899  C CA  . LYS A 1 136 ? 5.431   -5.971  8.847   1.00 24.56 ? 115  LYS A CA  1 
ATOM   900  C C   . LYS A 1 136 ? 5.568   -7.082  9.885   1.00 25.77 ? 115  LYS A C   1 
ATOM   901  O O   . LYS A 1 136 ? 6.033   -8.174  9.576   1.00 25.94 ? 115  LYS A O   1 
ATOM   902  C CB  . LYS A 1 136 ? 6.644   -5.040  8.948   1.00 24.13 ? 115  LYS A CB  1 
ATOM   903  C CG  . LYS A 1 136 ? 6.810   -4.037  7.797   1.00 23.52 ? 115  LYS A CG  1 
ATOM   904  C CD  . LYS A 1 136 ? 7.662   -2.835  8.213   1.00 23.31 ? 115  LYS A CD  1 
ATOM   905  C CE  . LYS A 1 136 ? 9.095   -3.217  8.568   1.00 22.47 ? 115  LYS A CE  1 
ATOM   906  N NZ  . LYS A 1 136 ? 9.825   -2.118  9.298   1.00 22.62 ? 115  LYS A NZ  1 
ATOM   907  N N   . LYS A 1 137 ? 5.173   -6.775  11.118  1.00 27.05 ? 116  LYS A N   1 
ATOM   908  C CA  . LYS A 1 137 ? 5.186   -7.726  12.229  1.00 28.44 ? 116  LYS A CA  1 
ATOM   909  C C   . LYS A 1 137 ? 4.136   -8.799  12.003  1.00 28.50 ? 116  LYS A C   1 
ATOM   910  O O   . LYS A 1 137 ? 4.406   -9.982  12.206  1.00 28.99 ? 116  LYS A O   1 
ATOM   911  C CB  . LYS A 1 137 ? 4.902   -6.981  13.533  1.00 28.42 ? 116  LYS A CB  1 
ATOM   912  C CG  . LYS A 1 137 ? 5.210   -7.736  14.810  1.00 29.68 ? 116  LYS A CG  1 
ATOM   913  C CD  . LYS A 1 137 ? 4.830   -6.902  16.029  1.00 29.94 ? 116  LYS A CD  1 
ATOM   914  C CE  . LYS A 1 137 ? 3.360   -7.074  16.420  1.00 32.59 ? 116  LYS A CE  1 
ATOM   915  N NZ  . LYS A 1 137 ? 2.397   -6.530  15.416  1.00 32.71 ? 116  LYS A NZ  1 
ATOM   916  N N   . THR A 1 138 ? 2.943   -8.386  11.571  1.00 28.76 ? 117  THR A N   1 
ATOM   917  C CA  . THR A 1 138 ? 1.862   -9.318  11.263  1.00 28.85 ? 117  THR A CA  1 
ATOM   918  C C   . THR A 1 138 ? 2.256   -10.247 10.113  1.00 29.21 ? 117  THR A C   1 
ATOM   919  O O   . THR A 1 138 ? 2.146   -11.481 10.237  1.00 29.04 ? 117  THR A O   1 
ATOM   920  C CB  . THR A 1 138 ? 0.530   -8.585  10.940  1.00 28.79 ? 117  THR A CB  1 
ATOM   921  O OG1 . THR A 1 138 ? 0.200   -7.697  12.011  1.00 28.76 ? 117  THR A OG1 1 
ATOM   922  C CG2 . THR A 1 138 ? -0.618  -9.572  10.754  1.00 28.60 ? 117  THR A CG2 1 
ATOM   923  N N   . LYS A 1 139 ? 2.728   -9.655  9.010   1.00 29.00 ? 118  LYS A N   1 
ATOM   924  C CA  . LYS A 1 139 ? 3.095   -10.409 7.810   1.00 29.22 ? 118  LYS A CA  1 
ATOM   925  C C   . LYS A 1 139 ? 4.565   -10.199 7.397   1.00 29.46 ? 118  LYS A C   1 
ATOM   926  O O   . LYS A 1 139 ? 4.859   -9.339  6.562   1.00 29.18 ? 118  LYS A O   1 
ATOM   927  C CB  . LYS A 1 139 ? 2.153   -10.064 6.646   1.00 29.23 ? 118  LYS A CB  1 
ATOM   928  C CG  . LYS A 1 139 ? 0.662   -10.298 6.911   1.00 29.98 ? 118  LYS A CG  1 
ATOM   929  C CD  . LYS A 1 139 ? 0.340   -11.723 7.373   1.00 30.87 ? 118  LYS A CD  1 
ATOM   930  C CE  . LYS A 1 139 ? 0.678   -12.768 6.328   1.00 31.87 ? 118  LYS A CE  1 
ATOM   931  N NZ  . LYS A 1 139 ? 0.190   -14.120 6.755   1.00 34.46 ? 118  LYS A NZ  1 
ATOM   932  N N   . PRO A 1 140 ? 5.492   -10.989 7.983   1.00 29.61 ? 119  PRO A N   1 
ATOM   933  C CA  . PRO A 1 140 ? 6.934   -10.872 7.723   1.00 29.77 ? 119  PRO A CA  1 
ATOM   934  C C   . PRO A 1 140 ? 7.351   -11.219 6.290   1.00 30.14 ? 119  PRO A C   1 
ATOM   935  O O   . PRO A 1 140 ? 6.585   -11.836 5.546   1.00 30.12 ? 119  PRO A O   1 
ATOM   936  C CB  . PRO A 1 140 ? 7.554   -11.881 8.701   1.00 29.66 ? 119  PRO A CB  1 
ATOM   937  C CG  . PRO A 1 140 ? 6.487   -12.149 9.720   1.00 29.68 ? 119  PRO A CG  1 
ATOM   938  C CD  . PRO A 1 140 ? 5.206   -12.051 8.967   1.00 29.54 ? 119  PRO A CD  1 
ATOM   939  N N   . GLY A 1 141 ? 8.569   -10.821 5.925   1.00 30.39 ? 120  GLY A N   1 
ATOM   940  C CA  . GLY A 1 141 ? 9.138   -11.130 4.618   1.00 30.93 ? 120  GLY A CA  1 
ATOM   941  C C   . GLY A 1 141 ? 9.956   -12.410 4.640   1.00 31.41 ? 120  GLY A C   1 
ATOM   942  O O   . GLY A 1 141 ? 9.681   -13.322 5.430   1.00 31.20 ? 120  GLY A O   1 
ATOM   943  N N   . ILE A 1 142 ? 10.964  -12.467 3.769   1.00 31.68 ? 121  ILE A N   1 
ATOM   944  C CA  . ILE A 1 142 ? 11.798  -13.654 3.580   1.00 32.26 ? 121  ILE A CA  1 
ATOM   945  C C   . ILE A 1 142 ? 12.408  -14.120 4.907   1.00 32.24 ? 121  ILE A C   1 
ATOM   946  O O   . ILE A 1 142 ? 12.901  -13.310 5.693   1.00 32.14 ? 121  ILE A O   1 
ATOM   947  C CB  . ILE A 1 142 ? 12.903  -13.407 2.500   1.00 32.32 ? 121  ILE A CB  1 
ATOM   948  C CG1 . ILE A 1 142 ? 13.527  -14.731 2.035   1.00 32.75 ? 121  ILE A CG1 1 
ATOM   949  C CG2 . ILE A 1 142 ? 13.967  -12.403 2.999   1.00 32.58 ? 121  ILE A CG2 1 
ATOM   950  C CD1 . ILE A 1 142 ? 14.325  -14.633 0.740   1.00 32.76 ? 121  ILE A CD1 1 
ATOM   951  N N   . LEU A 1 143 ? 12.337  -15.424 5.158   1.00 32.53 ? 122  LEU A N   1 
ATOM   952  C CA  . LEU A 1 143 ? 12.857  -16.025 6.391   1.00 32.82 ? 122  LEU A CA  1 
ATOM   953  C C   . LEU A 1 143 ? 12.373  -15.288 7.646   1.00 32.81 ? 122  LEU A C   1 
ATOM   954  O O   . LEU A 1 143 ? 13.154  -15.024 8.563   1.00 32.92 ? 122  LEU A O   1 
ATOM   955  C CB  . LEU A 1 143 ? 14.393  -16.100 6.354   1.00 33.00 ? 122  LEU A CB  1 
ATOM   956  C CG  . LEU A 1 143 ? 15.069  -16.982 5.295   1.00 33.68 ? 122  LEU A CG  1 
ATOM   957  C CD1 . LEU A 1 143 ? 16.570  -16.753 5.315   1.00 33.50 ? 122  LEU A CD1 1 
ATOM   958  C CD2 . LEU A 1 143 ? 14.738  -18.462 5.506   1.00 34.67 ? 122  LEU A CD2 1 
ATOM   959  N N   . LYS A 1 144 ? 11.082  -14.950 7.659   1.00 32.87 ? 123  LYS A N   1 
ATOM   960  C CA  . LYS A 1 144 ? 10.427  -14.240 8.776   1.00 33.11 ? 123  LYS A CA  1 
ATOM   961  C C   . LYS A 1 144 ? 11.034  -12.873 9.150   1.00 32.21 ? 123  LYS A C   1 
ATOM   962  O O   . LYS A 1 144 ? 10.759  -12.350 10.234  1.00 32.31 ? 123  LYS A O   1 
ATOM   963  C CB  . LYS A 1 144 ? 10.326  -15.141 10.026  1.00 33.24 ? 123  LYS A CB  1 
ATOM   964  C CG  . LYS A 1 144 ? 9.480   -16.408 9.841   1.00 34.52 ? 123  LYS A CG  1 
ATOM   965  C CD  . LYS A 1 144 ? 9.634   -17.353 11.034  1.00 34.60 ? 123  LYS A CD  1 
ATOM   966  C CE  . LYS A 1 144 ? 9.034   -18.727 10.743  1.00 36.96 ? 123  LYS A CE  1 
ATOM   967  N NZ  . LYS A 1 144 ? 9.387   -19.730 11.802  1.00 37.58 ? 123  LYS A NZ  1 
ATOM   968  N N   . THR A 1 145 ? 11.847  -12.293 8.265   1.00 31.43 ? 124  THR A N   1 
ATOM   969  C CA  . THR A 1 145 ? 12.413  -10.955 8.517   1.00 30.31 ? 124  THR A CA  1 
ATOM   970  C C   . THR A 1 145 ? 11.375  -9.865  8.264   1.00 29.00 ? 124  THR A C   1 
ATOM   971  O O   . THR A 1 145 ? 10.603  -9.937  7.319   1.00 29.13 ? 124  THR A O   1 
ATOM   972  C CB  . THR A 1 145 ? 13.707  -10.668 7.703   1.00 30.39 ? 124  THR A CB  1 
ATOM   973  O OG1 . THR A 1 145 ? 13.435  -10.753 6.300   1.00 30.52 ? 124  THR A OG1 1 
ATOM   974  C CG2 . THR A 1 145 ? 14.817  -11.658 8.072   1.00 31.14 ? 124  THR A CG2 1 
ATOM   975  N N   . LYS A 1 146 ? 11.373  -8.856  9.123   1.00 27.82 ? 125  LYS A N   1 
ATOM   976  C CA  . LYS A 1 146 ? 10.320  -7.845  9.140   1.00 26.49 ? 125  LYS A CA  1 
ATOM   977  C C   . LYS A 1 146 ? 10.499  -6.733  8.105   1.00 25.19 ? 125  LYS A C   1 
ATOM   978  O O   . LYS A 1 146 ? 9.516   -6.260  7.527   1.00 25.03 ? 125  LYS A O   1 
ATOM   979  C CB  . LYS A 1 146 ? 10.186  -7.246  10.543  1.00 26.59 ? 125  LYS A CB  1 
ATOM   980  C CG  . LYS A 1 146 ? 9.429   -8.124  11.551  1.00 28.04 ? 125  LYS A CG  1 
ATOM   981  C CD  . LYS A 1 146 ? 10.241  -9.337  12.069  1.00 31.14 ? 125  LYS A CD  1 
ATOM   982  C CE  . LYS A 1 146 ? 11.528  -8.954  12.819  1.00 32.69 ? 125  LYS A CE  1 
ATOM   983  N NZ  . LYS A 1 146 ? 12.774  -9.186  12.002  1.00 33.11 ? 125  LYS A NZ  1 
ATOM   984  N N   . ALA A 1 147 ? 11.749  -6.331  7.876   1.00 23.51 ? 126  ALA A N   1 
ATOM   985  C CA  . ALA A 1 147 ? 12.077  -5.172  7.035   1.00 21.89 ? 126  ALA A CA  1 
ATOM   986  C C   . ALA A 1 147 ? 11.476  -5.223  5.634   1.00 20.75 ? 126  ALA A C   1 
ATOM   987  O O   . ALA A 1 147 ? 11.471  -6.275  4.979   1.00 20.61 ? 126  ALA A O   1 
ATOM   988  C CB  . ALA A 1 147 ? 13.595  -4.987  6.949   1.00 21.78 ? 126  ALA A CB  1 
ATOM   989  N N   . ILE A 1 148 ? 10.964  -4.079  5.185   1.00 19.11 ? 127  ILE A N   1 
ATOM   990  C CA  . ILE A 1 148 ? 10.580  -3.909  3.786   1.00 17.93 ? 127  ILE A CA  1 
ATOM   991  C C   . ILE A 1 148 ? 11.877  -3.929  2.987   1.00 17.65 ? 127  ILE A C   1 
ATOM   992  O O   . ILE A 1 148 ? 12.844  -3.259  3.356   1.00 17.50 ? 127  ILE A O   1 
ATOM   993  C CB  . ILE A 1 148 ? 9.789   -2.578  3.555   1.00 17.59 ? 127  ILE A CB  1 
ATOM   994  C CG1 . ILE A 1 148 ? 8.546   -2.494  4.463   1.00 16.79 ? 127  ILE A CG1 1 
ATOM   995  C CG2 . ILE A 1 148 ? 9.421   -2.385  2.076   1.00 17.01 ? 127  ILE A CG2 1 
ATOM   996  C CD1 . ILE A 1 148 ? 7.434   -3.493  4.141   1.00 15.83 ? 127  ILE A CD1 1 
ATOM   997  N N   . LYS A 1 149 ? 11.912  -4.696  1.901   1.00 17.72 ? 128  LYS A N   1 
ATOM   998  C CA  . LYS A 1 149 ? 13.154  -4.853  1.125   1.00 17.82 ? 128  LYS A CA  1 
ATOM   999  C C   . LYS A 1 149 ? 13.322  -3.852  -0.010  1.00 17.35 ? 128  LYS A C   1 
ATOM   1000 O O   . LYS A 1 149 ? 14.445  -3.512  -0.397  1.00 17.53 ? 128  LYS A O   1 
ATOM   1001 C CB  . LYS A 1 149 ? 13.288  -6.288  0.596   1.00 19.04 ? 128  LYS A CB  1 
ATOM   1002 C CG  . LYS A 1 149 ? 13.589  -7.323  1.701   1.00 19.82 ? 128  LYS A CG  1 
ATOM   1003 C CD  . LYS A 1 149 ? 14.979  -7.101  2.299   1.00 22.19 ? 128  LYS A CD  1 
ATOM   1004 C CE  . LYS A 1 149 ? 15.355  -8.194  3.305   1.00 22.60 ? 128  LYS A CE  1 
ATOM   1005 N NZ  . LYS A 1 149 ? 16.840  -8.384  3.391   1.00 23.96 ? 128  LYS A NZ  1 
ATOM   1006 N N   . TRP A 1 150 ? 12.207  -3.382  -0.553  1.00 16.49 ? 129  TRP A N   1 
ATOM   1007 C CA  . TRP A 1 150 ? 12.263  -2.462  -1.672  1.00 15.34 ? 129  TRP A CA  1 
ATOM   1008 C C   . TRP A 1 150 ? 10.938  -1.744  -1.872  1.00 14.60 ? 129  TRP A C   1 
ATOM   1009 O O   . TRP A 1 150 ? 9.946   -2.071  -1.218  1.00 14.29 ? 129  TRP A O   1 
ATOM   1010 C CB  . TRP A 1 150 ? 12.662  -3.218  -2.955  1.00 15.13 ? 129  TRP A CB  1 
ATOM   1011 C CG  . TRP A 1 150 ? 13.361  -2.357  -3.964  1.00 14.18 ? 129  TRP A CG  1 
ATOM   1012 C CD1 . TRP A 1 150 ? 12.891  -1.991  -5.186  1.00 13.93 ? 129  TRP A CD1 1 
ATOM   1013 C CD2 . TRP A 1 150 ? 14.663  -1.759  -3.841  1.00 13.80 ? 129  TRP A CD2 1 
ATOM   1014 N NE1 . TRP A 1 150 ? 13.803  -1.202  -5.828  1.00 12.96 ? 129  TRP A NE1 1 
ATOM   1015 C CE2 . TRP A 1 150 ? 14.904  -1.045  -5.029  1.00 14.00 ? 129  TRP A CE2 1 
ATOM   1016 C CE3 . TRP A 1 150 ? 15.646  -1.761  -2.841  1.00 14.44 ? 129  TRP A CE3 1 
ATOM   1017 C CZ2 . TRP A 1 150 ? 16.088  -0.332  -5.251  1.00 14.76 ? 129  TRP A CZ2 1 
ATOM   1018 C CZ3 . TRP A 1 150 ? 16.820  -1.050  -3.056  1.00 14.96 ? 129  TRP A CZ3 1 
ATOM   1019 C CH2 . TRP A 1 150 ? 17.029  -0.346  -4.256  1.00 14.77 ? 129  TRP A CH2 1 
ATOM   1020 N N   . ASN A 1 151 ? 10.947  -0.758  -2.773  1.00 13.92 ? 130  ASN A N   1 
ATOM   1021 C CA  . ASN A 1 151 ? 9.736   -0.118  -3.279  1.00 13.80 ? 130  ASN A CA  1 
ATOM   1022 C C   . ASN A 1 151 ? 8.785   -1.171  -3.853  1.00 14.10 ? 130  ASN A C   1 
ATOM   1023 O O   . ASN A 1 151 ? 9.238   -2.186  -4.395  1.00 14.23 ? 130  ASN A O   1 
ATOM   1024 C CB  . ASN A 1 151 ? 10.091  0.887   -4.395  1.00 13.66 ? 130  ASN A CB  1 
ATOM   1025 C CG  . ASN A 1 151 ? 11.264  1.791   -4.039  1.00 13.23 ? 130  ASN A CG  1 
ATOM   1026 O OD1 . ASN A 1 151 ? 11.199  2.592   -3.102  1.00 11.99 ? 130  ASN A OD1 1 
ATOM   1027 N ND2 . ASN A 1 151 ? 12.340  1.678   -4.803  1.00 14.71 ? 130  ASN A ND2 1 
ATOM   1028 N N   . PHE A 1 152 ? 7.479   -0.916  -3.732  1.00 14.30 ? 131  PHE A N   1 
ATOM   1029 C CA  . PHE A 1 152 ? 6.396   -1.745  -4.296  1.00 14.53 ? 131  PHE A CA  1 
ATOM   1030 C C   . PHE A 1 152 ? 6.113   -3.084  -3.627  1.00 14.71 ? 131  PHE A C   1 
ATOM   1031 O O   . PHE A 1 152 ? 5.509   -3.987  -4.223  1.00 14.61 ? 131  PHE A O   1 
ATOM   1032 C CB  . PHE A 1 152 ? 6.438   -1.809  -5.834  1.00 14.58 ? 131  PHE A CB  1 
ATOM   1033 C CG  . PHE A 1 152 ? 6.267   -0.472  -6.460  1.00 14.72 ? 131  PHE A CG  1 
ATOM   1034 C CD1 . PHE A 1 152 ? 4.993   0.055   -6.658  1.00 14.57 ? 131  PHE A CD1 1 
ATOM   1035 C CD2 . PHE A 1 152 ? 7.377   0.308   -6.776  1.00 15.02 ? 131  PHE A CD2 1 
ATOM   1036 C CE1 . PHE A 1 152 ? 4.828   1.326   -7.198  1.00 15.68 ? 131  PHE A CE1 1 
ATOM   1037 C CE2 . PHE A 1 152 ? 7.220   1.578   -7.317  1.00 15.65 ? 131  PHE A CE2 1 
ATOM   1038 C CZ  . PHE A 1 152 ? 5.938   2.088   -7.529  1.00 15.29 ? 131  PHE A CZ  1 
ATOM   1039 N N   . THR A 1 153 ? 6.548   -3.193  -2.379  1.00 14.90 ? 132  THR A N   1 
ATOM   1040 C CA  . THR A 1 153 ? 6.049   -4.220  -1.492  1.00 15.38 ? 132  THR A CA  1 
ATOM   1041 C C   . THR A 1 153 ? 4.587   -3.853  -1.221  1.00 15.86 ? 132  THR A C   1 
ATOM   1042 O O   . THR A 1 153 ? 4.244   -2.663  -1.145  1.00 15.12 ? 132  THR A O   1 
ATOM   1043 C CB  . THR A 1 153 ? 6.879   -4.262  -0.196  1.00 15.47 ? 132  THR A CB  1 
ATOM   1044 O OG1 . THR A 1 153 ? 8.275   -4.367  -0.527  1.00 14.97 ? 132  THR A OG1 1 
ATOM   1045 C CG2 . THR A 1 153 ? 6.469   -5.436  0.703   1.00 15.04 ? 132  THR A CG2 1 
ATOM   1046 N N   . SER A 1 154 ? 3.722   -4.863  -1.137  1.00 16.70 ? 133  SER A N   1 
ATOM   1047 C CA  . SER A 1 154 ? 2.315   -4.640  -0.793  1.00 17.74 ? 133  SER A CA  1 
ATOM   1048 C C   . SER A 1 154 ? 1.797   -5.598  0.278   1.00 18.64 ? 133  SER A C   1 
ATOM   1049 O O   . SER A 1 154 ? 2.267   -6.733  0.392   1.00 19.29 ? 133  SER A O   1 
ATOM   1050 C CB  . SER A 1 154 ? 1.431   -4.685  -2.037  1.00 17.94 ? 133  SER A CB  1 
ATOM   1051 O OG  . SER A 1 154 ? 1.589   -5.907  -2.754  1.00 18.72 ? 133  SER A OG  1 
ATOM   1052 N N   . PHE A 1 155 ? 0.846   -5.119  1.073   1.00 19.14 ? 134  PHE A N   1 
ATOM   1053 C CA  . PHE A 1 155 ? 0.153   -5.942  2.057   1.00 19.76 ? 134  PHE A CA  1 
ATOM   1054 C C   . PHE A 1 155 ? -1.316  -6.014  1.685   1.00 20.68 ? 134  PHE A C   1 
ATOM   1055 O O   . PHE A 1 155 ? -1.930  -4.990  1.351   1.00 21.13 ? 134  PHE A O   1 
ATOM   1056 C CB  . PHE A 1 155 ? 0.290   -5.357  3.466   1.00 19.14 ? 134  PHE A CB  1 
ATOM   1057 C CG  . PHE A 1 155 ? 1.689   -5.356  3.991   1.00 18.98 ? 134  PHE A CG  1 
ATOM   1058 C CD1 . PHE A 1 155 ? 2.160   -6.418  4.754   1.00 17.04 ? 134  PHE A CD1 1 
ATOM   1059 C CD2 . PHE A 1 155 ? 2.550   -4.293  3.717   1.00 17.67 ? 134  PHE A CD2 1 
ATOM   1060 C CE1 . PHE A 1 155 ? 3.462   -6.418  5.249   1.00 17.93 ? 134  PHE A CE1 1 
ATOM   1061 C CE2 . PHE A 1 155 ? 3.852   -4.291  4.207   1.00 17.09 ? 134  PHE A CE2 1 
ATOM   1062 C CZ  . PHE A 1 155 ? 4.310   -5.349  4.974   1.00 18.26 ? 134  PHE A CZ  1 
ATOM   1063 N N   . LEU A 1 156 ? -1.860  -7.230  1.707   1.00 21.53 ? 135  LEU A N   1 
ATOM   1064 C CA  . LEU A 1 156 ? -3.287  -7.448  1.524   1.00 22.42 ? 135  LEU A CA  1 
ATOM   1065 C C   . LEU A 1 156 ? -3.929  -7.437  2.890   1.00 22.95 ? 135  LEU A C   1 
ATOM   1066 O O   . LEU A 1 156 ? -3.432  -8.076  3.825   1.00 23.08 ? 135  LEU A O   1 
ATOM   1067 C CB  . LEU A 1 156 ? -3.575  -8.776  0.804   1.00 22.54 ? 135  LEU A CB  1 
ATOM   1068 C CG  . LEU A 1 156 ? -4.980  -8.972  0.211   1.00 22.49 ? 135  LEU A CG  1 
ATOM   1069 C CD1 . LEU A 1 156 ? -5.366  -7.861  -0.753  1.00 23.14 ? 135  LEU A CD1 1 
ATOM   1070 C CD2 . LEU A 1 156 ? -5.088  -10.321 -0.489  1.00 22.82 ? 135  LEU A CD2 1 
ATOM   1071 N N   . ILE A 1 157 ? -5.025  -6.689  2.991   1.00 23.62 ? 136  ILE A N   1 
ATOM   1072 C CA  . ILE A 1 157 ? -5.728  -6.455  4.243   1.00 24.54 ? 136  ILE A CA  1 
ATOM   1073 C C   . ILE A 1 157 ? -7.131  -7.036  4.113   1.00 25.45 ? 136  ILE A C   1 
ATOM   1074 O O   . ILE A 1 157 ? -7.766  -6.882  3.067   1.00 25.09 ? 136  ILE A O   1 
ATOM   1075 C CB  . ILE A 1 157 ? -5.840  -4.919  4.546   1.00 24.32 ? 136  ILE A CB  1 
ATOM   1076 C CG1 . ILE A 1 157 ? -4.493  -4.188  4.341   1.00 23.81 ? 136  ILE A CG1 1 
ATOM   1077 C CG2 . ILE A 1 157 ? -6.416  -4.668  5.936   1.00 24.32 ? 136  ILE A CG2 1 
ATOM   1078 C CD1 . ILE A 1 157 ? -3.335  -4.646  5.239   1.00 22.49 ? 136  ILE A CD1 1 
ATOM   1079 N N   . ASP A 1 158 ? -7.616  -7.705  5.159   1.00 26.66 ? 137  ASP A N   1 
ATOM   1080 C CA  . ASP A 1 158 ? -8.970  -8.275  5.117   1.00 28.11 ? 137  ASP A CA  1 
ATOM   1081 C C   . ASP A 1 158 ? -10.067 -7.310  5.611   1.00 28.48 ? 137  ASP A C   1 
ATOM   1082 O O   . ASP A 1 158 ? -9.791  -6.144  5.926   1.00 28.42 ? 137  ASP A O   1 
ATOM   1083 C CB  . ASP A 1 158 ? -9.029  -9.637  5.830   1.00 28.08 ? 137  ASP A CB  1 
ATOM   1084 C CG  . ASP A 1 158 ? -8.907  -9.531  7.333   1.00 29.71 ? 137  ASP A CG  1 
ATOM   1085 O OD1 . ASP A 1 158 ? -9.084  -8.427  7.899   1.00 31.69 ? 137  ASP A OD1 1 
ATOM   1086 O OD2 . ASP A 1 158 ? -8.645  -10.578 7.963   1.00 32.07 ? 137  ASP A OD2 1 
ATOM   1087 N N   . ARG A 1 159 ? -11.303 -7.811  5.668   1.00 28.85 ? 138  ARG A N   1 
ATOM   1088 C CA  . ARG A 1 159 ? -12.486 -7.011  6.018   1.00 29.14 ? 138  ARG A CA  1 
ATOM   1089 C C   . ARG A 1 159 ? -12.509 -6.489  7.456   1.00 29.18 ? 138  ARG A C   1 
ATOM   1090 O O   . ARG A 1 159 ? -13.237 -5.544  7.767   1.00 29.70 ? 138  ARG A O   1 
ATOM   1091 C CB  . ARG A 1 159 ? -13.762 -7.808  5.730   1.00 29.58 ? 138  ARG A CB  1 
ATOM   1092 C CG  . ARG A 1 159 ? -14.032 -8.005  4.244   1.00 30.72 ? 138  ARG A CG  1 
ATOM   1093 C CD  . ARG A 1 159 ? -15.397 -8.618  3.979   1.00 32.65 ? 138  ARG A CD  1 
ATOM   1094 N NE  . ARG A 1 159 ? -15.991 -8.057  2.767   1.00 33.70 ? 138  ARG A NE  1 
ATOM   1095 C CZ  . ARG A 1 159 ? -15.883 -8.593  1.559   1.00 34.17 ? 138  ARG A CZ  1 
ATOM   1096 N NH1 . ARG A 1 159 ? -15.212 -9.719  1.395   1.00 35.82 ? 138  ARG A NH1 1 
ATOM   1097 N NH2 . ARG A 1 159 ? -16.450 -8.006  0.514   1.00 35.67 ? 138  ARG A NH2 1 
ATOM   1098 N N   . ASP A 1 160 ? -11.728 -7.111  8.332   1.00 29.22 ? 139  ASP A N   1 
ATOM   1099 C CA  . ASP A 1 160 ? -11.576 -6.637  9.698   1.00 29.33 ? 139  ASP A CA  1 
ATOM   1100 C C   . ASP A 1 160 ? -10.380 -5.691  9.847   1.00 29.12 ? 139  ASP A C   1 
ATOM   1101 O O   . ASP A 1 160 ? -10.064 -5.267  10.960  1.00 28.83 ? 139  ASP A O   1 
ATOM   1102 C CB  . ASP A 1 160 ? -11.421 -7.817  10.659  1.00 29.73 ? 139  ASP A CB  1 
ATOM   1103 C CG  . ASP A 1 160 ? -12.656 -8.710  10.706  1.00 31.11 ? 139  ASP A CG  1 
ATOM   1104 O OD1 . ASP A 1 160 ? -13.768 -8.235  10.374  1.00 32.39 ? 139  ASP A OD1 1 
ATOM   1105 O OD2 . ASP A 1 160 ? -12.505 -9.893  11.075  1.00 32.54 ? 139  ASP A OD2 1 
ATOM   1106 N N   . GLY A 1 161 ? -9.720  -5.378  8.731   1.00 28.50 ? 140  GLY A N   1 
ATOM   1107 C CA  . GLY A 1 161 ? -8.533  -4.517  8.735   1.00 28.13 ? 140  GLY A CA  1 
ATOM   1108 C C   . GLY A 1 161 ? -7.266  -5.199  9.222   1.00 28.05 ? 140  GLY A C   1 
ATOM   1109 O O   . GLY A 1 161 ? -6.354  -4.540  9.714   1.00 27.60 ? 140  GLY A O   1 
ATOM   1110 N N   . VAL A 1 162 ? -7.216  -6.523  9.064   1.00 28.23 ? 141  VAL A N   1 
ATOM   1111 C CA  . VAL A 1 162 ? -6.082  -7.351  9.482   1.00 28.07 ? 141  VAL A CA  1 
ATOM   1112 C C   . VAL A 1 162 ? -5.281  -7.780  8.242   1.00 28.14 ? 141  VAL A C   1 
ATOM   1113 O O   . VAL A 1 162 ? -5.860  -8.315  7.291   1.00 27.75 ? 141  VAL A O   1 
ATOM   1114 C CB  . VAL A 1 162 ? -6.570  -8.608  10.251  1.00 28.32 ? 141  VAL A CB  1 
ATOM   1115 C CG1 . VAL A 1 162 ? -5.412  -9.528  10.608  1.00 27.95 ? 141  VAL A CG1 1 
ATOM   1116 C CG2 . VAL A 1 162 ? -7.353  -8.212  11.510  1.00 28.28 ? 141  VAL A CG2 1 
ATOM   1117 N N   . PRO A 1 163 ? -3.949  -7.547  8.245   1.00 28.07 ? 142  PRO A N   1 
ATOM   1118 C CA  . PRO A 1 163 ? -3.117  -7.940  7.099   1.00 28.12 ? 142  PRO A CA  1 
ATOM   1119 C C   . PRO A 1 163 ? -2.998  -9.462  6.972   1.00 27.96 ? 142  PRO A C   1 
ATOM   1120 O O   . PRO A 1 163 ? -2.625  -10.140 7.936   1.00 27.80 ? 142  PRO A O   1 
ATOM   1121 C CB  . PRO A 1 163 ? -1.744  -7.324  7.413   1.00 27.73 ? 142  PRO A CB  1 
ATOM   1122 C CG  . PRO A 1 163 ? -1.960  -6.396  8.569   1.00 28.45 ? 142  PRO A CG  1 
ATOM   1123 C CD  . PRO A 1 163 ? -3.143  -6.931  9.312   1.00 28.30 ? 142  PRO A CD  1 
ATOM   1124 N N   . VAL A 1 164 ? -3.308  -9.975  5.785   1.00 27.94 ? 143  VAL A N   1 
ATOM   1125 C CA  . VAL A 1 164 ? -3.333  -11.418 5.547   1.00 27.87 ? 143  VAL A CA  1 
ATOM   1126 C C   . VAL A 1 164 ? -2.221  -11.918 4.614   1.00 27.88 ? 143  VAL A C   1 
ATOM   1127 O O   . VAL A 1 164 ? -1.875  -13.101 4.653   1.00 28.03 ? 143  VAL A O   1 
ATOM   1128 C CB  . VAL A 1 164 ? -4.727  -11.904 5.051   1.00 27.77 ? 143  VAL A CB  1 
ATOM   1129 C CG1 . VAL A 1 164 ? -5.770  -11.734 6.153   1.00 28.00 ? 143  VAL A CG1 1 
ATOM   1130 C CG2 . VAL A 1 164 ? -5.152  -11.169 3.784   1.00 27.44 ? 143  VAL A CG2 1 
ATOM   1131 N N   . GLU A 1 165 ? -1.672  -11.030 3.781   1.00 27.35 ? 144  GLU A N   1 
ATOM   1132 C CA  . GLU A 1 165 ? -0.539  -11.374 2.905   1.00 27.33 ? 144  GLU A CA  1 
ATOM   1133 C C   . GLU A 1 165 ? 0.455   -10.214 2.754   1.00 26.52 ? 144  GLU A C   1 
ATOM   1134 O O   . GLU A 1 165 ? 0.049   -9.057  2.671   1.00 26.38 ? 144  GLU A O   1 
ATOM   1135 C CB  . GLU A 1 165 ? -1.013  -11.764 1.490   1.00 27.34 ? 144  GLU A CB  1 
ATOM   1136 C CG  . GLU A 1 165 ? -2.158  -12.766 1.396   1.00 29.81 ? 144  GLU A CG  1 
ATOM   1137 C CD  . GLU A 1 165 ? -1.750  -14.213 1.688   1.00 32.65 ? 144  GLU A CD  1 
ATOM   1138 O OE1 . GLU A 1 165 ? -0.532  -14.534 1.663   1.00 32.06 ? 144  GLU A OE1 1 
ATOM   1139 O OE2 . GLU A 1 165 ? -2.671  -15.027 1.950   1.00 34.70 ? 144  GLU A OE2 1 
ATOM   1140 N N   . ARG A 1 166 ? 1.746   -10.543 2.705   1.00 25.65 ? 145  ARG A N   1 
ATOM   1141 C CA  . ARG A 1 166 ? 2.760   -9.660  2.124   1.00 24.80 ? 145  ARG A CA  1 
ATOM   1142 C C   . ARG A 1 166 ? 3.113   -10.141 0.716   1.00 24.83 ? 145  ARG A C   1 
ATOM   1143 O O   . ARG A 1 166 ? 3.425   -11.322 0.512   1.00 24.99 ? 145  ARG A O   1 
ATOM   1144 C CB  . ARG A 1 166 ? 4.035   -9.608  2.978   1.00 24.63 ? 145  ARG A CB  1 
ATOM   1145 C CG  . ARG A 1 166 ? 5.162   -8.757  2.348   1.00 23.83 ? 145  ARG A CG  1 
ATOM   1146 C CD  . ARG A 1 166 ? 6.493   -8.878  3.077   1.00 23.61 ? 145  ARG A CD  1 
ATOM   1147 N NE  . ARG A 1 166 ? 6.415   -8.421  4.464   1.00 21.59 ? 145  ARG A NE  1 
ATOM   1148 C CZ  . ARG A 1 166 ? 7.403   -7.830  5.131   1.00 21.04 ? 145  ARG A CZ  1 
ATOM   1149 N NH1 . ARG A 1 166 ? 7.214   -7.468  6.391   1.00 21.41 ? 145  ARG A NH1 1 
ATOM   1150 N NH2 . ARG A 1 166 ? 8.575   -7.596  4.550   1.00 19.70 ? 145  ARG A NH2 1 
ATOM   1151 N N   . PHE A 1 167 ? 3.064   -9.219  -0.243  1.00 24.37 ? 146  PHE A N   1 
ATOM   1152 C CA  . PHE A 1 167 ? 3.499   -9.474  -1.610  1.00 23.96 ? 146  PHE A CA  1 
ATOM   1153 C C   . PHE A 1 167 ? 4.831   -8.785  -1.931  1.00 23.67 ? 146  PHE A C   1 
ATOM   1154 O O   . PHE A 1 167 ? 5.104   -7.658  -1.493  1.00 22.99 ? 146  PHE A O   1 
ATOM   1155 C CB  . PHE A 1 167 ? 2.424   -9.048  -2.611  1.00 24.04 ? 146  PHE A CB  1 
ATOM   1156 C CG  . PHE A 1 167 ? 1.159   -9.864  -2.525  1.00 25.80 ? 146  PHE A CG  1 
ATOM   1157 C CD1 . PHE A 1 167 ? 1.137   -11.191 -2.964  1.00 26.62 ? 146  PHE A CD1 1 
ATOM   1158 C CD2 . PHE A 1 167 ? -0.011  -9.308  -2.012  1.00 26.31 ? 146  PHE A CD2 1 
ATOM   1159 C CE1 . PHE A 1 167 ? -0.036  -11.956 -2.891  1.00 27.43 ? 146  PHE A CE1 1 
ATOM   1160 C CE2 . PHE A 1 167 ? -1.184  -10.061 -1.933  1.00 27.31 ? 146  PHE A CE2 1 
ATOM   1161 C CZ  . PHE A 1 167 ? -1.197  -11.390 -2.376  1.00 25.89 ? 146  PHE A CZ  1 
ATOM   1162 N N   . SER A 1 168 ? 5.656   -9.477  -2.705  1.00 23.22 ? 147  SER A N   1 
ATOM   1163 C CA  . SER A 1 168 ? 6.965   -8.966  -3.068  1.00 23.10 ? 147  SER A CA  1 
ATOM   1164 C C   . SER A 1 168 ? 6.834   -7.887  -4.130  1.00 22.50 ? 147  SER A C   1 
ATOM   1165 O O   . SER A 1 168 ? 5.845   -7.867  -4.865  1.00 22.38 ? 147  SER A O   1 
ATOM   1166 C CB  . SER A 1 168 ? 7.860   -10.103 -3.579  1.00 23.37 ? 147  SER A CB  1 
ATOM   1167 O OG  . SER A 1 168 ? 8.456   -10.808 -2.497  1.00 24.93 ? 147  SER A OG  1 
ATOM   1168 N N   . PRO A 1 169 ? 7.824   -6.978  -4.211  1.00 22.12 ? 148  PRO A N   1 
ATOM   1169 C CA  . PRO A 1 169 ? 7.856   -6.080  -5.361  1.00 22.24 ? 148  PRO A CA  1 
ATOM   1170 C C   . PRO A 1 169 ? 7.835   -6.919  -6.633  1.00 22.73 ? 148  PRO A C   1 
ATOM   1171 O O   . PRO A 1 169 ? 8.531   -7.937  -6.709  1.00 22.48 ? 148  PRO A O   1 
ATOM   1172 C CB  . PRO A 1 169 ? 9.203   -5.366  -5.216  1.00 21.86 ? 148  PRO A CB  1 
ATOM   1173 C CG  . PRO A 1 169 ? 9.500   -5.426  -3.741  1.00 21.37 ? 148  PRO A CG  1 
ATOM   1174 C CD  . PRO A 1 169 ? 8.935   -6.728  -3.273  1.00 21.76 ? 148  PRO A CD  1 
ATOM   1175 N N   . GLY A 1 170 ? 7.021   -6.509  -7.602  1.00 23.05 ? 149  GLY A N   1 
ATOM   1176 C CA  . GLY A 1 170 ? 6.885   -7.252  -8.849  1.00 23.71 ? 149  GLY A CA  1 
ATOM   1177 C C   . GLY A 1 170 ? 5.707   -8.211  -8.892  1.00 24.14 ? 149  GLY A C   1 
ATOM   1178 O O   . GLY A 1 170 ? 5.359   -8.695  -9.962  1.00 24.58 ? 149  GLY A O   1 
ATOM   1179 N N   . ALA A 1 171 ? 5.088   -8.478  -7.741  1.00 24.40 ? 150  ALA A N   1 
ATOM   1180 C CA  . ALA A 1 171 ? 3.927   -9.376  -7.668  1.00 25.08 ? 150  ALA A CA  1 
ATOM   1181 C C   . ALA A 1 171 ? 2.858   -8.954  -8.667  1.00 25.78 ? 150  ALA A C   1 
ATOM   1182 O O   . ALA A 1 171 ? 2.485   -7.783  -8.737  1.00 25.88 ? 150  ALA A O   1 
ATOM   1183 C CB  . ALA A 1 171 ? 3.351   -9.423  -6.260  1.00 24.73 ? 150  ALA A CB  1 
ATOM   1184 N N   . SER A 1 172 ? 2.380   -9.919  -9.444  1.00 26.46 ? 151  SER A N   1 
ATOM   1185 C CA  . SER A 1 172 ? 1.460   -9.641  -10.540 1.00 27.17 ? 151  SER A CA  1 
ATOM   1186 C C   . SER A 1 172 ? 0.015   -9.573  -10.060 1.00 27.57 ? 151  SER A C   1 
ATOM   1187 O O   . SER A 1 172 ? -0.299  -9.970  -8.931  1.00 27.75 ? 151  SER A O   1 
ATOM   1188 C CB  . SER A 1 172 ? 1.617   -10.708 -11.635 1.00 27.04 ? 151  SER A CB  1 
ATOM   1189 O OG  . SER A 1 172 ? 1.382   -12.000 -11.107 1.00 27.13 ? 151  SER A OG  1 
ATOM   1190 N N   . VAL A 1 173 ? -0.847  -9.054  -10.930 1.00 28.46 ? 152  VAL A N   1 
ATOM   1191 C CA  . VAL A 1 173 ? -2.302  -9.026  -10.735 1.00 29.13 ? 152  VAL A CA  1 
ATOM   1192 C C   . VAL A 1 173 ? -2.827  -10.402 -10.351 1.00 29.82 ? 152  VAL A C   1 
ATOM   1193 O O   . VAL A 1 173 ? -3.543  -10.555 -9.351  1.00 29.96 ? 152  VAL A O   1 
ATOM   1194 C CB  . VAL A 1 173 ? -3.009  -8.568  -12.032 1.00 29.12 ? 152  VAL A CB  1 
ATOM   1195 C CG1 . VAL A 1 173 ? -4.526  -8.596  -11.873 1.00 29.27 ? 152  VAL A CG1 1 
ATOM   1196 C CG2 . VAL A 1 173 ? -2.525  -7.183  -12.453 1.00 28.70 ? 152  VAL A CG2 1 
ATOM   1197 N N   . LYS A 1 174 ? -2.445  -11.399 -11.152 1.00 30.71 ? 153  LYS A N   1 
ATOM   1198 C CA  . LYS A 1 174 ? -2.880  -12.784 -10.986 1.00 31.43 ? 153  LYS A CA  1 
ATOM   1199 C C   . LYS A 1 174 ? -2.364  -13.415 -9.698  1.00 31.77 ? 153  LYS A C   1 
ATOM   1200 O O   . LYS A 1 174 ? -3.087  -14.180 -9.049  1.00 31.76 ? 153  LYS A O   1 
ATOM   1201 C CB  . LYS A 1 174 ? -2.493  -13.629 -12.213 1.00 31.92 ? 153  LYS A CB  1 
ATOM   1202 C CG  . LYS A 1 174 ? -1.304  -13.091 -13.035 1.00 33.04 ? 153  LYS A CG  1 
ATOM   1203 C CD  . LYS A 1 174 ? -1.746  -11.966 -13.991 1.00 35.13 ? 153  LYS A CD  1 
ATOM   1204 C CE  . LYS A 1 174 ? -0.593  -11.057 -14.400 1.00 35.89 ? 153  LYS A CE  1 
ATOM   1205 N NZ  . LYS A 1 174 ? 0.372   -11.739 -15.326 1.00 37.71 ? 153  LYS A NZ  1 
ATOM   1206 N N   . ASP A 1 175 ? -1.120  -13.095 -9.334  1.00 32.19 ? 154  ASP A N   1 
ATOM   1207 C CA  . ASP A 1 175 ? -0.545  -13.524 -8.057  1.00 32.84 ? 154  ASP A CA  1 
ATOM   1208 C C   . ASP A 1 175 ? -1.393  -13.017 -6.878  1.00 32.83 ? 154  ASP A C   1 
ATOM   1209 O O   . ASP A 1 175 ? -1.700  -13.769 -5.954  1.00 32.71 ? 154  ASP A O   1 
ATOM   1210 C CB  . ASP A 1 175 ? 0.898   -13.012 -7.895  1.00 33.28 ? 154  ASP A CB  1 
ATOM   1211 C CG  . ASP A 1 175 ? 1.899   -13.687 -8.843  1.00 34.69 ? 154  ASP A CG  1 
ATOM   1212 O OD1 . ASP A 1 175 ? 1.643   -14.802 -9.349  1.00 34.94 ? 154  ASP A OD1 1 
ATOM   1213 O OD2 . ASP A 1 175 ? 2.977   -13.091 -9.066  1.00 36.38 ? 154  ASP A OD2 1 
ATOM   1214 N N   . ILE A 1 176 ? -1.763  -11.740 -6.932  1.00 33.15 ? 155  ILE A N   1 
ATOM   1215 C CA  . ILE A 1 176 ? -2.522  -11.078 -5.863  1.00 33.48 ? 155  ILE A CA  1 
ATOM   1216 C C   . ILE A 1 176 ? -3.991  -11.525 -5.842  1.00 33.97 ? 155  ILE A C   1 
ATOM   1217 O O   . ILE A 1 176 ? -4.563  -11.728 -4.769  1.00 33.74 ? 155  ILE A O   1 
ATOM   1218 C CB  . ILE A 1 176 ? -2.375  -9.525  -5.945  1.00 33.40 ? 155  ILE A CB  1 
ATOM   1219 C CG1 . ILE A 1 176 ? -0.919  -9.124  -5.681  1.00 33.13 ? 155  ILE A CG1 1 
ATOM   1220 C CG2 . ILE A 1 176 ? -3.314  -8.811  -4.955  1.00 33.00 ? 155  ILE A CG2 1 
ATOM   1221 C CD1 . ILE A 1 176 ? -0.531  -7.755  -6.201  1.00 32.58 ? 155  ILE A CD1 1 
ATOM   1222 N N   . GLU A 1 177 ? -4.582  -11.707 -7.022  1.00 34.86 ? 156  GLU A N   1 
ATOM   1223 C CA  . GLU A 1 177 ? -5.948  -12.247 -7.132  1.00 35.93 ? 156  GLU A CA  1 
ATOM   1224 C C   . GLU A 1 177 ? -6.119  -13.620 -6.478  1.00 36.46 ? 156  GLU A C   1 
ATOM   1225 O O   . GLU A 1 177 ? -7.175  -13.913 -5.919  1.00 36.78 ? 156  GLU A O   1 
ATOM   1226 C CB  . GLU A 1 177 ? -6.405  -12.293 -8.587  1.00 35.84 ? 156  GLU A CB  1 
ATOM   1227 C CG  . GLU A 1 177 ? -6.854  -10.946 -9.114  1.00 36.64 ? 156  GLU A CG  1 
ATOM   1228 C CD  . GLU A 1 177 ? -7.128  -10.951 -10.603 1.00 37.41 ? 156  GLU A CD  1 
ATOM   1229 O OE1 . GLU A 1 177 ? -6.427  -11.658 -11.360 1.00 38.49 ? 156  GLU A OE1 1 
ATOM   1230 O OE2 . GLU A 1 177 ? -8.045  -10.227 -11.022 1.00 38.34 ? 156  GLU A OE2 1 
ATOM   1231 N N   . LYS A 1 178 ? -5.075  -14.445 -6.545  1.00 37.20 ? 157  LYS A N   1 
ATOM   1232 C CA  . LYS A 1 178 ? -5.033  -15.745 -5.869  1.00 37.84 ? 157  LYS A CA  1 
ATOM   1233 C C   . LYS A 1 178 ? -5.519  -15.661 -4.417  1.00 38.03 ? 157  LYS A C   1 
ATOM   1234 O O   . LYS A 1 178 ? -6.133  -16.597 -3.903  1.00 37.99 ? 157  LYS A O   1 
ATOM   1235 C CB  . LYS A 1 178 ? -3.606  -16.294 -5.883  1.00 37.98 ? 157  LYS A CB  1 
ATOM   1236 C CG  . LYS A 1 178 ? -3.489  -17.812 -5.885  1.00 38.85 ? 157  LYS A CG  1 
ATOM   1237 C CD  . LYS A 1 178 ? -3.092  -18.317 -7.268  1.00 39.88 ? 157  LYS A CD  1 
ATOM   1238 C CE  . LYS A 1 178 ? -1.602  -18.135 -7.517  1.00 40.57 ? 157  LYS A CE  1 
ATOM   1239 N NZ  . LYS A 1 178 ? -1.271  -18.079 -8.979  1.00 41.61 ? 157  LYS A NZ  1 
ATOM   1240 N N   . LYS A 1 179 ? -5.239  -14.533 -3.769  1.00 38.21 ? 158  LYS A N   1 
ATOM   1241 C CA  . LYS A 1 179 ? -5.622  -14.321 -2.376  1.00 38.44 ? 158  LYS A CA  1 
ATOM   1242 C C   . LYS A 1 179 ? -6.806  -13.362 -2.242  1.00 38.51 ? 158  LYS A C   1 
ATOM   1243 O O   . LYS A 1 179 ? -7.634  -13.512 -1.338  1.00 38.36 ? 158  LYS A O   1 
ATOM   1244 C CB  . LYS A 1 179 ? -4.423  -13.811 -1.563  1.00 38.47 ? 158  LYS A CB  1 
ATOM   1245 C CG  . LYS A 1 179 ? -3.143  -14.627 -1.741  1.00 38.71 ? 158  LYS A CG  1 
ATOM   1246 C CD  . LYS A 1 179 ? -3.287  -16.038 -1.183  1.00 39.74 ? 158  LYS A CD  1 
ATOM   1247 C CE  . LYS A 1 179 ? -2.075  -16.893 -1.529  1.00 40.28 ? 158  LYS A CE  1 
ATOM   1248 N NZ  . LYS A 1 179 ? -1.925  -18.035 -0.586  1.00 39.78 ? 158  LYS A NZ  1 
ATOM   1249 N N   . LEU A 1 180 ? -6.879  -12.389 -3.148  1.00 38.57 ? 159  LEU A N   1 
ATOM   1250 C CA  . LEU A 1 180 ? -7.893  -11.339 -3.076  1.00 38.93 ? 159  LEU A CA  1 
ATOM   1251 C C   . LEU A 1 180 ? -9.300  -11.861 -3.352  1.00 39.50 ? 159  LEU A C   1 
ATOM   1252 O O   . LEU A 1 180 ? -10.245 -11.504 -2.647  1.00 39.51 ? 159  LEU A O   1 
ATOM   1253 C CB  . LEU A 1 180 ? -7.547  -10.183 -4.024  1.00 38.69 ? 159  LEU A CB  1 
ATOM   1254 C CG  . LEU A 1 180 ? -8.498  -8.987  -4.139  1.00 38.53 ? 159  LEU A CG  1 
ATOM   1255 C CD1 . LEU A 1 180 ? -8.763  -8.314  -2.780  1.00 37.75 ? 159  LEU A CD1 1 
ATOM   1256 C CD2 . LEU A 1 180 ? -7.954  -7.987  -5.148  1.00 38.27 ? 159  LEU A CD2 1 
ATOM   1257 N N   . ILE A 1 181 ? -9.429  -12.707 -4.372  1.00 40.30 ? 160  ILE A N   1 
ATOM   1258 C CA  . ILE A 1 181 ? -10.724 -13.274 -4.763  1.00 40.87 ? 160  ILE A CA  1 
ATOM   1259 C C   . ILE A 1 181 ? -11.421 -14.041 -3.618  1.00 41.25 ? 160  ILE A C   1 
ATOM   1260 O O   . ILE A 1 181 ? -12.550 -13.701 -3.264  1.00 41.22 ? 160  ILE A O   1 
ATOM   1261 C CB  . ILE A 1 181 ? -10.631 -14.078 -6.095  1.00 40.97 ? 160  ILE A CB  1 
ATOM   1262 C CG1 . ILE A 1 181 ? -10.494 -13.105 -7.269  1.00 41.05 ? 160  ILE A CG1 1 
ATOM   1263 C CG2 . ILE A 1 181 ? -11.856 -14.975 -6.289  1.00 41.03 ? 160  ILE A CG2 1 
ATOM   1264 C CD1 . ILE A 1 181 ? -9.967  -13.724 -8.557  1.00 41.90 ? 160  ILE A CD1 1 
ATOM   1265 N N   . PRO A 1 182 ? -10.753 -15.060 -3.027  1.00 41.78 ? 161  PRO A N   1 
ATOM   1266 C CA  . PRO A 1 182 ? -11.381 -15.731 -1.879  1.00 42.13 ? 161  PRO A CA  1 
ATOM   1267 C C   . PRO A 1 182 ? -11.766 -14.757 -0.763  1.00 42.63 ? 161  PRO A C   1 
ATOM   1268 O O   . PRO A 1 182 ? -12.771 -14.967 -0.076  1.00 42.68 ? 161  PRO A O   1 
ATOM   1269 C CB  . PRO A 1 182 ? -10.289 -16.691 -1.391  1.00 42.14 ? 161  PRO A CB  1 
ATOM   1270 C CG  . PRO A 1 182 ? -9.459  -16.951 -2.585  1.00 41.89 ? 161  PRO A CG  1 
ATOM   1271 C CD  . PRO A 1 182 ? -9.447  -15.664 -3.357  1.00 41.78 ? 161  PRO A CD  1 
ATOM   1272 N N   . LEU A 1 183 ? -10.971 -13.700 -0.603  1.00 43.03 ? 162  LEU A N   1 
ATOM   1273 C CA  . LEU A 1 183 ? -11.197 -12.684 0.421   1.00 43.57 ? 162  LEU A CA  1 
ATOM   1274 C C   . LEU A 1 183 ? -12.474 -11.881 0.159   1.00 43.87 ? 162  LEU A C   1 
ATOM   1275 O O   . LEU A 1 183 ? -13.271 -11.664 1.071   1.00 43.91 ? 162  LEU A O   1 
ATOM   1276 C CB  . LEU A 1 183 ? -9.980  -11.755 0.512   1.00 43.48 ? 162  LEU A CB  1 
ATOM   1277 C CG  . LEU A 1 183 ? -9.512  -11.267 1.882   1.00 43.46 ? 162  LEU A CG  1 
ATOM   1278 C CD1 . LEU A 1 183 ? -9.252  -12.429 2.838   1.00 43.62 ? 162  LEU A CD1 1 
ATOM   1279 C CD2 . LEU A 1 183 ? -8.257  -10.420 1.714   1.00 43.58 ? 162  LEU A CD2 1 
ATOM   1280 N N   . LEU A 1 184 ? -12.660 -11.451 -1.087  1.00 44.39 ? 163  LEU A N   1 
ATOM   1281 C CA  . LEU A 1 184 ? -13.854 -10.707 -1.495  1.00 45.22 ? 163  LEU A CA  1 
ATOM   1282 C C   . LEU A 1 184 ? -15.144 -11.515 -1.303  1.00 46.10 ? 163  LEU A C   1 
ATOM   1283 O O   . LEU A 1 184 ? -16.181 -10.965 -0.904  1.00 46.15 ? 163  LEU A O   1 
ATOM   1284 C CB  . LEU A 1 184 ? -13.727 -10.249 -2.952  1.00 45.04 ? 163  LEU A CB  1 
ATOM   1285 C CG  . LEU A 1 184 ? -12.806 -9.054  -3.220  1.00 45.01 ? 163  LEU A CG  1 
ATOM   1286 C CD1 . LEU A 1 184 ? -12.443 -8.981  -4.681  1.00 45.29 ? 163  LEU A CD1 1 
ATOM   1287 C CD2 . LEU A 1 184 ? -13.458 -7.749  -2.769  1.00 44.36 ? 163  LEU A CD2 1 
ATOM   1288 N N   . GLU A 1 185 ? -15.058 -12.817 -1.570  1.00 46.71 ? 164  GLU A N   1 
ATOM   1289 C CA  A GLU A 1 185 ? -16.212 -13.703 -1.454  0.50 47.17 ? 164  GLU A CA  1 
ATOM   1290 C CA  B GLU A 1 185 ? -16.195 -13.734 -1.451  0.50 47.15 ? 164  GLU A CA  1 
ATOM   1291 C C   . GLU A 1 185 ? -16.602 -13.990 0.002   1.00 47.42 ? 164  GLU A C   1 
ATOM   1292 O O   . GLU A 1 185 ? -17.711 -14.463 0.270   1.00 47.49 ? 164  GLU A O   1 
ATOM   1293 C CB  A GLU A 1 185 ? -15.974 -14.995 -2.248  0.50 47.14 ? 164  GLU A CB  1 
ATOM   1294 C CB  B GLU A 1 185 ? -15.886 -15.063 -2.151  0.50 47.08 ? 164  GLU A CB  1 
ATOM   1295 C CG  A GLU A 1 185 ? -16.387 -14.928 -3.732  0.50 47.45 ? 164  GLU A CG  1 
ATOM   1296 C CG  B GLU A 1 185 ? -15.724 -14.951 -3.664  0.50 47.20 ? 164  GLU A CG  1 
ATOM   1297 C CD  A GLU A 1 185 ? -15.836 -13.711 -4.479  0.50 47.70 ? 164  GLU A CD  1 
ATOM   1298 C CD  B GLU A 1 185 ? -15.555 -16.296 -4.356  0.50 47.21 ? 164  GLU A CD  1 
ATOM   1299 O OE1 A GLU A 1 185 ? -16.458 -12.629 -4.413  0.50 47.52 ? 164  GLU A OE1 1 
ATOM   1300 O OE1 B GLU A 1 185 ? -15.843 -17.343 -3.733  0.50 47.30 ? 164  GLU A OE1 1 
ATOM   1301 O OE2 A GLU A 1 185 ? -14.791 -13.844 -5.151  0.50 47.86 ? 164  GLU A OE2 1 
ATOM   1302 O OE2 B GLU A 1 185 ? -15.134 -16.304 -5.532  0.50 47.36 ? 164  GLU A OE2 1 
ATOM   1303 N N   . SER A 1 186 ? -15.697 -13.682 0.935   1.00 47.82 ? 165  SER A N   1 
ATOM   1304 C CA  . SER A 1 186 ? -15.946 -13.879 2.369   1.00 48.41 ? 165  SER A CA  1 
ATOM   1305 C C   . SER A 1 186 ? -16.940 -12.866 2.960   1.00 48.71 ? 165  SER A C   1 
ATOM   1306 O O   . SER A 1 186 ? -17.422 -11.966 2.259   1.00 48.74 ? 165  SER A O   1 
ATOM   1307 C CB  . SER A 1 186 ? -14.629 -13.868 3.160   1.00 48.44 ? 165  SER A CB  1 
ATOM   1308 O OG  . SER A 1 186 ? -14.136 -12.548 3.333   1.00 48.95 ? 165  SER A OG  1 
ATOM   1309 N N   . THR A 1 187 ? -17.226 -13.032 4.253   1.00 49.08 ? 166  THR A N   1 
ATOM   1310 C CA  . THR A 1 187 ? -18.244 -12.263 4.986   1.00 49.28 ? 166  THR A CA  1 
ATOM   1311 C C   . THR A 1 187 ? -19.605 -12.252 4.289   1.00 49.35 ? 166  THR A C   1 
ATOM   1312 O O   . THR A 1 187 ? -20.337 -13.244 4.325   1.00 49.52 ? 166  THR A O   1 
ATOM   1313 C CB  . THR A 1 187 ? -17.765 -10.839 5.277   1.00 49.28 ? 166  THR A CB  1 
HETATM 1314 O O   . HOH B 2 .   ? -10.391 3.746   13.413  1.00 47.06 ? 2001 HOH A O   1 
HETATM 1315 O O   . HOH B 2 .   ? -7.160  11.342  -0.643  1.00 41.43 ? 2002 HOH A O   1 
HETATM 1316 O O   . HOH B 2 .   ? -7.890  6.105   10.913  1.00 53.79 ? 2003 HOH A O   1 
HETATM 1317 O O   . HOH B 2 .   ? -0.884  6.073   14.259  1.00 37.16 ? 2004 HOH A O   1 
HETATM 1318 O O   . HOH B 2 .   ? -1.071  10.945  11.514  1.00 32.91 ? 2005 HOH A O   1 
HETATM 1319 O O   . HOH B 2 .   ? -3.183  11.840  10.501  1.00 29.06 ? 2006 HOH A O   1 
HETATM 1320 O O   . HOH B 2 .   ? 0.981   9.293   7.780   1.00 25.40 ? 2007 HOH A O   1 
HETATM 1321 O O   . HOH B 2 .   ? -7.892  12.496  1.720   1.00 29.85 ? 2008 HOH A O   1 
HETATM 1322 O O   . HOH B 2 .   ? 0.719   17.869  -1.522  1.00 48.17 ? 2009 HOH A O   1 
HETATM 1323 O O   . HOH B 2 .   ? -1.667  20.560  1.582   1.00 43.73 ? 2010 HOH A O   1 
HETATM 1324 O O   . HOH B 2 .   ? 1.204   20.123  1.001   1.00 39.50 ? 2011 HOH A O   1 
HETATM 1325 O O   . HOH B 2 .   ? -9.575  14.273  0.158   1.00 37.44 ? 2012 HOH A O   1 
HETATM 1326 O O   . HOH B 2 .   ? -5.943  8.545   9.625   1.00 30.30 ? 2013 HOH A O   1 
HETATM 1327 O O   . HOH B 2 .   ? -11.423 7.400   9.433   1.00 40.54 ? 2014 HOH A O   1 
HETATM 1328 O O   . HOH B 2 .   ? -15.955 0.604   1.716   1.00 41.68 ? 2015 HOH A O   1 
HETATM 1329 O O   . HOH B 2 .   ? -16.021 -0.965  3.665   1.00 39.68 ? 2016 HOH A O   1 
HETATM 1330 O O   . HOH B 2 .   ? -16.912 1.149   7.004   1.00 37.81 ? 2017 HOH A O   1 
HETATM 1331 O O   . HOH B 2 .   ? -11.134 -3.752  6.029   1.00 32.45 ? 2018 HOH A O   1 
HETATM 1332 O O   . HOH B 2 .   ? 2.638   -5.526  -7.255  1.00 20.74 ? 2019 HOH A O   1 
HETATM 1333 O O   . HOH B 2 .   ? 9.627   1.789   -13.919 1.00 23.97 ? 2020 HOH A O   1 
HETATM 1334 O O   . HOH B 2 .   ? 10.305  11.596  3.704   1.00 24.08 ? 2021 HOH A O   1 
HETATM 1335 O O   . HOH B 2 .   ? 8.321   -1.902  -13.791 1.00 26.76 ? 2022 HOH A O   1 
HETATM 1336 O O   . HOH B 2 .   ? 14.755  0.349   -8.921  1.00 19.56 ? 2023 HOH A O   1 
HETATM 1337 O O   . HOH B 2 .   ? 11.610  -8.998  -10.586 1.00 20.46 ? 2024 HOH A O   1 
HETATM 1338 O O   . HOH B 2 .   ? 5.487   -4.698  -10.918 1.00 29.05 ? 2025 HOH A O   1 
HETATM 1339 O O   . HOH B 2 .   ? 5.299   7.351   -6.784  1.00 18.47 ? 2026 HOH A O   1 
HETATM 1340 O O   . HOH B 2 .   ? 2.113   -4.144  -15.943 1.00 40.88 ? 2027 HOH A O   1 
HETATM 1341 O O   . HOH B 2 .   ? -7.339  3.895   -11.004 1.00 37.77 ? 2028 HOH A O   1 
HETATM 1342 O O   . HOH B 2 .   ? -7.505  -7.785  -15.473 1.00 39.96 ? 2029 HOH A O   1 
HETATM 1343 O O   . HOH B 2 .   ? -14.852 -6.010  -12.846 1.00 47.22 ? 2030 HOH A O   1 
HETATM 1344 O O   . HOH B 2 .   ? -20.537 -4.625  -7.273  1.00 41.32 ? 2031 HOH A O   1 
HETATM 1345 O O   . HOH B 2 .   ? -11.306 -1.263  1.518   1.00 32.88 ? 2032 HOH A O   1 
HETATM 1346 O O   . HOH B 2 .   ? -13.227 1.082   0.294   1.00 33.91 ? 2033 HOH A O   1 
HETATM 1347 O O   . HOH B 2 .   ? -10.657 4.474   -2.718  1.00 32.59 ? 2034 HOH A O   1 
HETATM 1348 O O   . HOH B 2 .   ? 12.597  4.902   -2.393  1.00 15.03 ? 2035 HOH A O   1 
HETATM 1349 O O   . HOH B 2 .   ? 17.326  6.324   0.176   1.00 20.36 ? 2036 HOH A O   1 
HETATM 1350 O O   . HOH B 2 .   ? 17.008  1.293   2.743   1.00 23.93 ? 2037 HOH A O   1 
HETATM 1351 O O   . HOH B 2 .   ? 18.805  0.983   -0.837  1.00 27.90 ? 2038 HOH A O   1 
HETATM 1352 O O   . HOH B 2 .   ? 19.191  4.730   -6.832  1.00 33.09 ? 2039 HOH A O   1 
HETATM 1353 O O   . HOH B 2 .   ? 17.091  10.834  -4.446  1.00 27.58 ? 2040 HOH A O   1 
HETATM 1354 O O   . HOH B 2 .   ? 9.531   11.545  -6.551  1.00 18.59 ? 2041 HOH A O   1 
HETATM 1355 O O   . HOH B 2 .   ? 7.656   20.711  -1.102  1.00 34.11 ? 2042 HOH A O   1 
HETATM 1356 O O   . HOH B 2 .   ? -12.277 6.703   -9.455  1.00 44.70 ? 2043 HOH A O   1 
HETATM 1357 O O   . HOH B 2 .   ? -4.885  9.280   -6.988  1.00 35.23 ? 2044 HOH A O   1 
HETATM 1358 O O   . HOH B 2 .   ? -4.845  12.451  -1.199  1.00 40.60 ? 2045 HOH A O   1 
HETATM 1359 O O   . HOH B 2 .   ? 1.244   8.972   5.062   1.00 19.35 ? 2046 HOH A O   1 
HETATM 1360 O O   . HOH B 2 .   ? 6.118   13.487  4.394   1.00 16.21 ? 2047 HOH A O   1 
HETATM 1361 O O   . HOH B 2 .   ? 3.943   11.549  6.608   1.00 16.07 ? 2048 HOH A O   1 
HETATM 1362 O O   . HOH B 2 .   ? 10.442  8.628   2.775   1.00 21.64 ? 2049 HOH A O   1 
HETATM 1363 O O   . HOH B 2 .   ? 10.363  10.488  6.000   1.00 34.98 ? 2050 HOH A O   1 
HETATM 1364 O O   . HOH B 2 .   ? 13.570  10.184  7.697   1.00 21.89 ? 2051 HOH A O   1 
HETATM 1365 O O   . HOH B 2 .   ? 12.671  8.423   3.655   1.00 24.76 ? 2052 HOH A O   1 
HETATM 1366 O O   . HOH B 2 .   ? 15.627  0.504   4.950   1.00 21.75 ? 2053 HOH A O   1 
HETATM 1367 O O   . HOH B 2 .   ? 13.253  5.506   9.890   1.00 20.33 ? 2054 HOH A O   1 
HETATM 1368 O O   . HOH B 2 .   ? 17.114  3.559   12.174  1.00 32.16 ? 2055 HOH A O   1 
HETATM 1369 O O   . HOH B 2 .   ? 7.164   7.410   8.926   1.00 19.89 ? 2056 HOH A O   1 
HETATM 1370 O O   . HOH B 2 .   ? 8.267   3.154   14.506  1.00 40.33 ? 2057 HOH A O   1 
HETATM 1371 O O   . HOH B 2 .   ? 1.043   9.927   10.280  1.00 38.40 ? 2058 HOH A O   1 
HETATM 1372 O O   . HOH B 2 .   ? 3.065   -0.167  15.647  1.00 30.82 ? 2059 HOH A O   1 
HETATM 1373 O O   . HOH B 2 .   ? 3.778   -1.772  1.478   1.00 19.19 ? 2060 HOH A O   1 
HETATM 1374 O O   . HOH B 2 .   ? 7.509   -4.715  12.799  1.00 28.05 ? 2061 HOH A O   1 
HETATM 1375 O O   . HOH B 2 .   ? -3.332  -8.611  13.834  1.00 36.46 ? 2062 HOH A O   1 
HETATM 1376 O O   . HOH B 2 .   ? 6.570   -11.152 13.007  1.00 39.91 ? 2063 HOH A O   1 
HETATM 1377 O O   . HOH B 2 .   ? 1.882   -14.844 8.730   1.00 43.07 ? 2064 HOH A O   1 
HETATM 1378 O O   . HOH B 2 .   ? 6.548   -13.362 3.256   1.00 33.22 ? 2065 HOH A O   1 
HETATM 1379 O O   . HOH B 2 .   ? 4.089   -13.187 5.329   1.00 31.04 ? 2066 HOH A O   1 
HETATM 1380 O O   . HOH B 2 .   ? 8.252   -15.626 6.315   1.00 45.81 ? 2067 HOH A O   1 
HETATM 1381 O O   . HOH B 2 .   ? 11.722  -9.995  2.605   1.00 21.37 ? 2068 HOH A O   1 
HETATM 1382 O O   . HOH B 2 .   ? 11.111  -17.226 3.508   1.00 27.73 ? 2069 HOH A O   1 
HETATM 1383 O O   . HOH B 2 .   ? 12.592  -8.650  4.951   1.00 25.33 ? 2070 HOH A O   1 
HETATM 1384 O O   . HOH B 2 .   ? 13.942  -7.247  9.479   1.00 29.65 ? 2071 HOH A O   1 
HETATM 1385 O O   . HOH B 2 .   ? 15.406  -3.579  3.931   1.00 20.98 ? 2072 HOH A O   1 
HETATM 1386 O O   . HOH B 2 .   ? 9.918   -6.180  0.925   1.00 25.49 ? 2073 HOH A O   1 
HETATM 1387 O O   . HOH B 2 .   ? 16.863  -4.651  0.122   1.00 37.93 ? 2074 HOH A O   1 
HETATM 1388 O O   . HOH B 2 .   ? 8.929   2.725   -1.502  1.00 10.62 ? 2075 HOH A O   1 
HETATM 1389 O O   . HOH B 2 .   ? 3.701   -5.994  -4.436  1.00 15.32 ? 2076 HOH A O   1 
HETATM 1390 O O   . HOH B 2 .   ? -11.899 -10.349 4.132   1.00 52.36 ? 2077 HOH A O   1 
HETATM 1391 O O   . HOH B 2 .   ? -11.130 -5.169  13.410  1.00 36.92 ? 2078 HOH A O   1 
HETATM 1392 O O   . HOH B 2 .   ? -3.011  -12.524 9.629   1.00 32.48 ? 2079 HOH A O   1 
HETATM 1393 O O   . HOH B 2 .   ? 0.688   -15.169 4.002   1.00 35.07 ? 2080 HOH A O   1 
HETATM 1394 O O   . HOH B 2 .   ? 6.189   -11.850 0.997   1.00 32.37 ? 2081 HOH A O   1 
HETATM 1395 O O   . HOH B 2 .   ? 2.683   -13.221 3.277   1.00 30.64 ? 2082 HOH A O   1 
HETATM 1396 O O   . HOH B 2 .   ? 9.604   -8.415  1.919   1.00 29.61 ? 2083 HOH A O   1 
HETATM 1397 O O   . HOH B 2 .   ? 4.750   -12.101 -3.747  1.00 15.97 ? 2084 HOH A O   1 
HETATM 1398 O O   . HOH B 2 .   ? 7.167   -13.630 -1.105  1.00 30.71 ? 2085 HOH A O   1 
HETATM 1399 O O   . HOH B 2 .   ? 8.086   -9.977  0.395   1.00 33.29 ? 2086 HOH A O   1 
HETATM 1400 O O   . HOH B 2 .   ? 11.307  -8.470  -5.767  1.00 23.99 ? 2087 HOH A O   1 
HETATM 1401 O O   . HOH B 2 .   ? 5.075   -4.399  -7.927  1.00 17.87 ? 2088 HOH A O   1 
HETATM 1402 O O   . HOH B 2 .   ? 3.381   -6.161  -10.794 1.00 36.66 ? 2089 HOH A O   1 
HETATM 1403 O O   . HOH B 2 .   ? 1.783   -14.343 -12.732 1.00 42.90 ? 2090 HOH A O   1 
HETATM 1404 O O   . HOH B 2 .   ? -5.124  -15.593 -10.187 1.00 27.37 ? 2091 HOH A O   1 
HETATM 1405 O O   . HOH B 2 .   ? 3.474   -16.421 -11.029 1.00 43.03 ? 2092 HOH A O   1 
HETATM 1406 O O   . HOH B 2 .   ? 4.848   -12.562 -10.312 1.00 41.11 ? 2093 HOH A O   1 
HETATM 1407 O O   . HOH B 2 .   ? 0.949   -16.682 -8.355  1.00 45.26 ? 2094 HOH A O   1 
HETATM 1408 O O   . HOH B 2 .   ? -6.469  -11.282 -14.019 1.00 33.87 ? 2095 HOH A O   1 
HETATM 1409 O O   . HOH B 2 .   ? -7.098  -14.848 -11.390 1.00 32.12 ? 2096 HOH A O   1 
# 
loop_
_pdbx_poly_seq_scheme.asym_id 
_pdbx_poly_seq_scheme.entity_id 
_pdbx_poly_seq_scheme.seq_id 
_pdbx_poly_seq_scheme.mon_id 
_pdbx_poly_seq_scheme.ndb_seq_num 
_pdbx_poly_seq_scheme.pdb_seq_num 
_pdbx_poly_seq_scheme.auth_seq_num 
_pdbx_poly_seq_scheme.pdb_mon_id 
_pdbx_poly_seq_scheme.auth_mon_id 
_pdbx_poly_seq_scheme.pdb_strand_id 
_pdbx_poly_seq_scheme.pdb_ins_code 
_pdbx_poly_seq_scheme.hetero 
A 1 1   MET 1   -20 ?   ?   ?   A . n 
A 1 2   GLY 2   -19 ?   ?   ?   A . n 
A 1 3   SER 3   -18 ?   ?   ?   A . n 
A 1 4   SER 4   -17 ?   ?   ?   A . n 
A 1 5   HIS 5   -16 ?   ?   ?   A . n 
A 1 6   HIS 6   -15 ?   ?   ?   A . n 
A 1 7   HIS 7   -14 ?   ?   ?   A . n 
A 1 8   HIS 8   -13 ?   ?   ?   A . n 
A 1 9   HIS 9   -12 ?   ?   ?   A . n 
A 1 10  HIS 10  -11 ?   ?   ?   A . n 
A 1 11  SER 11  -10 ?   ?   ?   A . n 
A 1 12  SER 12  -9  ?   ?   ?   A . n 
A 1 13  GLY 13  -8  ?   ?   ?   A . n 
A 1 14  LEU 14  -7  ?   ?   ?   A . n 
A 1 15  VAL 15  -6  ?   ?   ?   A . n 
A 1 16  PRO 16  -5  ?   ?   ?   A . n 
A 1 17  ARG 17  -4  ?   ?   ?   A . n 
A 1 18  GLY 18  -3  ?   ?   ?   A . n 
A 1 19  GLY 19  -2  ?   ?   ?   A . n 
A 1 20  SER 20  -1  ?   ?   ?   A . n 
A 1 21  HIS 21  0   ?   ?   ?   A . n 
A 1 22  MET 22  1   ?   ?   ?   A . n 
A 1 23  SER 23  2   ?   ?   ?   A . n 
A 1 24  ALA 24  3   3   ALA ALA A . n 
A 1 25  ALA 25  4   4   ALA ALA A . n 
A 1 26  SER 26  5   5   SER SER A . n 
A 1 27  SER 27  6   6   SER SER A . n 
A 1 28  ILE 28  7   7   ILE ILE A . n 
A 1 29  PHE 29  8   8   PHE PHE A . n 
A 1 30  ASP 30  9   9   ASP ASP A . n 
A 1 31  PHE 31  10  10  PHE PHE A . n 
A 1 32  GLU 32  11  11  GLU GLU A . n 
A 1 33  VAL 33  12  12  VAL VAL A . n 
A 1 34  LEU 34  13  13  LEU LEU A . n 
A 1 35  ASP 35  14  14  ASP ASP A . n 
A 1 36  ALA 36  15  15  ALA ALA A . n 
A 1 37  ASP 37  16  16  ASP ASP A . n 
A 1 38  HIS 38  17  17  HIS HIS A . n 
A 1 39  LYS 39  18  18  LYS LYS A . n 
A 1 40  PRO 40  19  19  PRO PRO A . n 
A 1 41  TYR 41  20  20  TYR TYR A . n 
A 1 42  ASN 42  21  21  ASN ASN A . n 
A 1 43  LEU 43  22  22  LEU LEU A . n 
A 1 44  VAL 44  23  23  VAL VAL A . n 
A 1 45  GLN 45  24  24  GLN GLN A . n 
A 1 46  HIS 46  25  25  HIS HIS A . n 
A 1 47  LYS 47  26  26  LYS LYS A . n 
A 1 48  GLY 48  27  27  GLY GLY A . n 
A 1 49  SER 49  28  28  SER SER A . n 
A 1 50  PRO 50  29  29  PRO PRO A . n 
A 1 51  LEU 51  30  30  LEU LEU A . n 
A 1 52  LEU 52  31  31  LEU LEU A . n 
A 1 53  ILE 53  32  32  ILE ILE A . n 
A 1 54  TYR 54  33  33  TYR TYR A . n 
A 1 55  ASN 55  34  34  ASN ASN A . n 
A 1 56  VAL 56  35  35  VAL VAL A . n 
A 1 57  ALA 57  36  36  ALA ALA A . n 
A 1 58  SER 58  37  37  SER SER A . n 
A 1 59  LYS 59  38  38  LYS LYS A . n 
A 1 60  CYS 60  39  39  CYS CYS A . n 
A 1 61  GLY 61  40  40  GLY GLY A . n 
A 1 62  TYR 62  41  41  TYR TYR A . n 
A 1 63  THR 63  42  42  THR THR A . n 
A 1 64  LYS 64  43  43  LYS LYS A . n 
A 1 65  GLY 65  44  44  GLY GLY A . n 
A 1 66  GLY 66  45  45  GLY GLY A . n 
A 1 67  TYR 67  46  46  TYR TYR A . n 
A 1 68  GLU 68  47  47  GLU GLU A . n 
A 1 69  THR 69  48  48  THR THR A . n 
A 1 70  ALA 70  49  49  ALA ALA A . n 
A 1 71  THR 71  50  50  THR THR A . n 
A 1 72  THR 72  51  51  THR THR A . n 
A 1 73  LEU 73  52  52  LEU LEU A . n 
A 1 74  TYR 74  53  53  TYR TYR A . n 
A 1 75  ASN 75  54  54  ASN ASN A . n 
A 1 76  LYS 76  55  55  LYS LYS A . n 
A 1 77  TYR 77  56  56  TYR TYR A . n 
A 1 78  LYS 78  57  57  LYS LYS A . n 
A 1 79  SER 79  58  58  SER SER A . n 
A 1 80  GLN 80  59  59  GLN GLN A . n 
A 1 81  GLY 81  60  60  GLY GLY A . n 
A 1 82  PHE 82  61  61  PHE PHE A . n 
A 1 83  THR 83  62  62  THR THR A . n 
A 1 84  VAL 84  63  63  VAL VAL A . n 
A 1 85  LEU 85  64  64  LEU LEU A . n 
A 1 86  ALA 86  65  65  ALA ALA A . n 
A 1 87  PHE 87  66  66  PHE PHE A . n 
A 1 88  PRO 88  67  67  PRO PRO A . n 
A 1 89  CYS 89  68  68  CYS CYS A . n 
A 1 90  ASN 90  69  69  ASN ASN A . n 
A 1 91  GLN 91  70  70  GLN GLN A . n 
A 1 92  PHE 92  71  71  PHE PHE A . n 
A 1 93  GLY 93  72  72  GLY GLY A . n 
A 1 94  GLY 94  73  73  GLY GLY A . n 
A 1 95  GLN 95  74  74  GLN GLN A . n 
A 1 96  GLU 96  75  75  GLU GLU A . n 
A 1 97  PRO 97  76  76  PRO PRO A . n 
A 1 98  GLY 98  77  77  GLY GLY A . n 
A 1 99  ASN 99  78  78  ASN ASN A . n 
A 1 100 GLU 100 79  79  GLU GLU A . n 
A 1 101 GLU 101 80  80  GLU GLU A . n 
A 1 102 GLU 102 81  81  GLU GLU A . n 
A 1 103 ILE 103 82  82  ILE ILE A . n 
A 1 104 LYS 104 83  83  LYS LYS A . n 
A 1 105 GLU 105 84  84  GLU GLU A . n 
A 1 106 PHE 106 85  85  PHE PHE A . n 
A 1 107 VAL 107 86  86  VAL VAL A . n 
A 1 108 CYS 108 87  87  CYS CYS A . n 
A 1 109 THR 109 88  88  THR THR A . n 
A 1 110 LYS 110 89  89  LYS LYS A . n 
A 1 111 PHE 111 90  90  PHE PHE A . n 
A 1 112 LYS 112 91  91  LYS LYS A . n 
A 1 113 ALA 113 92  92  ALA ALA A . n 
A 1 114 GLU 114 93  93  GLU GLU A . n 
A 1 115 PHE 115 94  94  PHE PHE A . n 
A 1 116 PRO 116 95  95  PRO PRO A . n 
A 1 117 ILE 117 96  96  ILE ILE A . n 
A 1 118 MET 118 97  97  MET MET A . n 
A 1 119 ALA 119 98  98  ALA ALA A . n 
A 1 120 LYS 120 99  99  LYS LYS A . n 
A 1 121 ILE 121 100 100 ILE ILE A . n 
A 1 122 ASN 122 101 101 ASN ASN A . n 
A 1 123 VAL 123 102 102 VAL VAL A . n 
A 1 124 ASN 124 103 103 ASN ASN A . n 
A 1 125 GLY 125 104 104 GLY GLY A . n 
A 1 126 GLU 126 105 105 GLU GLU A . n 
A 1 127 ASN 127 106 106 ASN ASN A . n 
A 1 128 ALA 128 107 107 ALA ALA A . n 
A 1 129 HIS 129 108 108 HIS HIS A . n 
A 1 130 PRO 130 109 109 PRO PRO A . n 
A 1 131 LEU 131 110 110 LEU LEU A . n 
A 1 132 TYR 132 111 111 TYR TYR A . n 
A 1 133 GLU 133 112 112 GLU GLU A . n 
A 1 134 TYR 134 113 113 TYR TYR A . n 
A 1 135 MET 135 114 114 MET MET A . n 
A 1 136 LYS 136 115 115 LYS LYS A . n 
A 1 137 LYS 137 116 116 LYS LYS A . n 
A 1 138 THR 138 117 117 THR THR A . n 
A 1 139 LYS 139 118 118 LYS LYS A . n 
A 1 140 PRO 140 119 119 PRO PRO A . n 
A 1 141 GLY 141 120 120 GLY GLY A . n 
A 1 142 ILE 142 121 121 ILE ILE A . n 
A 1 143 LEU 143 122 122 LEU LEU A . n 
A 1 144 LYS 144 123 123 LYS LYS A . n 
A 1 145 THR 145 124 124 THR THR A . n 
A 1 146 LYS 146 125 125 LYS LYS A . n 
A 1 147 ALA 147 126 126 ALA ALA A . n 
A 1 148 ILE 148 127 127 ILE ILE A . n 
A 1 149 LYS 149 128 128 LYS LYS A . n 
A 1 150 TRP 150 129 129 TRP TRP A . n 
A 1 151 ASN 151 130 130 ASN ASN A . n 
A 1 152 PHE 152 131 131 PHE PHE A . n 
A 1 153 THR 153 132 132 THR THR A . n 
A 1 154 SER 154 133 133 SER SER A . n 
A 1 155 PHE 155 134 134 PHE PHE A . n 
A 1 156 LEU 156 135 135 LEU LEU A . n 
A 1 157 ILE 157 136 136 ILE ILE A . n 
A 1 158 ASP 158 137 137 ASP ASP A . n 
A 1 159 ARG 159 138 138 ARG ARG A . n 
A 1 160 ASP 160 139 139 ASP ASP A . n 
A 1 161 GLY 161 140 140 GLY GLY A . n 
A 1 162 VAL 162 141 141 VAL VAL A . n 
A 1 163 PRO 163 142 142 PRO PRO A . n 
A 1 164 VAL 164 143 143 VAL VAL A . n 
A 1 165 GLU 165 144 144 GLU GLU A . n 
A 1 166 ARG 166 145 145 ARG ARG A . n 
A 1 167 PHE 167 146 146 PHE PHE A . n 
A 1 168 SER 168 147 147 SER SER A . n 
A 1 169 PRO 169 148 148 PRO PRO A . n 
A 1 170 GLY 170 149 149 GLY GLY A . n 
A 1 171 ALA 171 150 150 ALA ALA A . n 
A 1 172 SER 172 151 151 SER SER A . n 
A 1 173 VAL 173 152 152 VAL VAL A . n 
A 1 174 LYS 174 153 153 LYS LYS A . n 
A 1 175 ASP 175 154 154 ASP ASP A . n 
A 1 176 ILE 176 155 155 ILE ILE A . n 
A 1 177 GLU 177 156 156 GLU GLU A . n 
A 1 178 LYS 178 157 157 LYS LYS A . n 
A 1 179 LYS 179 158 158 LYS LYS A . n 
A 1 180 LEU 180 159 159 LEU LEU A . n 
A 1 181 ILE 181 160 160 ILE ILE A . n 
A 1 182 PRO 182 161 161 PRO PRO A . n 
A 1 183 LEU 183 162 162 LEU LEU A . n 
A 1 184 LEU 184 163 163 LEU LEU A . n 
A 1 185 GLU 185 164 164 GLU GLU A . n 
A 1 186 SER 186 165 165 SER SER A . n 
A 1 187 THR 187 166 166 THR THR A . n 
A 1 188 GLN 188 167 ?   ?   ?   A . n 
A 1 189 SER 189 168 ?   ?   ?   A . n 
A 1 190 ALA 190 169 ?   ?   ?   A . n 
# 
loop_
_pdbx_nonpoly_scheme.asym_id 
_pdbx_nonpoly_scheme.entity_id 
_pdbx_nonpoly_scheme.mon_id 
_pdbx_nonpoly_scheme.ndb_seq_num 
_pdbx_nonpoly_scheme.pdb_seq_num 
_pdbx_nonpoly_scheme.auth_seq_num 
_pdbx_nonpoly_scheme.pdb_mon_id 
_pdbx_nonpoly_scheme.auth_mon_id 
_pdbx_nonpoly_scheme.pdb_strand_id 
_pdbx_nonpoly_scheme.pdb_ins_code 
B 2 HOH 1  2001 2001 HOH HOH A . 
B 2 HOH 2  2002 2002 HOH HOH A . 
B 2 HOH 3  2003 2003 HOH HOH A . 
B 2 HOH 4  2004 2004 HOH HOH A . 
B 2 HOH 5  2005 2005 HOH HOH A . 
B 2 HOH 6  2006 2006 HOH HOH A . 
B 2 HOH 7  2007 2007 HOH HOH A . 
B 2 HOH 8  2008 2008 HOH HOH A . 
B 2 HOH 9  2009 2009 HOH HOH A . 
B 2 HOH 10 2010 2010 HOH HOH A . 
B 2 HOH 11 2011 2011 HOH HOH A . 
B 2 HOH 12 2012 2012 HOH HOH A . 
B 2 HOH 13 2013 2013 HOH HOH A . 
B 2 HOH 14 2014 2014 HOH HOH A . 
B 2 HOH 15 2015 2015 HOH HOH A . 
B 2 HOH 16 2016 2016 HOH HOH A . 
B 2 HOH 17 2017 2017 HOH HOH A . 
B 2 HOH 18 2018 2018 HOH HOH A . 
B 2 HOH 19 2019 2019 HOH HOH A . 
B 2 HOH 20 2020 2020 HOH HOH A . 
B 2 HOH 21 2021 2021 HOH HOH A . 
B 2 HOH 22 2022 2022 HOH HOH A . 
B 2 HOH 23 2023 2023 HOH HOH A . 
B 2 HOH 24 2024 2024 HOH HOH A . 
B 2 HOH 25 2025 2025 HOH HOH A . 
B 2 HOH 26 2026 2026 HOH HOH A . 
B 2 HOH 27 2027 2027 HOH HOH A . 
B 2 HOH 28 2028 2028 HOH HOH A . 
B 2 HOH 29 2029 2029 HOH HOH A . 
B 2 HOH 30 2030 2030 HOH HOH A . 
B 2 HOH 31 2031 2031 HOH HOH A . 
B 2 HOH 32 2032 2032 HOH HOH A . 
B 2 HOH 33 2033 2033 HOH HOH A . 
B 2 HOH 34 2034 2034 HOH HOH A . 
B 2 HOH 35 2035 2035 HOH HOH A . 
B 2 HOH 36 2036 2036 HOH HOH A . 
B 2 HOH 37 2037 2037 HOH HOH A . 
B 2 HOH 38 2038 2038 HOH HOH A . 
B 2 HOH 39 2039 2039 HOH HOH A . 
B 2 HOH 40 2040 2040 HOH HOH A . 
B 2 HOH 41 2041 2041 HOH HOH A . 
B 2 HOH 42 2042 2042 HOH HOH A . 
B 2 HOH 43 2043 2043 HOH HOH A . 
B 2 HOH 44 2044 2044 HOH HOH A . 
B 2 HOH 45 2045 2045 HOH HOH A . 
B 2 HOH 46 2046 2046 HOH HOH A . 
B 2 HOH 47 2047 2047 HOH HOH A . 
B 2 HOH 48 2048 2048 HOH HOH A . 
B 2 HOH 49 2049 2049 HOH HOH A . 
B 2 HOH 50 2050 2050 HOH HOH A . 
B 2 HOH 51 2051 2051 HOH HOH A . 
B 2 HOH 52 2052 2052 HOH HOH A . 
B 2 HOH 53 2053 2053 HOH HOH A . 
B 2 HOH 54 2054 2054 HOH HOH A . 
B 2 HOH 55 2055 2055 HOH HOH A . 
B 2 HOH 56 2056 2056 HOH HOH A . 
B 2 HOH 57 2057 2057 HOH HOH A . 
B 2 HOH 58 2058 2058 HOH HOH A . 
B 2 HOH 59 2059 2059 HOH HOH A . 
B 2 HOH 60 2060 2060 HOH HOH A . 
B 2 HOH 61 2061 2061 HOH HOH A . 
B 2 HOH 62 2062 2062 HOH HOH A . 
B 2 HOH 63 2063 2063 HOH HOH A . 
B 2 HOH 64 2064 2064 HOH HOH A . 
B 2 HOH 65 2065 2065 HOH HOH A . 
B 2 HOH 66 2066 2066 HOH HOH A . 
B 2 HOH 67 2067 2067 HOH HOH A . 
B 2 HOH 68 2068 2068 HOH HOH A . 
B 2 HOH 69 2069 2069 HOH HOH A . 
B 2 HOH 70 2070 2070 HOH HOH A . 
B 2 HOH 71 2071 2071 HOH HOH A . 
B 2 HOH 72 2072 2072 HOH HOH A . 
B 2 HOH 73 2073 2073 HOH HOH A . 
B 2 HOH 74 2074 2074 HOH HOH A . 
B 2 HOH 75 2075 2075 HOH HOH A . 
B 2 HOH 76 2076 2076 HOH HOH A . 
B 2 HOH 77 2077 2077 HOH HOH A . 
B 2 HOH 78 2078 2078 HOH HOH A . 
B 2 HOH 79 2079 2079 HOH HOH A . 
B 2 HOH 80 2080 2080 HOH HOH A . 
B 2 HOH 81 2081 2081 HOH HOH A . 
B 2 HOH 82 2082 2082 HOH HOH A . 
B 2 HOH 83 2083 2083 HOH HOH A . 
B 2 HOH 84 2084 2084 HOH HOH A . 
B 2 HOH 85 2085 2085 HOH HOH A . 
B 2 HOH 86 2086 2086 HOH HOH A . 
B 2 HOH 87 2087 2087 HOH HOH A . 
B 2 HOH 88 2088 2088 HOH HOH A . 
B 2 HOH 89 2089 2089 HOH HOH A . 
B 2 HOH 90 2090 2090 HOH HOH A . 
B 2 HOH 91 2091 2091 HOH HOH A . 
B 2 HOH 92 2092 2092 HOH HOH A . 
B 2 HOH 93 2093 2093 HOH HOH A . 
B 2 HOH 94 2094 2094 HOH HOH A . 
B 2 HOH 95 2095 2095 HOH HOH A . 
B 2 HOH 96 2096 2096 HOH HOH A . 
# 
_pdbx_struct_assembly.id                   1 
_pdbx_struct_assembly.details              author_and_software_defined_assembly 
_pdbx_struct_assembly.method_details       PQS 
_pdbx_struct_assembly.oligomeric_details   monomeric 
_pdbx_struct_assembly.oligomeric_count     1 
# 
_pdbx_struct_assembly_gen.assembly_id       1 
_pdbx_struct_assembly_gen.oper_expression   1 
_pdbx_struct_assembly_gen.asym_id_list      A,B 
# 
_pdbx_struct_oper_list.id                   1 
_pdbx_struct_oper_list.type                 'identity operation' 
_pdbx_struct_oper_list.name                 1_555 
_pdbx_struct_oper_list.symmetry_operation   x,y,z 
_pdbx_struct_oper_list.matrix[1][1]         1.0000000000 
_pdbx_struct_oper_list.matrix[1][2]         0.0000000000 
_pdbx_struct_oper_list.matrix[1][3]         0.0000000000 
_pdbx_struct_oper_list.vector[1]            0.0000000000 
_pdbx_struct_oper_list.matrix[2][1]         0.0000000000 
_pdbx_struct_oper_list.matrix[2][2]         1.0000000000 
_pdbx_struct_oper_list.matrix[2][3]         0.0000000000 
_pdbx_struct_oper_list.vector[2]            0.0000000000 
_pdbx_struct_oper_list.matrix[3][1]         0.0000000000 
_pdbx_struct_oper_list.matrix[3][2]         0.0000000000 
_pdbx_struct_oper_list.matrix[3][3]         1.0000000000 
_pdbx_struct_oper_list.vector[3]            0.0000000000 
# 
loop_
_pdbx_audit_revision_history.ordinal 
_pdbx_audit_revision_history.data_content_type 
_pdbx_audit_revision_history.major_revision 
_pdbx_audit_revision_history.minor_revision 
_pdbx_audit_revision_history.revision_date 
1 'Structure model' 1 0 2008-06-17 
2 'Structure model' 1 1 2011-05-08 
3 'Structure model' 1 2 2011-07-13 
4 'Structure model' 1 3 2023-12-13 
# 
_pdbx_audit_revision_details.ordinal             1 
_pdbx_audit_revision_details.revision_ordinal    1 
_pdbx_audit_revision_details.data_content_type   'Structure model' 
_pdbx_audit_revision_details.provider            repository 
_pdbx_audit_revision_details.type                'Initial release' 
_pdbx_audit_revision_details.description         ? 
_pdbx_audit_revision_details.details             ? 
# 
loop_
_pdbx_audit_revision_group.ordinal 
_pdbx_audit_revision_group.revision_ordinal 
_pdbx_audit_revision_group.data_content_type 
_pdbx_audit_revision_group.group 
1 2 'Structure model' 'Version format compliance' 
2 3 'Structure model' 'Version format compliance' 
3 4 'Structure model' 'Data collection'           
4 4 'Structure model' 'Database references'       
5 4 'Structure model' Other                       
6 4 'Structure model' 'Refinement description'    
# 
loop_
_pdbx_audit_revision_category.ordinal 
_pdbx_audit_revision_category.revision_ordinal 
_pdbx_audit_revision_category.data_content_type 
_pdbx_audit_revision_category.category 
1 4 'Structure model' chem_comp_atom                
2 4 'Structure model' chem_comp_bond                
3 4 'Structure model' database_2                    
4 4 'Structure model' pdbx_database_status          
5 4 'Structure model' pdbx_initial_refinement_model 
# 
loop_
_pdbx_audit_revision_item.ordinal 
_pdbx_audit_revision_item.revision_ordinal 
_pdbx_audit_revision_item.data_content_type 
_pdbx_audit_revision_item.item 
1 4 'Structure model' '_database_2.pdbx_DOI'                 
2 4 'Structure model' '_database_2.pdbx_database_accession'  
3 4 'Structure model' '_pdbx_database_status.status_code_sf' 
# 
loop_
_software.name 
_software.classification 
_software.version 
_software.citation_id 
_software.pdbx_ordinal 
REFMAC refinement       5.2.0019 ? 1 
XDS    'data reduction' .        ? 2 
XSCALE 'data scaling'   .        ? 3 
MOLREP phasing          .        ? 4 
# 
loop_
_pdbx_database_remark.id 
_pdbx_database_remark.text 
650 
;
HELIX
DETERMINATION METHOD: AUTHOR PROVIDED.
;
700 
;
SHEET
DETERMINATION METHOD: AUTHOR PROVIDED.
;
# 
_pdbx_entry_details.entry_id                 2VUP 
_pdbx_entry_details.compound_details         ? 
_pdbx_entry_details.source_details           ? 
_pdbx_entry_details.nonpolymer_details       ? 
_pdbx_entry_details.sequence_details         
;KYOTO ENCYCLOPEDIA OF GENES AND GENOMES (KEGG) DATABASE.
THE AUTHOR SUGGESTS THR78ASN A NATURAL VARIANT.
;
_pdbx_entry_details.has_ligand_of_interest   ? 
# 
_pdbx_validate_torsion.id              1 
_pdbx_validate_torsion.PDB_model_num   1 
_pdbx_validate_torsion.auth_comp_id    LYS 
_pdbx_validate_torsion.auth_asym_id    A 
_pdbx_validate_torsion.auth_seq_id     123 
_pdbx_validate_torsion.PDB_ins_code    ? 
_pdbx_validate_torsion.label_alt_id    ? 
_pdbx_validate_torsion.phi             57.83 
_pdbx_validate_torsion.psi             16.42 
# 
loop_
_pdbx_unobs_or_zero_occ_atoms.id 
_pdbx_unobs_or_zero_occ_atoms.PDB_model_num 
_pdbx_unobs_or_zero_occ_atoms.polymer_flag 
_pdbx_unobs_or_zero_occ_atoms.occupancy_flag 
_pdbx_unobs_or_zero_occ_atoms.auth_asym_id 
_pdbx_unobs_or_zero_occ_atoms.auth_comp_id 
_pdbx_unobs_or_zero_occ_atoms.auth_seq_id 
_pdbx_unobs_or_zero_occ_atoms.PDB_ins_code 
_pdbx_unobs_or_zero_occ_atoms.auth_atom_id 
_pdbx_unobs_or_zero_occ_atoms.label_alt_id 
_pdbx_unobs_or_zero_occ_atoms.label_asym_id 
_pdbx_unobs_or_zero_occ_atoms.label_comp_id 
_pdbx_unobs_or_zero_occ_atoms.label_seq_id 
_pdbx_unobs_or_zero_occ_atoms.label_atom_id 
1 1 Y 1 A THR 166 ? OG1 ? A THR 187 OG1 
2 1 Y 1 A THR 166 ? CG2 ? A THR 187 CG2 
# 
loop_
_pdbx_unobs_or_zero_occ_residues.id 
_pdbx_unobs_or_zero_occ_residues.PDB_model_num 
_pdbx_unobs_or_zero_occ_residues.polymer_flag 
_pdbx_unobs_or_zero_occ_residues.occupancy_flag 
_pdbx_unobs_or_zero_occ_residues.auth_asym_id 
_pdbx_unobs_or_zero_occ_residues.auth_comp_id 
_pdbx_unobs_or_zero_occ_residues.auth_seq_id 
_pdbx_unobs_or_zero_occ_residues.PDB_ins_code 
_pdbx_unobs_or_zero_occ_residues.label_asym_id 
_pdbx_unobs_or_zero_occ_residues.label_comp_id 
_pdbx_unobs_or_zero_occ_residues.label_seq_id 
1  1 Y 1 A MET -20 ? A MET 1   
2  1 Y 1 A GLY -19 ? A GLY 2   
3  1 Y 1 A SER -18 ? A SER 3   
4  1 Y 1 A SER -17 ? A SER 4   
5  1 Y 1 A HIS -16 ? A HIS 5   
6  1 Y 1 A HIS -15 ? A HIS 6   
7  1 Y 1 A HIS -14 ? A HIS 7   
8  1 Y 1 A HIS -13 ? A HIS 8   
9  1 Y 1 A HIS -12 ? A HIS 9   
10 1 Y 1 A HIS -11 ? A HIS 10  
11 1 Y 1 A SER -10 ? A SER 11  
12 1 Y 1 A SER -9  ? A SER 12  
13 1 Y 1 A GLY -8  ? A GLY 13  
14 1 Y 1 A LEU -7  ? A LEU 14  
15 1 Y 1 A VAL -6  ? A VAL 15  
16 1 Y 1 A PRO -5  ? A PRO 16  
17 1 Y 1 A ARG -4  ? A ARG 17  
18 1 Y 1 A GLY -3  ? A GLY 18  
19 1 Y 1 A GLY -2  ? A GLY 19  
20 1 Y 1 A SER -1  ? A SER 20  
21 1 Y 1 A HIS 0   ? A HIS 21  
22 1 Y 1 A MET 1   ? A MET 22  
23 1 Y 1 A SER 2   ? A SER 23  
24 1 Y 1 A GLN 167 ? A GLN 188 
25 1 Y 1 A SER 168 ? A SER 189 
26 1 Y 1 A ALA 169 ? A ALA 190 
# 
loop_
_chem_comp_atom.comp_id 
_chem_comp_atom.atom_id 
_chem_comp_atom.type_symbol 
_chem_comp_atom.pdbx_aromatic_flag 
_chem_comp_atom.pdbx_stereo_config 
_chem_comp_atom.pdbx_ordinal 
ALA N    N N N 1   
ALA CA   C N S 2   
ALA C    C N N 3   
ALA O    O N N 4   
ALA CB   C N N 5   
ALA OXT  O N N 6   
ALA H    H N N 7   
ALA H2   H N N 8   
ALA HA   H N N 9   
ALA HB1  H N N 10  
ALA HB2  H N N 11  
ALA HB3  H N N 12  
ALA HXT  H N N 13  
ARG N    N N N 14  
ARG CA   C N S 15  
ARG C    C N N 16  
ARG O    O N N 17  
ARG CB   C N N 18  
ARG CG   C N N 19  
ARG CD   C N N 20  
ARG NE   N N N 21  
ARG CZ   C N N 22  
ARG NH1  N N N 23  
ARG NH2  N N N 24  
ARG OXT  O N N 25  
ARG H    H N N 26  
ARG H2   H N N 27  
ARG HA   H N N 28  
ARG HB2  H N N 29  
ARG HB3  H N N 30  
ARG HG2  H N N 31  
ARG HG3  H N N 32  
ARG HD2  H N N 33  
ARG HD3  H N N 34  
ARG HE   H N N 35  
ARG HH11 H N N 36  
ARG HH12 H N N 37  
ARG HH21 H N N 38  
ARG HH22 H N N 39  
ARG HXT  H N N 40  
ASN N    N N N 41  
ASN CA   C N S 42  
ASN C    C N N 43  
ASN O    O N N 44  
ASN CB   C N N 45  
ASN CG   C N N 46  
ASN OD1  O N N 47  
ASN ND2  N N N 48  
ASN OXT  O N N 49  
ASN H    H N N 50  
ASN H2   H N N 51  
ASN HA   H N N 52  
ASN HB2  H N N 53  
ASN HB3  H N N 54  
ASN HD21 H N N 55  
ASN HD22 H N N 56  
ASN HXT  H N N 57  
ASP N    N N N 58  
ASP CA   C N S 59  
ASP C    C N N 60  
ASP O    O N N 61  
ASP CB   C N N 62  
ASP CG   C N N 63  
ASP OD1  O N N 64  
ASP OD2  O N N 65  
ASP OXT  O N N 66  
ASP H    H N N 67  
ASP H2   H N N 68  
ASP HA   H N N 69  
ASP HB2  H N N 70  
ASP HB3  H N N 71  
ASP HD2  H N N 72  
ASP HXT  H N N 73  
CYS N    N N N 74  
CYS CA   C N R 75  
CYS C    C N N 76  
CYS O    O N N 77  
CYS CB   C N N 78  
CYS SG   S N N 79  
CYS OXT  O N N 80  
CYS H    H N N 81  
CYS H2   H N N 82  
CYS HA   H N N 83  
CYS HB2  H N N 84  
CYS HB3  H N N 85  
CYS HG   H N N 86  
CYS HXT  H N N 87  
GLN N    N N N 88  
GLN CA   C N S 89  
GLN C    C N N 90  
GLN O    O N N 91  
GLN CB   C N N 92  
GLN CG   C N N 93  
GLN CD   C N N 94  
GLN OE1  O N N 95  
GLN NE2  N N N 96  
GLN OXT  O N N 97  
GLN H    H N N 98  
GLN H2   H N N 99  
GLN HA   H N N 100 
GLN HB2  H N N 101 
GLN HB3  H N N 102 
GLN HG2  H N N 103 
GLN HG3  H N N 104 
GLN HE21 H N N 105 
GLN HE22 H N N 106 
GLN HXT  H N N 107 
GLU N    N N N 108 
GLU CA   C N S 109 
GLU C    C N N 110 
GLU O    O N N 111 
GLU CB   C N N 112 
GLU CG   C N N 113 
GLU CD   C N N 114 
GLU OE1  O N N 115 
GLU OE2  O N N 116 
GLU OXT  O N N 117 
GLU H    H N N 118 
GLU H2   H N N 119 
GLU HA   H N N 120 
GLU HB2  H N N 121 
GLU HB3  H N N 122 
GLU HG2  H N N 123 
GLU HG3  H N N 124 
GLU HE2  H N N 125 
GLU HXT  H N N 126 
GLY N    N N N 127 
GLY CA   C N N 128 
GLY C    C N N 129 
GLY O    O N N 130 
GLY OXT  O N N 131 
GLY H    H N N 132 
GLY H2   H N N 133 
GLY HA2  H N N 134 
GLY HA3  H N N 135 
GLY HXT  H N N 136 
HIS N    N N N 137 
HIS CA   C N S 138 
HIS C    C N N 139 
HIS O    O N N 140 
HIS CB   C N N 141 
HIS CG   C Y N 142 
HIS ND1  N Y N 143 
HIS CD2  C Y N 144 
HIS CE1  C Y N 145 
HIS NE2  N Y N 146 
HIS OXT  O N N 147 
HIS H    H N N 148 
HIS H2   H N N 149 
HIS HA   H N N 150 
HIS HB2  H N N 151 
HIS HB3  H N N 152 
HIS HD1  H N N 153 
HIS HD2  H N N 154 
HIS HE1  H N N 155 
HIS HE2  H N N 156 
HIS HXT  H N N 157 
HOH O    O N N 158 
HOH H1   H N N 159 
HOH H2   H N N 160 
ILE N    N N N 161 
ILE CA   C N S 162 
ILE C    C N N 163 
ILE O    O N N 164 
ILE CB   C N S 165 
ILE CG1  C N N 166 
ILE CG2  C N N 167 
ILE CD1  C N N 168 
ILE OXT  O N N 169 
ILE H    H N N 170 
ILE H2   H N N 171 
ILE HA   H N N 172 
ILE HB   H N N 173 
ILE HG12 H N N 174 
ILE HG13 H N N 175 
ILE HG21 H N N 176 
ILE HG22 H N N 177 
ILE HG23 H N N 178 
ILE HD11 H N N 179 
ILE HD12 H N N 180 
ILE HD13 H N N 181 
ILE HXT  H N N 182 
LEU N    N N N 183 
LEU CA   C N S 184 
LEU C    C N N 185 
LEU O    O N N 186 
LEU CB   C N N 187 
LEU CG   C N N 188 
LEU CD1  C N N 189 
LEU CD2  C N N 190 
LEU OXT  O N N 191 
LEU H    H N N 192 
LEU H2   H N N 193 
LEU HA   H N N 194 
LEU HB2  H N N 195 
LEU HB3  H N N 196 
LEU HG   H N N 197 
LEU HD11 H N N 198 
LEU HD12 H N N 199 
LEU HD13 H N N 200 
LEU HD21 H N N 201 
LEU HD22 H N N 202 
LEU HD23 H N N 203 
LEU HXT  H N N 204 
LYS N    N N N 205 
LYS CA   C N S 206 
LYS C    C N N 207 
LYS O    O N N 208 
LYS CB   C N N 209 
LYS CG   C N N 210 
LYS CD   C N N 211 
LYS CE   C N N 212 
LYS NZ   N N N 213 
LYS OXT  O N N 214 
LYS H    H N N 215 
LYS H2   H N N 216 
LYS HA   H N N 217 
LYS HB2  H N N 218 
LYS HB3  H N N 219 
LYS HG2  H N N 220 
LYS HG3  H N N 221 
LYS HD2  H N N 222 
LYS HD3  H N N 223 
LYS HE2  H N N 224 
LYS HE3  H N N 225 
LYS HZ1  H N N 226 
LYS HZ2  H N N 227 
LYS HZ3  H N N 228 
LYS HXT  H N N 229 
MET N    N N N 230 
MET CA   C N S 231 
MET C    C N N 232 
MET O    O N N 233 
MET CB   C N N 234 
MET CG   C N N 235 
MET SD   S N N 236 
MET CE   C N N 237 
MET OXT  O N N 238 
MET H    H N N 239 
MET H2   H N N 240 
MET HA   H N N 241 
MET HB2  H N N 242 
MET HB3  H N N 243 
MET HG2  H N N 244 
MET HG3  H N N 245 
MET HE1  H N N 246 
MET HE2  H N N 247 
MET HE3  H N N 248 
MET HXT  H N N 249 
PHE N    N N N 250 
PHE CA   C N S 251 
PHE C    C N N 252 
PHE O    O N N 253 
PHE CB   C N N 254 
PHE CG   C Y N 255 
PHE CD1  C Y N 256 
PHE CD2  C Y N 257 
PHE CE1  C Y N 258 
PHE CE2  C Y N 259 
PHE CZ   C Y N 260 
PHE OXT  O N N 261 
PHE H    H N N 262 
PHE H2   H N N 263 
PHE HA   H N N 264 
PHE HB2  H N N 265 
PHE HB3  H N N 266 
PHE HD1  H N N 267 
PHE HD2  H N N 268 
PHE HE1  H N N 269 
PHE HE2  H N N 270 
PHE HZ   H N N 271 
PHE HXT  H N N 272 
PRO N    N N N 273 
PRO CA   C N S 274 
PRO C    C N N 275 
PRO O    O N N 276 
PRO CB   C N N 277 
PRO CG   C N N 278 
PRO CD   C N N 279 
PRO OXT  O N N 280 
PRO H    H N N 281 
PRO HA   H N N 282 
PRO HB2  H N N 283 
PRO HB3  H N N 284 
PRO HG2  H N N 285 
PRO HG3  H N N 286 
PRO HD2  H N N 287 
PRO HD3  H N N 288 
PRO HXT  H N N 289 
SER N    N N N 290 
SER CA   C N S 291 
SER C    C N N 292 
SER O    O N N 293 
SER CB   C N N 294 
SER OG   O N N 295 
SER OXT  O N N 296 
SER H    H N N 297 
SER H2   H N N 298 
SER HA   H N N 299 
SER HB2  H N N 300 
SER HB3  H N N 301 
SER HG   H N N 302 
SER HXT  H N N 303 
THR N    N N N 304 
THR CA   C N S 305 
THR C    C N N 306 
THR O    O N N 307 
THR CB   C N R 308 
THR OG1  O N N 309 
THR CG2  C N N 310 
THR OXT  O N N 311 
THR H    H N N 312 
THR H2   H N N 313 
THR HA   H N N 314 
THR HB   H N N 315 
THR HG1  H N N 316 
THR HG21 H N N 317 
THR HG22 H N N 318 
THR HG23 H N N 319 
THR HXT  H N N 320 
TRP N    N N N 321 
TRP CA   C N S 322 
TRP C    C N N 323 
TRP O    O N N 324 
TRP CB   C N N 325 
TRP CG   C Y N 326 
TRP CD1  C Y N 327 
TRP CD2  C Y N 328 
TRP NE1  N Y N 329 
TRP CE2  C Y N 330 
TRP CE3  C Y N 331 
TRP CZ2  C Y N 332 
TRP CZ3  C Y N 333 
TRP CH2  C Y N 334 
TRP OXT  O N N 335 
TRP H    H N N 336 
TRP H2   H N N 337 
TRP HA   H N N 338 
TRP HB2  H N N 339 
TRP HB3  H N N 340 
TRP HD1  H N N 341 
TRP HE1  H N N 342 
TRP HE3  H N N 343 
TRP HZ2  H N N 344 
TRP HZ3  H N N 345 
TRP HH2  H N N 346 
TRP HXT  H N N 347 
TYR N    N N N 348 
TYR CA   C N S 349 
TYR C    C N N 350 
TYR O    O N N 351 
TYR CB   C N N 352 
TYR CG   C Y N 353 
TYR CD1  C Y N 354 
TYR CD2  C Y N 355 
TYR CE1  C Y N 356 
TYR CE2  C Y N 357 
TYR CZ   C Y N 358 
TYR OH   O N N 359 
TYR OXT  O N N 360 
TYR H    H N N 361 
TYR H2   H N N 362 
TYR HA   H N N 363 
TYR HB2  H N N 364 
TYR HB3  H N N 365 
TYR HD1  H N N 366 
TYR HD2  H N N 367 
TYR HE1  H N N 368 
TYR HE2  H N N 369 
TYR HH   H N N 370 
TYR HXT  H N N 371 
VAL N    N N N 372 
VAL CA   C N S 373 
VAL C    C N N 374 
VAL O    O N N 375 
VAL CB   C N N 376 
VAL CG1  C N N 377 
VAL CG2  C N N 378 
VAL OXT  O N N 379 
VAL H    H N N 380 
VAL H2   H N N 381 
VAL HA   H N N 382 
VAL HB   H N N 383 
VAL HG11 H N N 384 
VAL HG12 H N N 385 
VAL HG13 H N N 386 
VAL HG21 H N N 387 
VAL HG22 H N N 388 
VAL HG23 H N N 389 
VAL HXT  H N N 390 
# 
loop_
_chem_comp_bond.comp_id 
_chem_comp_bond.atom_id_1 
_chem_comp_bond.atom_id_2 
_chem_comp_bond.value_order 
_chem_comp_bond.pdbx_aromatic_flag 
_chem_comp_bond.pdbx_stereo_config 
_chem_comp_bond.pdbx_ordinal 
ALA N   CA   sing N N 1   
ALA N   H    sing N N 2   
ALA N   H2   sing N N 3   
ALA CA  C    sing N N 4   
ALA CA  CB   sing N N 5   
ALA CA  HA   sing N N 6   
ALA C   O    doub N N 7   
ALA C   OXT  sing N N 8   
ALA CB  HB1  sing N N 9   
ALA CB  HB2  sing N N 10  
ALA CB  HB3  sing N N 11  
ALA OXT HXT  sing N N 12  
ARG N   CA   sing N N 13  
ARG N   H    sing N N 14  
ARG N   H2   sing N N 15  
ARG CA  C    sing N N 16  
ARG CA  CB   sing N N 17  
ARG CA  HA   sing N N 18  
ARG C   O    doub N N 19  
ARG C   OXT  sing N N 20  
ARG CB  CG   sing N N 21  
ARG CB  HB2  sing N N 22  
ARG CB  HB3  sing N N 23  
ARG CG  CD   sing N N 24  
ARG CG  HG2  sing N N 25  
ARG CG  HG3  sing N N 26  
ARG CD  NE   sing N N 27  
ARG CD  HD2  sing N N 28  
ARG CD  HD3  sing N N 29  
ARG NE  CZ   sing N N 30  
ARG NE  HE   sing N N 31  
ARG CZ  NH1  sing N N 32  
ARG CZ  NH2  doub N N 33  
ARG NH1 HH11 sing N N 34  
ARG NH1 HH12 sing N N 35  
ARG NH2 HH21 sing N N 36  
ARG NH2 HH22 sing N N 37  
ARG OXT HXT  sing N N 38  
ASN N   CA   sing N N 39  
ASN N   H    sing N N 40  
ASN N   H2   sing N N 41  
ASN CA  C    sing N N 42  
ASN CA  CB   sing N N 43  
ASN CA  HA   sing N N 44  
ASN C   O    doub N N 45  
ASN C   OXT  sing N N 46  
ASN CB  CG   sing N N 47  
ASN CB  HB2  sing N N 48  
ASN CB  HB3  sing N N 49  
ASN CG  OD1  doub N N 50  
ASN CG  ND2  sing N N 51  
ASN ND2 HD21 sing N N 52  
ASN ND2 HD22 sing N N 53  
ASN OXT HXT  sing N N 54  
ASP N   CA   sing N N 55  
ASP N   H    sing N N 56  
ASP N   H2   sing N N 57  
ASP CA  C    sing N N 58  
ASP CA  CB   sing N N 59  
ASP CA  HA   sing N N 60  
ASP C   O    doub N N 61  
ASP C   OXT  sing N N 62  
ASP CB  CG   sing N N 63  
ASP CB  HB2  sing N N 64  
ASP CB  HB3  sing N N 65  
ASP CG  OD1  doub N N 66  
ASP CG  OD2  sing N N 67  
ASP OD2 HD2  sing N N 68  
ASP OXT HXT  sing N N 69  
CYS N   CA   sing N N 70  
CYS N   H    sing N N 71  
CYS N   H2   sing N N 72  
CYS CA  C    sing N N 73  
CYS CA  CB   sing N N 74  
CYS CA  HA   sing N N 75  
CYS C   O    doub N N 76  
CYS C   OXT  sing N N 77  
CYS CB  SG   sing N N 78  
CYS CB  HB2  sing N N 79  
CYS CB  HB3  sing N N 80  
CYS SG  HG   sing N N 81  
CYS OXT HXT  sing N N 82  
GLN N   CA   sing N N 83  
GLN N   H    sing N N 84  
GLN N   H2   sing N N 85  
GLN CA  C    sing N N 86  
GLN CA  CB   sing N N 87  
GLN CA  HA   sing N N 88  
GLN C   O    doub N N 89  
GLN C   OXT  sing N N 90  
GLN CB  CG   sing N N 91  
GLN CB  HB2  sing N N 92  
GLN CB  HB3  sing N N 93  
GLN CG  CD   sing N N 94  
GLN CG  HG2  sing N N 95  
GLN CG  HG3  sing N N 96  
GLN CD  OE1  doub N N 97  
GLN CD  NE2  sing N N 98  
GLN NE2 HE21 sing N N 99  
GLN NE2 HE22 sing N N 100 
GLN OXT HXT  sing N N 101 
GLU N   CA   sing N N 102 
GLU N   H    sing N N 103 
GLU N   H2   sing N N 104 
GLU CA  C    sing N N 105 
GLU CA  CB   sing N N 106 
GLU CA  HA   sing N N 107 
GLU C   O    doub N N 108 
GLU C   OXT  sing N N 109 
GLU CB  CG   sing N N 110 
GLU CB  HB2  sing N N 111 
GLU CB  HB3  sing N N 112 
GLU CG  CD   sing N N 113 
GLU CG  HG2  sing N N 114 
GLU CG  HG3  sing N N 115 
GLU CD  OE1  doub N N 116 
GLU CD  OE2  sing N N 117 
GLU OE2 HE2  sing N N 118 
GLU OXT HXT  sing N N 119 
GLY N   CA   sing N N 120 
GLY N   H    sing N N 121 
GLY N   H2   sing N N 122 
GLY CA  C    sing N N 123 
GLY CA  HA2  sing N N 124 
GLY CA  HA3  sing N N 125 
GLY C   O    doub N N 126 
GLY C   OXT  sing N N 127 
GLY OXT HXT  sing N N 128 
HIS N   CA   sing N N 129 
HIS N   H    sing N N 130 
HIS N   H2   sing N N 131 
HIS CA  C    sing N N 132 
HIS CA  CB   sing N N 133 
HIS CA  HA   sing N N 134 
HIS C   O    doub N N 135 
HIS C   OXT  sing N N 136 
HIS CB  CG   sing N N 137 
HIS CB  HB2  sing N N 138 
HIS CB  HB3  sing N N 139 
HIS CG  ND1  sing Y N 140 
HIS CG  CD2  doub Y N 141 
HIS ND1 CE1  doub Y N 142 
HIS ND1 HD1  sing N N 143 
HIS CD2 NE2  sing Y N 144 
HIS CD2 HD2  sing N N 145 
HIS CE1 NE2  sing Y N 146 
HIS CE1 HE1  sing N N 147 
HIS NE2 HE2  sing N N 148 
HIS OXT HXT  sing N N 149 
HOH O   H1   sing N N 150 
HOH O   H2   sing N N 151 
ILE N   CA   sing N N 152 
ILE N   H    sing N N 153 
ILE N   H2   sing N N 154 
ILE CA  C    sing N N 155 
ILE CA  CB   sing N N 156 
ILE CA  HA   sing N N 157 
ILE C   O    doub N N 158 
ILE C   OXT  sing N N 159 
ILE CB  CG1  sing N N 160 
ILE CB  CG2  sing N N 161 
ILE CB  HB   sing N N 162 
ILE CG1 CD1  sing N N 163 
ILE CG1 HG12 sing N N 164 
ILE CG1 HG13 sing N N 165 
ILE CG2 HG21 sing N N 166 
ILE CG2 HG22 sing N N 167 
ILE CG2 HG23 sing N N 168 
ILE CD1 HD11 sing N N 169 
ILE CD1 HD12 sing N N 170 
ILE CD1 HD13 sing N N 171 
ILE OXT HXT  sing N N 172 
LEU N   CA   sing N N 173 
LEU N   H    sing N N 174 
LEU N   H2   sing N N 175 
LEU CA  C    sing N N 176 
LEU CA  CB   sing N N 177 
LEU CA  HA   sing N N 178 
LEU C   O    doub N N 179 
LEU C   OXT  sing N N 180 
LEU CB  CG   sing N N 181 
LEU CB  HB2  sing N N 182 
LEU CB  HB3  sing N N 183 
LEU CG  CD1  sing N N 184 
LEU CG  CD2  sing N N 185 
LEU CG  HG   sing N N 186 
LEU CD1 HD11 sing N N 187 
LEU CD1 HD12 sing N N 188 
LEU CD1 HD13 sing N N 189 
LEU CD2 HD21 sing N N 190 
LEU CD2 HD22 sing N N 191 
LEU CD2 HD23 sing N N 192 
LEU OXT HXT  sing N N 193 
LYS N   CA   sing N N 194 
LYS N   H    sing N N 195 
LYS N   H2   sing N N 196 
LYS CA  C    sing N N 197 
LYS CA  CB   sing N N 198 
LYS CA  HA   sing N N 199 
LYS C   O    doub N N 200 
LYS C   OXT  sing N N 201 
LYS CB  CG   sing N N 202 
LYS CB  HB2  sing N N 203 
LYS CB  HB3  sing N N 204 
LYS CG  CD   sing N N 205 
LYS CG  HG2  sing N N 206 
LYS CG  HG3  sing N N 207 
LYS CD  CE   sing N N 208 
LYS CD  HD2  sing N N 209 
LYS CD  HD3  sing N N 210 
LYS CE  NZ   sing N N 211 
LYS CE  HE2  sing N N 212 
LYS CE  HE3  sing N N 213 
LYS NZ  HZ1  sing N N 214 
LYS NZ  HZ2  sing N N 215 
LYS NZ  HZ3  sing N N 216 
LYS OXT HXT  sing N N 217 
MET N   CA   sing N N 218 
MET N   H    sing N N 219 
MET N   H2   sing N N 220 
MET CA  C    sing N N 221 
MET CA  CB   sing N N 222 
MET CA  HA   sing N N 223 
MET C   O    doub N N 224 
MET C   OXT  sing N N 225 
MET CB  CG   sing N N 226 
MET CB  HB2  sing N N 227 
MET CB  HB3  sing N N 228 
MET CG  SD   sing N N 229 
MET CG  HG2  sing N N 230 
MET CG  HG3  sing N N 231 
MET SD  CE   sing N N 232 
MET CE  HE1  sing N N 233 
MET CE  HE2  sing N N 234 
MET CE  HE3  sing N N 235 
MET OXT HXT  sing N N 236 
PHE N   CA   sing N N 237 
PHE N   H    sing N N 238 
PHE N   H2   sing N N 239 
PHE CA  C    sing N N 240 
PHE CA  CB   sing N N 241 
PHE CA  HA   sing N N 242 
PHE C   O    doub N N 243 
PHE C   OXT  sing N N 244 
PHE CB  CG   sing N N 245 
PHE CB  HB2  sing N N 246 
PHE CB  HB3  sing N N 247 
PHE CG  CD1  doub Y N 248 
PHE CG  CD2  sing Y N 249 
PHE CD1 CE1  sing Y N 250 
PHE CD1 HD1  sing N N 251 
PHE CD2 CE2  doub Y N 252 
PHE CD2 HD2  sing N N 253 
PHE CE1 CZ   doub Y N 254 
PHE CE1 HE1  sing N N 255 
PHE CE2 CZ   sing Y N 256 
PHE CE2 HE2  sing N N 257 
PHE CZ  HZ   sing N N 258 
PHE OXT HXT  sing N N 259 
PRO N   CA   sing N N 260 
PRO N   CD   sing N N 261 
PRO N   H    sing N N 262 
PRO CA  C    sing N N 263 
PRO CA  CB   sing N N 264 
PRO CA  HA   sing N N 265 
PRO C   O    doub N N 266 
PRO C   OXT  sing N N 267 
PRO CB  CG   sing N N 268 
PRO CB  HB2  sing N N 269 
PRO CB  HB3  sing N N 270 
PRO CG  CD   sing N N 271 
PRO CG  HG2  sing N N 272 
PRO CG  HG3  sing N N 273 
PRO CD  HD2  sing N N 274 
PRO CD  HD3  sing N N 275 
PRO OXT HXT  sing N N 276 
SER N   CA   sing N N 277 
SER N   H    sing N N 278 
SER N   H2   sing N N 279 
SER CA  C    sing N N 280 
SER CA  CB   sing N N 281 
SER CA  HA   sing N N 282 
SER C   O    doub N N 283 
SER C   OXT  sing N N 284 
SER CB  OG   sing N N 285 
SER CB  HB2  sing N N 286 
SER CB  HB3  sing N N 287 
SER OG  HG   sing N N 288 
SER OXT HXT  sing N N 289 
THR N   CA   sing N N 290 
THR N   H    sing N N 291 
THR N   H2   sing N N 292 
THR CA  C    sing N N 293 
THR CA  CB   sing N N 294 
THR CA  HA   sing N N 295 
THR C   O    doub N N 296 
THR C   OXT  sing N N 297 
THR CB  OG1  sing N N 298 
THR CB  CG2  sing N N 299 
THR CB  HB   sing N N 300 
THR OG1 HG1  sing N N 301 
THR CG2 HG21 sing N N 302 
THR CG2 HG22 sing N N 303 
THR CG2 HG23 sing N N 304 
THR OXT HXT  sing N N 305 
TRP N   CA   sing N N 306 
TRP N   H    sing N N 307 
TRP N   H2   sing N N 308 
TRP CA  C    sing N N 309 
TRP CA  CB   sing N N 310 
TRP CA  HA   sing N N 311 
TRP C   O    doub N N 312 
TRP C   OXT  sing N N 313 
TRP CB  CG   sing N N 314 
TRP CB  HB2  sing N N 315 
TRP CB  HB3  sing N N 316 
TRP CG  CD1  doub Y N 317 
TRP CG  CD2  sing Y N 318 
TRP CD1 NE1  sing Y N 319 
TRP CD1 HD1  sing N N 320 
TRP CD2 CE2  doub Y N 321 
TRP CD2 CE3  sing Y N 322 
TRP NE1 CE2  sing Y N 323 
TRP NE1 HE1  sing N N 324 
TRP CE2 CZ2  sing Y N 325 
TRP CE3 CZ3  doub Y N 326 
TRP CE3 HE3  sing N N 327 
TRP CZ2 CH2  doub Y N 328 
TRP CZ2 HZ2  sing N N 329 
TRP CZ3 CH2  sing Y N 330 
TRP CZ3 HZ3  sing N N 331 
TRP CH2 HH2  sing N N 332 
TRP OXT HXT  sing N N 333 
TYR N   CA   sing N N 334 
TYR N   H    sing N N 335 
TYR N   H2   sing N N 336 
TYR CA  C    sing N N 337 
TYR CA  CB   sing N N 338 
TYR CA  HA   sing N N 339 
TYR C   O    doub N N 340 
TYR C   OXT  sing N N 341 
TYR CB  CG   sing N N 342 
TYR CB  HB2  sing N N 343 
TYR CB  HB3  sing N N 344 
TYR CG  CD1  doub Y N 345 
TYR CG  CD2  sing Y N 346 
TYR CD1 CE1  sing Y N 347 
TYR CD1 HD1  sing N N 348 
TYR CD2 CE2  doub Y N 349 
TYR CD2 HD2  sing N N 350 
TYR CE1 CZ   doub Y N 351 
TYR CE1 HE1  sing N N 352 
TYR CE2 CZ   sing Y N 353 
TYR CE2 HE2  sing N N 354 
TYR CZ  OH   sing N N 355 
TYR OH  HH   sing N N 356 
TYR OXT HXT  sing N N 357 
VAL N   CA   sing N N 358 
VAL N   H    sing N N 359 
VAL N   H2   sing N N 360 
VAL CA  C    sing N N 361 
VAL CA  CB   sing N N 362 
VAL CA  HA   sing N N 363 
VAL C   O    doub N N 364 
VAL C   OXT  sing N N 365 
VAL CB  CG1  sing N N 366 
VAL CB  CG2  sing N N 367 
VAL CB  HB   sing N N 368 
VAL CG1 HG11 sing N N 369 
VAL CG1 HG12 sing N N 370 
VAL CG1 HG13 sing N N 371 
VAL CG2 HG21 sing N N 372 
VAL CG2 HG22 sing N N 373 
VAL CG2 HG23 sing N N 374 
VAL OXT HXT  sing N N 375 
# 
_pdbx_entity_nonpoly.entity_id   2 
_pdbx_entity_nonpoly.name        water 
_pdbx_entity_nonpoly.comp_id     HOH 
# 
_pdbx_initial_refinement_model.id               1 
_pdbx_initial_refinement_model.entity_id_list   ? 
_pdbx_initial_refinement_model.type             'experimental model' 
_pdbx_initial_refinement_model.source_name      PDB 
_pdbx_initial_refinement_model.accession_code   2P5Q 
_pdbx_initial_refinement_model.details          'PDB ENTRY 2P5Q' 
# 
